data_3E6Q
#
_entry.id   3E6Q
#
_cell.length_a   172.796
_cell.length_b   145.243
_cell.length_c   122.252
_cell.angle_alpha   90.000
_cell.angle_beta   134.910
_cell.angle_gamma   90.000
#
_symmetry.space_group_name_H-M   'C 1 2 1'
#
loop_
_entity.id
_entity.type
_entity.pdbx_description
1 polymer 'putative 5-carboxymethyl-2-hydroxymuconate isomerase'
2 non-polymer 1,2-ETHANEDIOL
3 non-polymer 'FORMIC ACID'
4 non-polymer 'ACETATE ION'
5 non-polymer 'SODIUM ION'
6 non-polymer GLYCEROL
7 non-polymer IMIDAZOLE
8 water water
#
_entity_poly.entity_id   1
_entity_poly.type   'polypeptide(L)'
_entity_poly.pdbx_seq_one_letter_code
;(MSE)GSSHHHHHHSSGRENLYFQG(MSE)PHLVIEATANLRLETSPGELLEQANAALFASGQFGEADIKSRFVTLEAYR
QGTAAVERAYLHACLSILDGRDAATRQALGESLCEVLAGAVAGGGEEGVQVSVEVRE(MSE)ERASYAKRVVARQRGS
;
_entity_poly.pdbx_strand_id   A,B,C,D,E,F,G,H,I,J,K,L
#
loop_
_chem_comp.id
_chem_comp.type
_chem_comp.name
_chem_comp.formula
ACT non-polymer 'ACETATE ION' 'C2 H3 O2 -1'
EDO non-polymer 1,2-ETHANEDIOL 'C2 H6 O2'
FMT non-polymer 'FORMIC ACID' 'C H2 O2'
GOL non-polymer GLYCEROL 'C3 H8 O3'
IMD non-polymer IMIDAZOLE 'C3 H5 N2 1'
NA non-polymer 'SODIUM ION' 'Na 1'
#
# COMPACT_ATOMS: atom_id res chain seq x y z
N LEU A 17 -8.92 29.19 5.65
CA LEU A 17 -9.23 29.65 4.27
C LEU A 17 -8.90 28.53 3.26
N TYR A 18 -9.97 28.06 2.61
CA TYR A 18 -9.83 27.12 1.49
CA TYR A 18 -9.81 27.14 1.49
C TYR A 18 -9.89 27.95 0.23
N PHE A 19 -8.91 27.78 -0.64
CA PHE A 19 -8.88 28.54 -1.86
C PHE A 19 -8.19 27.73 -2.95
N GLN A 20 -8.56 28.00 -4.19
CA GLN A 20 -8.00 27.23 -5.31
C GLN A 20 -6.57 27.62 -5.58
N GLY A 21 -6.26 28.92 -5.50
CA GLY A 21 -4.88 29.40 -5.78
C GLY A 21 -4.48 29.33 -7.25
N MSE A 22 -5.47 29.16 -8.12
CA MSE A 22 -5.32 29.06 -9.59
C MSE A 22 -6.74 29.29 -10.14
O MSE A 22 -7.71 29.16 -9.38
CB MSE A 22 -4.74 27.66 -9.92
CG MSE A 22 -5.70 26.51 -9.58
SE MSE A 22 -6.93 26.06 -11.09
CE MSE A 22 -8.64 25.90 -10.07
N PRO A 23 -6.90 29.50 -11.43
CA PRO A 23 -5.88 29.30 -12.50
C PRO A 23 -4.84 30.44 -12.71
N HIS A 24 -3.79 30.10 -13.46
CA HIS A 24 -2.80 31.07 -13.92
C HIS A 24 -2.98 31.26 -15.40
N LEU A 25 -3.06 32.51 -15.84
CA LEU A 25 -3.22 32.79 -17.26
C LEU A 25 -2.12 33.76 -17.69
N VAL A 26 -1.36 33.35 -18.71
CA VAL A 26 -0.31 34.21 -19.27
C VAL A 26 -0.64 34.51 -20.73
N ILE A 27 -0.79 35.80 -21.05
CA ILE A 27 -1.03 36.28 -22.41
C ILE A 27 0.25 36.94 -22.90
N GLU A 28 0.68 36.54 -24.10
CA GLU A 28 1.87 37.05 -24.76
C GLU A 28 1.43 37.65 -26.09
N ALA A 29 1.85 38.87 -26.36
CA ALA A 29 1.53 39.60 -27.59
C ALA A 29 2.84 40.12 -28.20
N THR A 30 3.05 39.91 -29.49
CA THR A 30 4.19 40.49 -30.13
C THR A 30 4.08 42.06 -30.03
N ALA A 31 5.23 42.72 -29.96
CA ALA A 31 5.27 44.18 -29.74
C ALA A 31 4.61 45.02 -30.83
N ASN A 32 4.53 44.46 -32.05
CA ASN A 32 3.83 45.09 -33.19
C ASN A 32 2.33 44.92 -33.25
N LEU A 33 1.77 44.17 -32.28
CA LEU A 33 0.34 43.92 -32.26
C LEU A 33 -0.43 45.09 -31.68
N ARG A 34 -1.43 45.54 -32.42
CA ARG A 34 -2.36 46.58 -31.97
C ARG A 34 -3.59 45.89 -31.46
N LEU A 35 -4.07 46.31 -30.29
CA LEU A 35 -5.30 45.77 -29.65
C LEU A 35 -6.35 46.84 -29.59
N GLU A 36 -7.60 46.41 -29.47
CA GLU A 36 -8.72 47.33 -29.26
C GLU A 36 -8.83 47.79 -27.82
N THR A 37 -8.14 47.11 -26.92
CA THR A 37 -8.27 47.41 -25.51
C THR A 37 -6.87 47.55 -24.93
N SER A 38 -6.76 48.18 -23.77
CA SER A 38 -5.51 48.14 -23.05
C SER A 38 -5.21 46.68 -22.65
N PRO A 39 -3.94 46.39 -22.33
CA PRO A 39 -3.63 45.06 -21.72
C PRO A 39 -4.47 44.77 -20.48
N GLY A 40 -4.66 45.78 -19.66
CA GLY A 40 -5.39 45.62 -18.41
C GLY A 40 -6.85 45.28 -18.69
N GLU A 41 -7.46 45.94 -19.67
CA GLU A 41 -8.82 45.63 -20.10
CA GLU A 41 -8.85 45.62 -20.00
C GLU A 41 -8.96 44.24 -20.69
N LEU A 42 -7.97 43.83 -21.49
CA LEU A 42 -7.95 42.48 -22.01
C LEU A 42 -7.88 41.44 -20.86
N LEU A 43 -7.04 41.70 -19.86
CA LEU A 43 -6.98 40.82 -18.66
C LEU A 43 -8.32 40.78 -17.94
N GLU A 44 -8.96 41.93 -17.77
CA GLU A 44 -10.27 41.99 -17.14
CA GLU A 44 -10.27 41.99 -17.13
C GLU A 44 -11.29 41.16 -17.90
N GLN A 45 -11.28 41.26 -19.23
CA GLN A 45 -12.24 40.49 -20.02
C GLN A 45 -11.97 38.99 -19.93
N ALA A 46 -10.68 38.63 -19.93
CA ALA A 46 -10.27 37.22 -19.82
C ALA A 46 -10.72 36.66 -18.46
N ASN A 47 -10.44 37.41 -17.39
CA ASN A 47 -10.82 36.96 -16.05
C ASN A 47 -12.32 36.81 -15.92
N ALA A 48 -13.06 37.78 -16.49
CA ALA A 48 -14.54 37.73 -16.52
C ALA A 48 -15.05 36.45 -17.21
N ALA A 49 -14.43 36.12 -18.35
CA ALA A 49 -14.77 34.94 -19.12
C ALA A 49 -14.47 33.67 -18.33
N LEU A 50 -13.32 33.64 -17.67
CA LEU A 50 -12.97 32.52 -16.81
C LEU A 50 -13.95 32.38 -15.63
N PHE A 51 -14.22 33.49 -14.94
CA PHE A 51 -15.16 33.47 -13.80
C PHE A 51 -16.59 33.06 -14.22
N ALA A 52 -17.00 33.49 -15.42
CA ALA A 52 -18.30 33.11 -15.99
C ALA A 52 -18.44 31.60 -16.25
N SER A 53 -17.32 30.86 -16.36
CA SER A 53 -17.33 29.41 -16.52
C SER A 53 -18.00 28.66 -15.33
N GLY A 54 -17.98 29.29 -14.16
CA GLY A 54 -18.36 28.70 -12.91
C GLY A 54 -17.42 27.69 -12.32
N GLN A 55 -16.20 27.58 -12.85
CA GLN A 55 -15.20 26.59 -12.41
C GLN A 55 -14.19 27.15 -11.41
N PHE A 56 -14.17 28.47 -11.18
CA PHE A 56 -13.11 29.10 -10.40
C PHE A 56 -13.61 30.10 -9.36
N GLY A 57 -12.88 30.20 -8.27
CA GLY A 57 -13.15 31.19 -7.27
C GLY A 57 -12.75 32.54 -7.86
N GLU A 58 -13.46 33.59 -7.47
CA GLU A 58 -13.23 34.91 -8.03
C GLU A 58 -11.78 35.38 -7.82
N ALA A 59 -11.28 35.29 -6.60
CA ALA A 59 -9.94 35.83 -6.26
C ALA A 59 -8.79 34.91 -6.68
N ASP A 60 -9.12 33.74 -7.19
CA ASP A 60 -8.12 32.73 -7.50
C ASP A 60 -7.58 32.86 -8.92
N ILE A 61 -8.32 33.57 -9.76
CA ILE A 61 -7.92 33.73 -11.18
C ILE A 61 -6.82 34.77 -11.28
N LYS A 62 -5.62 34.35 -11.67
CA LYS A 62 -4.45 35.23 -11.66
C LYS A 62 -3.84 35.32 -13.05
N SER A 63 -3.95 36.51 -13.65
CA SER A 63 -3.58 36.69 -15.05
CA SER A 63 -3.60 36.69 -15.05
C SER A 63 -2.54 37.77 -15.23
N ARG A 64 -1.73 37.61 -16.25
CA ARG A 64 -0.70 38.61 -16.59
C ARG A 64 -0.51 38.65 -18.10
N PHE A 65 -0.13 39.83 -18.56
CA PHE A 65 0.08 40.12 -19.97
C PHE A 65 1.53 40.58 -20.16
N VAL A 66 2.21 39.99 -21.14
CA VAL A 66 3.56 40.39 -21.49
CA VAL A 66 3.56 40.44 -21.51
C VAL A 66 3.67 40.71 -23.01
N THR A 67 4.39 41.78 -23.31
CA THR A 67 4.73 42.15 -24.67
C THR A 67 6.06 41.49 -25.00
N LEU A 68 6.09 40.79 -26.11
CA LEU A 68 7.32 40.18 -26.64
C LEU A 68 8.07 41.19 -27.49
N GLU A 69 9.22 41.64 -26.99
CA GLU A 69 10.01 42.65 -27.69
C GLU A 69 10.85 42.06 -28.80
N ALA A 70 11.14 40.76 -28.74
CA ALA A 70 11.99 40.14 -29.74
C ALA A 70 11.34 38.83 -30.20
N TYR A 71 10.84 38.83 -31.42
CA TYR A 71 9.95 37.74 -31.87
C TYR A 71 10.18 37.54 -33.35
N ARG A 72 9.85 36.33 -33.79
CA ARG A 72 9.80 36.07 -35.23
C ARG A 72 8.86 34.90 -35.52
N GLN A 73 7.98 35.11 -36.47
CA GLN A 73 7.05 34.11 -36.96
C GLN A 73 7.52 33.64 -38.34
N GLY A 74 7.92 32.38 -38.38
CA GLY A 74 8.44 31.79 -39.58
C GLY A 74 9.80 32.30 -40.01
N THR A 75 10.05 32.17 -41.31
CA THR A 75 11.31 32.61 -41.89
C THR A 75 11.11 33.69 -42.97
N ALA A 76 9.94 33.73 -43.60
CA ALA A 76 9.70 34.66 -44.71
C ALA A 76 9.83 36.11 -44.29
N ALA A 77 10.25 36.96 -45.24
CA ALA A 77 10.44 38.40 -44.99
C ALA A 77 9.09 39.12 -45.08
N VAL A 78 8.24 38.83 -44.10
CA VAL A 78 6.85 39.28 -44.04
C VAL A 78 6.66 39.75 -42.61
N GLU A 79 6.09 40.93 -42.43
CA GLU A 79 5.78 41.45 -41.10
CA GLU A 79 5.81 41.43 -41.09
C GLU A 79 4.57 40.72 -40.56
N ARG A 80 4.71 40.15 -39.38
CA ARG A 80 3.65 39.34 -38.80
C ARG A 80 3.58 39.61 -37.31
N ALA A 81 2.36 39.50 -36.79
CA ALA A 81 2.09 39.66 -35.35
C ALA A 81 1.29 38.45 -34.90
N TYR A 82 1.43 38.10 -33.62
CA TYR A 82 0.72 37.00 -33.08
C TYR A 82 0.42 37.24 -31.60
N LEU A 83 -0.59 36.52 -31.12
CA LEU A 83 -1.14 36.64 -29.77
C LEU A 83 -1.40 35.20 -29.26
N HIS A 84 -0.87 34.92 -28.07
CA HIS A 84 -0.95 33.58 -27.45
C HIS A 84 -1.27 33.64 -25.97
N ALA A 85 -2.08 32.71 -25.50
CA ALA A 85 -2.32 32.56 -24.08
C ALA A 85 -2.07 31.12 -23.66
N CYS A 86 -1.63 30.98 -22.42
CA CYS A 86 -1.44 29.67 -21.80
C CYS A 86 -2.21 29.74 -20.47
N LEU A 87 -3.29 28.99 -20.41
CA LEU A 87 -4.09 28.82 -19.21
C LEU A 87 -3.63 27.56 -18.49
N SER A 88 -3.23 27.72 -17.24
CA SER A 88 -2.81 26.57 -16.41
C SER A 88 -3.80 26.35 -15.31
N ILE A 89 -4.37 25.13 -15.32
CA ILE A 89 -5.33 24.71 -14.31
C ILE A 89 -4.82 23.46 -13.58
N LEU A 90 -5.44 23.09 -12.47
CA LEU A 90 -5.08 21.87 -11.77
C LEU A 90 -5.50 20.66 -12.61
N ASP A 91 -4.67 19.64 -12.56
CA ASP A 91 -5.02 18.38 -13.22
C ASP A 91 -6.30 17.78 -12.62
N GLY A 92 -6.93 16.94 -13.43
CA GLY A 92 -8.04 16.09 -13.03
C GLY A 92 -9.35 16.40 -13.73
N ARG A 93 -9.43 17.51 -14.48
CA ARG A 93 -10.63 17.79 -15.26
C ARG A 93 -10.65 16.98 -16.54
N ASP A 94 -11.83 16.87 -17.15
CA ASP A 94 -11.96 16.07 -18.38
C ASP A 94 -11.66 16.92 -19.59
N ALA A 95 -11.60 16.24 -20.75
CA ALA A 95 -11.20 16.86 -21.99
C ALA A 95 -12.14 18.00 -22.39
N ALA A 96 -13.44 17.77 -22.20
CA ALA A 96 -14.49 18.73 -22.58
C ALA A 96 -14.32 20.07 -21.84
N THR A 97 -14.02 19.93 -20.55
CA THR A 97 -13.80 21.09 -19.67
C THR A 97 -12.63 21.93 -20.21
N ARG A 98 -11.50 21.29 -20.43
CA ARG A 98 -10.31 21.94 -20.92
CA ARG A 98 -10.32 22.00 -20.92
C ARG A 98 -10.57 22.63 -22.28
N GLN A 99 -11.21 21.92 -23.20
CA GLN A 99 -11.51 22.44 -24.51
CA GLN A 99 -11.50 22.46 -24.52
C GLN A 99 -12.40 23.70 -24.41
N ALA A 100 -13.42 23.63 -23.56
CA ALA A 100 -14.36 24.74 -23.44
C ALA A 100 -13.68 25.98 -22.91
N LEU A 101 -12.82 25.79 -21.93
CA LEU A 101 -12.06 26.94 -21.34
C LEU A 101 -11.19 27.61 -22.40
N GLY A 102 -10.52 26.80 -23.21
CA GLY A 102 -9.62 27.32 -24.23
C GLY A 102 -10.41 28.11 -25.28
N GLU A 103 -11.54 27.55 -25.71
CA GLU A 103 -12.40 28.22 -26.69
CA GLU A 103 -12.34 28.24 -26.70
C GLU A 103 -12.90 29.57 -26.18
N SER A 104 -13.34 29.60 -24.93
CA SER A 104 -13.81 30.84 -24.32
CA SER A 104 -13.84 30.85 -24.34
C SER A 104 -12.74 31.95 -24.33
N LEU A 105 -11.52 31.59 -23.96
CA LEU A 105 -10.45 32.55 -23.97
C LEU A 105 -10.06 32.97 -25.37
N CYS A 106 -10.08 32.03 -26.30
CA CYS A 106 -9.71 32.32 -27.69
C CYS A 106 -10.65 33.36 -28.30
N GLU A 107 -11.95 33.26 -27.96
CA GLU A 107 -12.93 34.26 -28.41
CA GLU A 107 -12.96 34.25 -28.36
C GLU A 107 -12.62 35.66 -27.84
N VAL A 108 -12.29 35.72 -26.55
CA VAL A 108 -11.92 36.99 -25.95
C VAL A 108 -10.67 37.61 -26.64
N LEU A 109 -9.60 36.81 -26.75
CA LEU A 109 -8.36 37.25 -27.35
CA LEU A 109 -8.37 37.29 -27.34
C LEU A 109 -8.58 37.72 -28.79
N ALA A 110 -9.27 36.90 -29.59
CA ALA A 110 -9.47 37.22 -31.01
C ALA A 110 -10.26 38.55 -31.15
N GLY A 111 -11.24 38.72 -30.26
CA GLY A 111 -12.06 39.94 -30.20
C GLY A 111 -11.27 41.22 -29.92
N ALA A 112 -10.14 41.07 -29.23
CA ALA A 112 -9.31 42.18 -28.79
C ALA A 112 -8.32 42.67 -29.85
N VAL A 113 -8.13 41.88 -30.90
CA VAL A 113 -7.12 42.19 -31.91
C VAL A 113 -7.63 43.33 -32.81
N ALA A 114 -6.81 44.37 -32.96
CA ALA A 114 -7.07 45.42 -33.94
C ALA A 114 -6.34 45.01 -35.21
N GLY A 115 -5.05 44.69 -35.13
CA GLY A 115 -4.23 44.33 -36.28
C GLY A 115 -2.75 44.37 -35.97
N GLY A 116 -1.91 43.81 -36.85
CA GLY A 116 -0.49 43.91 -36.66
C GLY A 116 0.18 43.28 -37.85
N GLY A 117 1.37 43.78 -38.21
CA GLY A 117 2.09 43.27 -39.36
C GLY A 117 1.37 43.54 -40.65
N GLU A 118 1.64 42.74 -41.67
CA GLU A 118 1.10 43.00 -42.99
C GLU A 118 0.09 41.95 -43.42
N GLU A 119 -0.21 41.00 -42.51
CA GLU A 119 -1.21 39.99 -42.81
C GLU A 119 -2.06 39.68 -41.58
N GLY A 120 -2.81 38.58 -41.62
CA GLY A 120 -3.72 38.19 -40.50
C GLY A 120 -2.92 37.91 -39.23
N VAL A 121 -3.59 37.88 -38.09
CA VAL A 121 -2.92 37.72 -36.80
C VAL A 121 -3.36 36.33 -36.29
N GLN A 122 -2.39 35.45 -36.07
CA GLN A 122 -2.68 34.17 -35.44
C GLN A 122 -2.87 34.35 -33.93
N VAL A 123 -4.00 33.86 -33.44
CA VAL A 123 -4.37 33.85 -32.01
C VAL A 123 -4.41 32.41 -31.59
N SER A 124 -3.78 32.07 -30.46
CA SER A 124 -3.86 30.69 -29.94
C SER A 124 -3.99 30.68 -28.44
N VAL A 125 -4.56 29.60 -27.93
CA VAL A 125 -4.69 29.35 -26.49
C VAL A 125 -4.38 27.88 -26.21
N GLU A 126 -3.43 27.64 -25.29
CA GLU A 126 -3.13 26.32 -24.78
C GLU A 126 -3.83 26.27 -23.44
N VAL A 127 -4.44 25.13 -23.12
CA VAL A 127 -4.87 24.84 -21.75
C VAL A 127 -3.99 23.66 -21.22
N ARG A 128 -3.21 23.92 -20.21
CA ARG A 128 -2.32 22.92 -19.62
C ARG A 128 -2.66 22.62 -18.16
N GLU A 129 -2.14 21.52 -17.67
CA GLU A 129 -2.47 21.04 -16.34
C GLU A 129 -1.23 21.05 -15.40
N MSE A 130 -1.47 21.45 -14.16
CA MSE A 130 -0.49 21.45 -13.10
C MSE A 130 -0.81 20.30 -12.14
O MSE A 130 -1.97 20.00 -11.90
CB MSE A 130 -0.59 22.76 -12.33
CG MSE A 130 -0.45 24.00 -13.22
SE MSE A 130 -0.33 25.63 -12.20
CE MSE A 130 -2.16 25.65 -11.50
N GLU A 131 0.23 19.65 -11.63
CA GLU A 131 0.03 18.49 -10.74
C GLU A 131 -0.47 19.00 -9.41
N ARG A 132 -1.72 18.68 -9.08
CA ARG A 132 -2.28 19.25 -7.87
C ARG A 132 -1.64 18.65 -6.62
N ALA A 133 -1.18 17.39 -6.68
CA ALA A 133 -0.53 16.77 -5.49
C ALA A 133 0.75 17.51 -5.05
N SER A 134 1.43 18.20 -5.96
CA SER A 134 2.64 18.91 -5.58
C SER A 134 2.50 20.46 -5.58
N TYR A 135 1.31 20.95 -5.89
CA TYR A 135 1.08 22.36 -6.02
C TYR A 135 1.00 22.96 -4.63
N ALA A 136 1.87 23.91 -4.33
CA ALA A 136 1.96 24.49 -2.99
C ALA A 136 1.31 25.87 -3.04
N LYS A 137 0.54 26.21 -2.02
CA LYS A 137 -0.13 27.52 -2.00
C LYS A 137 -0.34 27.99 -0.58
N ARG A 138 -0.31 29.29 -0.42
CA ARG A 138 -0.52 29.96 0.88
C ARG A 138 -1.07 31.34 0.63
N VAL A 139 -1.75 31.88 1.64
CA VAL A 139 -2.14 33.28 1.64
C VAL A 139 -1.35 33.90 2.80
N VAL A 140 -0.52 34.89 2.48
CA VAL A 140 0.22 35.66 3.47
C VAL A 140 -0.67 36.84 3.82
N ALA A 141 -1.14 36.82 5.07
CA ALA A 141 -2.17 37.72 5.57
C ALA A 141 -1.75 39.15 5.47
N ARG A 142 -2.72 40.02 5.26
CA ARG A 142 -2.51 41.44 5.45
C ARG A 142 -2.26 41.72 6.92
N LEU B 17 -9.93 27.82 -43.40
CA LEU B 17 -8.43 27.79 -43.41
C LEU B 17 -7.89 26.84 -42.33
N TYR B 18 -7.01 25.92 -42.76
CA TYR B 18 -6.43 24.94 -41.86
CA TYR B 18 -6.43 24.95 -41.84
C TYR B 18 -4.97 25.32 -41.69
N PHE B 19 -4.54 25.47 -40.44
CA PHE B 19 -3.20 25.88 -40.14
C PHE B 19 -2.84 25.25 -38.81
N GLN B 20 -1.58 24.96 -38.62
CA GLN B 20 -1.13 24.33 -37.40
C GLN B 20 -1.23 25.26 -36.22
N GLY B 21 -0.86 26.51 -36.42
CA GLY B 21 -0.83 27.50 -35.30
C GLY B 21 0.19 27.24 -34.19
N MSE B 22 1.22 26.46 -34.48
CA MSE B 22 2.30 26.11 -33.56
C MSE B 22 3.40 25.55 -34.51
O MSE B 22 3.08 25.22 -35.66
CB MSE B 22 1.75 25.07 -32.51
CG MSE B 22 1.36 23.75 -33.10
SE MSE B 22 2.90 22.47 -33.34
CE MSE B 22 2.48 21.73 -35.10
N PRO B 23 4.63 25.42 -34.03
CA PRO B 23 5.11 25.42 -32.66
C PRO B 23 5.27 26.79 -32.03
N HIS B 24 5.30 26.80 -30.69
CA HIS B 24 5.74 27.96 -29.96
C HIS B 24 7.13 27.70 -29.40
N LEU B 25 8.03 28.66 -29.59
CA LEU B 25 9.41 28.53 -29.11
C LEU B 25 9.82 29.76 -28.27
N VAL B 26 10.18 29.53 -27.01
CA VAL B 26 10.58 30.60 -26.14
C VAL B 26 12.05 30.38 -25.78
N ILE B 27 12.89 31.34 -26.13
CA ILE B 27 14.33 31.31 -25.84
C ILE B 27 14.60 32.33 -24.77
N GLU B 28 15.20 31.91 -23.66
CA GLU B 28 15.53 32.80 -22.53
C GLU B 28 17.03 32.87 -22.42
N ALA B 29 17.58 34.07 -22.34
CA ALA B 29 19.02 34.28 -22.24
C ALA B 29 19.30 35.19 -21.07
N THR B 30 20.27 34.85 -20.21
CA THR B 30 20.66 35.77 -19.17
C THR B 30 21.26 37.05 -19.83
N ALA B 31 21.07 38.19 -19.18
CA ALA B 31 21.43 39.51 -19.81
C ALA B 31 22.92 39.63 -20.13
N ASN B 32 23.73 38.87 -19.41
CA ASN B 32 25.16 38.82 -19.60
C ASN B 32 25.66 37.88 -20.70
N LEU B 33 24.77 37.14 -21.33
CA LEU B 33 25.16 36.23 -22.37
C LEU B 33 25.58 37.03 -23.62
N ARG B 34 26.65 36.59 -24.24
CA ARG B 34 27.15 37.16 -25.48
CA ARG B 34 27.13 37.18 -25.49
C ARG B 34 26.89 36.20 -26.62
N LEU B 35 26.21 36.67 -27.66
CA LEU B 35 25.92 35.82 -28.82
C LEU B 35 26.75 36.29 -30.02
N GLU B 36 26.89 35.37 -30.97
CA GLU B 36 27.59 35.58 -32.25
CA GLU B 36 27.59 35.65 -32.24
C GLU B 36 26.66 36.29 -33.27
N THR B 37 25.36 36.30 -32.96
CA THR B 37 24.33 36.82 -33.84
C THR B 37 23.51 37.88 -33.13
N SER B 38 22.76 38.69 -33.87
CA SER B 38 21.71 39.47 -33.25
C SER B 38 20.61 38.52 -32.77
N PRO B 39 19.79 38.94 -31.79
CA PRO B 39 18.63 38.10 -31.41
C PRO B 39 17.71 37.78 -32.62
N GLY B 40 17.52 38.75 -33.52
CA GLY B 40 16.71 38.52 -34.71
C GLY B 40 17.26 37.40 -35.58
N GLU B 41 18.59 37.39 -35.71
CA GLU B 41 19.28 36.37 -36.48
C GLU B 41 19.17 35.05 -35.80
N LEU B 42 19.26 35.04 -34.47
CA LEU B 42 19.08 33.78 -33.77
C LEU B 42 17.69 33.22 -33.96
N LEU B 43 16.68 34.09 -33.83
CA LEU B 43 15.30 33.67 -34.06
C LEU B 43 15.11 33.13 -35.50
N GLU B 44 15.66 33.83 -36.48
CA GLU B 44 15.65 33.41 -37.88
CA GLU B 44 15.56 33.36 -37.86
C GLU B 44 16.24 32.01 -38.04
N GLN B 45 17.40 31.79 -37.42
CA GLN B 45 18.11 30.54 -37.53
C GLN B 45 17.38 29.38 -36.85
N ALA B 46 16.80 29.66 -35.68
CA ALA B 46 16.01 28.66 -34.94
C ALA B 46 14.78 28.28 -35.77
N ASN B 47 14.11 29.29 -36.33
CA ASN B 47 12.92 29.05 -37.14
C ASN B 47 13.26 28.27 -38.43
N ALA B 48 14.39 28.58 -39.04
CA ALA B 48 14.89 27.86 -40.26
C ALA B 48 15.19 26.40 -39.97
N ALA B 49 15.77 26.16 -38.80
CA ALA B 49 16.04 24.81 -38.27
C ALA B 49 14.76 24.03 -38.08
N LEU B 50 13.79 24.65 -37.43
CA LEU B 50 12.49 24.02 -37.22
C LEU B 50 11.81 23.74 -38.59
N PHE B 51 11.87 24.73 -39.48
CA PHE B 51 11.18 24.58 -40.78
C PHE B 51 11.85 23.46 -41.62
N ALA B 52 13.16 23.34 -41.47
CA ALA B 52 13.93 22.30 -42.17
C ALA B 52 13.56 20.88 -41.75
N SER B 53 12.93 20.72 -40.58
CA SER B 53 12.48 19.41 -40.14
C SER B 53 11.44 18.79 -41.05
N GLY B 54 10.73 19.61 -41.81
CA GLY B 54 9.59 19.17 -42.64
C GLY B 54 8.30 18.90 -41.88
N GLN B 55 8.25 19.26 -40.58
CA GLN B 55 7.11 18.98 -39.74
C GLN B 55 6.13 20.16 -39.59
N PHE B 56 6.53 21.35 -40.03
CA PHE B 56 5.79 22.56 -39.68
C PHE B 56 5.54 23.45 -40.90
N GLY B 57 4.43 24.17 -40.83
CA GLY B 57 4.16 25.21 -41.80
C GLY B 57 5.07 26.39 -41.53
N GLU B 58 5.52 27.04 -42.60
CA GLU B 58 6.43 28.14 -42.49
C GLU B 58 5.90 29.23 -41.55
N ALA B 59 4.63 29.61 -41.69
CA ALA B 59 4.09 30.76 -40.98
C ALA B 59 3.58 30.37 -39.59
N ASP B 60 3.64 29.08 -39.28
CA ASP B 60 3.14 28.58 -38.00
C ASP B 60 4.14 28.57 -36.84
N ILE B 61 5.44 28.67 -37.18
CA ILE B 61 6.51 28.66 -36.19
C ILE B 61 6.59 30.04 -35.52
N LYS B 62 6.28 30.12 -34.24
CA LYS B 62 6.18 31.40 -33.55
C LYS B 62 7.17 31.44 -32.39
N SER B 63 8.19 32.28 -32.53
CA SER B 63 9.34 32.28 -31.61
CA SER B 63 9.34 32.28 -31.64
C SER B 63 9.54 33.61 -30.96
N ARG B 64 10.11 33.58 -29.74
CA ARG B 64 10.41 34.81 -29.01
C ARG B 64 11.68 34.60 -28.20
N PHE B 65 12.40 35.69 -28.03
CA PHE B 65 13.68 35.72 -27.32
C PHE B 65 13.50 36.69 -26.17
N VAL B 66 13.69 36.19 -24.95
CA VAL B 66 13.48 36.95 -23.75
C VAL B 66 14.80 37.11 -22.99
N THR B 67 15.20 38.35 -22.76
CA THR B 67 16.35 38.66 -21.96
C THR B 67 15.95 38.61 -20.48
N LEU B 68 16.73 37.88 -19.71
CA LEU B 68 16.53 37.78 -18.26
C LEU B 68 17.41 38.79 -17.56
N GLU B 69 16.78 39.78 -16.92
CA GLU B 69 17.53 40.82 -16.22
C GLU B 69 17.82 40.46 -14.76
N ALA B 70 17.05 39.54 -14.16
CA ALA B 70 17.24 39.13 -12.76
C ALA B 70 17.34 37.60 -12.77
N TYR B 71 18.55 37.10 -12.60
CA TYR B 71 18.89 35.67 -12.71
C TYR B 71 19.92 35.30 -11.69
N ARG B 72 19.88 34.04 -11.28
CA ARG B 72 20.93 33.50 -10.44
C ARG B 72 21.10 32.05 -10.84
N GLN B 73 22.34 31.60 -10.85
CA GLN B 73 22.68 30.23 -11.19
C GLN B 73 23.47 29.64 -10.04
N GLY B 74 22.90 28.62 -9.42
CA GLY B 74 23.54 28.02 -8.24
C GLY B 74 23.64 28.97 -7.06
N THR B 75 24.67 28.73 -6.24
CA THR B 75 24.89 29.48 -4.99
C THR B 75 26.27 30.17 -4.94
N ALA B 76 27.21 29.69 -5.77
CA ALA B 76 28.62 30.16 -5.78
C ALA B 76 28.74 31.59 -6.27
N ALA B 77 29.79 32.28 -5.83
CA ALA B 77 29.96 33.68 -6.24
C ALA B 77 30.85 33.57 -7.47
C ALA B 77 30.32 33.93 -7.73
N VAL B 78 30.28 33.18 -8.59
N VAL B 78 30.74 32.90 -8.47
CA VAL B 78 31.00 32.90 -9.84
CA VAL B 78 31.18 33.07 -9.85
C VAL B 78 30.11 33.61 -10.86
N GLU B 79 30.61 34.45 -11.77
CA GLU B 79 29.78 35.03 -12.84
CA GLU B 79 29.71 35.02 -12.81
C GLU B 79 29.42 33.94 -13.83
N ARG B 80 28.14 33.77 -14.10
CA ARG B 80 27.73 32.72 -15.03
C ARG B 80 26.65 33.23 -15.94
N ALA B 81 26.59 32.64 -17.12
CA ALA B 81 25.50 32.93 -18.08
C ALA B 81 24.87 31.60 -18.52
N TYR B 82 23.61 31.66 -18.95
CA TYR B 82 22.92 30.49 -19.46
C TYR B 82 21.89 30.88 -20.51
N LEU B 83 21.50 29.86 -21.29
CA LEU B 83 20.63 30.01 -22.41
C LEU B 83 19.74 28.78 -22.42
N HIS B 84 18.43 28.99 -22.44
CA HIS B 84 17.44 27.92 -22.37
C HIS B 84 16.33 28.14 -23.38
N ALA B 85 15.84 27.09 -23.99
CA ALA B 85 14.71 27.22 -24.87
C ALA B 85 13.67 26.18 -24.49
N CYS B 86 12.42 26.54 -24.75
CA CYS B 86 11.33 25.61 -24.56
C CYS B 86 10.53 25.61 -25.83
N LEU B 87 10.52 24.46 -26.49
CA LEU B 87 9.79 24.24 -27.71
C LEU B 87 8.50 23.53 -27.36
N SER B 88 7.38 24.13 -27.71
CA SER B 88 6.05 23.53 -27.44
C SER B 88 5.44 23.13 -28.75
N ILE B 89 5.17 21.84 -28.88
CA ILE B 89 4.50 21.29 -30.04
C ILE B 89 3.17 20.60 -29.62
N LEU B 90 2.33 20.26 -30.57
CA LEU B 90 1.14 19.48 -30.27
C LEU B 90 1.53 18.06 -29.88
N ASP B 91 0.76 17.53 -28.94
CA ASP B 91 0.89 16.16 -28.50
C ASP B 91 0.69 15.19 -29.68
N GLY B 92 1.20 13.99 -29.51
CA GLY B 92 0.97 12.93 -30.47
C GLY B 92 2.18 12.40 -31.21
N ARG B 93 3.31 13.14 -31.23
CA ARG B 93 4.48 12.67 -31.92
C ARG B 93 5.22 11.68 -31.05
N ASP B 94 6.07 10.87 -31.68
CA ASP B 94 6.81 9.86 -30.97
C ASP B 94 8.07 10.44 -30.32
N ALA B 95 8.69 9.64 -29.46
CA ALA B 95 9.81 10.08 -28.67
C ALA B 95 10.97 10.54 -29.55
N ALA B 96 11.27 9.77 -30.59
CA ALA B 96 12.38 10.08 -31.49
C ALA B 96 12.21 11.43 -32.16
N THR B 97 10.96 11.74 -32.53
CA THR B 97 10.62 13.03 -33.14
C THR B 97 10.94 14.17 -32.18
N ARG B 98 10.44 14.07 -30.96
CA ARG B 98 10.62 15.14 -30.00
CA ARG B 98 10.64 15.14 -29.98
C ARG B 98 12.12 15.32 -29.72
N GLN B 99 12.87 14.21 -29.58
CA GLN B 99 14.28 14.28 -29.26
CA GLN B 99 14.31 14.27 -29.28
C GLN B 99 15.06 14.96 -30.40
N ALA B 100 14.73 14.59 -31.65
CA ALA B 100 15.37 15.19 -32.82
C ALA B 100 15.16 16.67 -32.91
N LEU B 101 13.94 17.11 -32.68
CA LEU B 101 13.63 18.53 -32.68
C LEU B 101 14.46 19.29 -31.63
N GLY B 102 14.50 18.76 -30.42
CA GLY B 102 15.26 19.42 -29.34
C GLY B 102 16.75 19.50 -29.69
N GLU B 103 17.29 18.45 -30.30
CA GLU B 103 18.71 18.40 -30.61
CA GLU B 103 18.73 18.41 -30.59
C GLU B 103 19.03 19.41 -31.71
N SER B 104 18.15 19.54 -32.70
CA SER B 104 18.36 20.49 -33.77
CA SER B 104 18.33 20.51 -33.79
C SER B 104 18.37 21.94 -33.24
N LEU B 105 17.50 22.24 -32.30
CA LEU B 105 17.52 23.56 -31.66
C LEU B 105 18.78 23.76 -30.84
N CYS B 106 19.19 22.74 -30.09
CA CYS B 106 20.31 22.86 -29.17
C CYS B 106 21.56 23.18 -29.99
N GLU B 107 21.68 22.56 -31.17
CA GLU B 107 22.83 22.83 -32.06
CA GLU B 107 22.79 22.83 -32.10
C GLU B 107 22.86 24.30 -32.51
N VAL B 108 21.69 24.85 -32.88
CA VAL B 108 21.55 26.24 -33.29
C VAL B 108 21.93 27.15 -32.12
N LEU B 109 21.33 26.93 -30.95
CA LEU B 109 21.55 27.78 -29.80
C LEU B 109 23.00 27.74 -29.31
N ALA B 110 23.53 26.52 -29.14
CA ALA B 110 24.90 26.36 -28.68
C ALA B 110 25.88 27.06 -29.67
N GLY B 111 25.61 26.90 -30.97
CA GLY B 111 26.46 27.51 -31.98
C GLY B 111 26.47 29.02 -31.98
N ALA B 112 25.42 29.65 -31.43
CA ALA B 112 25.30 31.08 -31.38
C ALA B 112 25.99 31.69 -30.15
N VAL B 113 26.41 30.88 -29.19
CA VAL B 113 26.99 31.41 -27.97
C VAL B 113 28.46 31.86 -28.20
N ALA B 114 28.74 33.13 -27.92
CA ALA B 114 30.08 33.69 -27.97
C ALA B 114 30.74 33.48 -26.63
N GLY B 115 30.00 33.74 -25.55
CA GLY B 115 30.50 33.50 -24.18
C GLY B 115 29.62 34.18 -23.17
N GLY B 116 30.09 34.26 -21.93
CA GLY B 116 29.32 34.99 -20.91
C GLY B 116 29.73 34.47 -19.56
N GLY B 117 29.74 35.35 -18.57
CA GLY B 117 30.28 34.99 -17.27
C GLY B 117 31.76 34.61 -17.34
N GLU B 118 32.23 33.87 -16.34
CA GLU B 118 33.66 33.55 -16.23
CA GLU B 118 33.64 33.56 -16.15
C GLU B 118 33.93 32.06 -16.38
N GLU B 119 32.92 31.31 -16.84
CA GLU B 119 33.11 29.90 -17.12
C GLU B 119 32.24 29.49 -18.31
N GLY B 120 32.09 28.18 -18.53
CA GLY B 120 31.28 27.73 -19.65
C GLY B 120 29.83 28.16 -19.49
N VAL B 121 29.10 28.10 -20.59
CA VAL B 121 27.71 28.50 -20.66
C VAL B 121 26.86 27.26 -20.86
N GLN B 122 25.94 27.01 -19.93
CA GLN B 122 24.98 25.93 -20.11
C GLN B 122 23.88 26.33 -21.07
N VAL B 123 23.66 25.47 -22.05
CA VAL B 123 22.59 25.64 -23.04
C VAL B 123 21.69 24.43 -22.92
N SER B 124 20.39 24.71 -22.80
CA SER B 124 19.40 23.63 -22.69
C SER B 124 18.18 23.88 -23.56
N VAL B 125 17.60 22.78 -24.02
CA VAL B 125 16.33 22.81 -24.73
C VAL B 125 15.35 21.75 -24.19
N GLU B 126 14.17 22.19 -23.70
CA GLU B 126 13.05 21.33 -23.39
C GLU B 126 12.14 21.27 -24.63
N VAL B 127 11.65 20.06 -24.91
CA VAL B 127 10.55 19.88 -25.82
C VAL B 127 9.35 19.40 -25.04
N ARG B 128 8.28 20.18 -25.10
CA ARG B 128 7.06 19.83 -24.39
C ARG B 128 5.86 19.75 -25.33
N GLU B 129 4.77 19.15 -24.84
CA GLU B 129 3.60 18.87 -25.66
C GLU B 129 2.42 19.65 -25.11
N MSE B 130 1.64 20.18 -26.05
CA MSE B 130 0.38 20.85 -25.75
C MSE B 130 -0.75 19.93 -26.15
O MSE B 130 -0.68 19.24 -27.15
CB MSE B 130 0.30 22.17 -26.55
CG MSE B 130 1.52 23.06 -26.41
SE MSE B 130 1.25 24.81 -27.18
CE MSE B 130 1.26 24.18 -28.99
N GLU B 131 -1.80 19.93 -25.37
CA GLU B 131 -2.97 19.10 -25.65
C GLU B 131 -3.70 19.59 -26.88
N ARG B 132 -3.64 18.83 -27.95
CA ARG B 132 -4.24 19.36 -29.16
C ARG B 132 -5.78 19.40 -29.09
N ALA B 133 -6.38 18.51 -28.29
CA ALA B 133 -7.85 18.49 -28.16
C ALA B 133 -8.42 19.79 -27.59
N SER B 134 -7.62 20.48 -26.78
CA SER B 134 -8.08 21.71 -26.16
C SER B 134 -7.34 22.97 -26.71
N TYR B 135 -6.47 22.80 -27.68
CA TYR B 135 -5.74 23.91 -28.26
C TYR B 135 -6.64 24.71 -29.17
N ALA B 136 -6.86 25.98 -28.88
CA ALA B 136 -7.80 26.79 -29.67
C ALA B 136 -6.97 27.74 -30.53
N LYS B 137 -7.38 27.96 -31.77
CA LYS B 137 -6.63 28.82 -32.65
C LYS B 137 -7.55 29.49 -33.67
N ARG B 138 -7.16 30.71 -34.02
CA ARG B 138 -7.87 31.47 -35.00
C ARG B 138 -6.93 32.40 -35.70
N VAL B 139 -7.30 32.78 -36.93
CA VAL B 139 -6.64 33.87 -37.58
C VAL B 139 -7.63 35.05 -37.66
N VAL B 140 -7.20 36.22 -37.15
CA VAL B 140 -7.97 37.44 -37.27
C VAL B 140 -7.48 38.16 -38.52
N ALA B 141 -8.37 38.31 -39.51
CA ALA B 141 -7.96 38.76 -40.85
C ALA B 141 -7.53 40.21 -40.76
N ARG B 142 -6.63 40.60 -41.63
CA ARG B 142 -6.12 41.96 -41.64
C ARG B 142 -7.15 43.08 -41.63
N LEU C 17 31.79 14.67 -20.03
N LEU C 17 31.52 16.17 -20.15
CA LEU C 17 31.47 15.35 -18.74
CA LEU C 17 31.07 16.53 -18.78
C LEU C 17 29.95 15.51 -18.55
C LEU C 17 29.71 15.93 -18.50
N TYR C 18 29.54 15.42 -17.28
CA TYR C 18 28.19 15.04 -16.90
CA TYR C 18 28.21 14.99 -16.90
C TYR C 18 27.63 16.09 -16.02
N PHE C 19 26.45 16.56 -16.37
CA PHE C 19 25.82 17.63 -15.64
C PHE C 19 24.32 17.53 -15.87
N GLN C 20 23.56 17.96 -14.87
CA GLN C 20 22.11 17.83 -14.91
C GLN C 20 21.50 18.85 -15.85
N GLY C 21 21.99 20.08 -15.82
CA GLY C 21 21.44 21.12 -16.70
C GLY C 21 20.04 21.62 -16.36
N MSE C 22 19.62 21.39 -15.13
CA MSE C 22 18.35 21.81 -14.57
C MSE C 22 18.55 21.61 -13.06
O MSE C 22 19.53 20.92 -12.67
CB MSE C 22 17.26 20.87 -15.17
CG MSE C 22 17.36 19.38 -14.78
SE MSE C 22 16.46 18.96 -13.10
CE MSE C 22 17.89 17.82 -12.33
N PRO C 23 17.65 22.12 -12.18
CA PRO C 23 16.30 22.63 -12.50
C PRO C 23 16.26 24.05 -13.05
N HIS C 24 15.12 24.42 -13.63
CA HIS C 24 14.84 25.78 -14.05
C HIS C 24 13.74 26.29 -13.12
N LEU C 25 13.94 27.49 -12.58
CA LEU C 25 12.96 28.09 -11.68
C LEU C 25 12.61 29.49 -12.18
N VAL C 26 11.33 29.78 -12.36
CA VAL C 26 10.84 31.06 -12.77
C VAL C 26 9.93 31.61 -11.66
N ILE C 27 10.28 32.76 -11.12
CA ILE C 27 9.47 33.44 -10.12
C ILE C 27 8.84 34.67 -10.73
N GLU C 28 7.52 34.80 -10.58
CA GLU C 28 6.80 35.95 -11.10
C GLU C 28 6.12 36.70 -9.93
N ALA C 29 6.27 38.03 -9.90
CA ALA C 29 5.73 38.84 -8.81
C ALA C 29 5.00 40.00 -9.42
N THR C 30 3.77 40.27 -8.95
CA THR C 30 3.09 41.48 -9.41
C THR C 30 3.90 42.72 -8.99
N ALA C 31 3.86 43.76 -9.82
CA ALA C 31 4.66 44.98 -9.59
C ALA C 31 4.32 45.66 -8.24
N ASN C 32 3.10 45.48 -7.76
CA ASN C 32 2.67 46.03 -6.46
C ASN C 32 3.04 45.20 -5.23
N LEU C 33 3.71 44.06 -5.42
CA LEU C 33 4.10 43.20 -4.31
C LEU C 33 5.35 43.80 -3.66
N ARG C 34 5.34 43.91 -2.34
CA ARG C 34 6.50 44.35 -1.61
C ARG C 34 7.18 43.13 -0.99
N LEU C 35 8.47 42.98 -1.26
CA LEU C 35 9.29 41.88 -0.72
C LEU C 35 10.14 42.36 0.44
N GLU C 36 10.53 41.44 1.31
CA GLU C 36 11.41 41.77 2.46
C GLU C 36 12.84 42.03 1.98
N THR C 37 13.18 41.48 0.83
CA THR C 37 14.49 41.69 0.22
C THR C 37 14.36 41.93 -1.30
N SER C 38 15.47 42.05 -1.99
CA SER C 38 15.41 42.34 -3.38
C SER C 38 15.07 41.05 -4.15
N PRO C 39 14.69 41.18 -5.41
CA PRO C 39 14.53 40.02 -6.27
C PRO C 39 15.79 39.13 -6.37
N GLY C 40 16.97 39.75 -6.50
CA GLY C 40 18.26 39.04 -6.50
C GLY C 40 18.45 38.20 -5.25
N GLU C 41 18.17 38.80 -4.10
CA GLU C 41 18.31 38.08 -2.84
CA GLU C 41 18.31 38.12 -2.83
C GLU C 41 17.29 36.96 -2.70
N LEU C 42 16.07 37.18 -3.22
CA LEU C 42 15.08 36.14 -3.19
C LEU C 42 15.52 34.94 -4.06
N LEU C 43 16.05 35.24 -5.24
CA LEU C 43 16.61 34.19 -6.09
C LEU C 43 17.72 33.40 -5.39
N GLU C 44 18.61 34.10 -4.69
CA GLU C 44 19.66 33.47 -3.88
C GLU C 44 19.07 32.50 -2.82
N GLN C 45 18.04 32.97 -2.11
CA GLN C 45 17.37 32.16 -1.10
C GLN C 45 16.74 30.91 -1.72
N ALA C 46 16.10 31.10 -2.89
CA ALA C 46 15.43 29.99 -3.57
C ALA C 46 16.48 28.97 -4.02
N ASN C 47 17.56 29.43 -4.61
CA ASN C 47 18.63 28.53 -5.07
C ASN C 47 19.26 27.77 -3.90
N ALA C 48 19.44 28.45 -2.76
CA ALA C 48 20.01 27.83 -1.56
C ALA C 48 19.10 26.73 -1.05
N ALA C 49 17.80 27.00 -1.03
CA ALA C 49 16.79 26.01 -0.61
C ALA C 49 16.78 24.80 -1.56
N LEU C 50 16.86 25.03 -2.88
CA LEU C 50 16.92 23.94 -3.81
C LEU C 50 18.21 23.15 -3.61
N PHE C 51 19.33 23.83 -3.49
CA PHE C 51 20.60 23.12 -3.30
C PHE C 51 20.58 22.30 -2.02
N ALA C 52 19.96 22.82 -0.96
CA ALA C 52 19.85 22.10 0.35
C ALA C 52 19.05 20.79 0.29
N SER C 53 18.29 20.60 -0.79
CA SER C 53 17.56 19.38 -0.98
C SER C 53 18.45 18.16 -1.19
N GLY C 54 19.67 18.40 -1.68
CA GLY C 54 20.59 17.32 -2.02
C GLY C 54 20.28 16.64 -3.34
N GLN C 55 19.36 17.20 -4.13
CA GLN C 55 18.90 16.58 -5.38
C GLN C 55 19.58 17.13 -6.63
N PHE C 56 20.32 18.24 -6.51
CA PHE C 56 20.80 18.98 -7.67
C PHE C 56 22.27 19.38 -7.57
N GLY C 57 22.93 19.44 -8.71
CA GLY C 57 24.27 20.03 -8.76
C GLY C 57 24.18 21.54 -8.55
N GLU C 58 25.18 22.13 -7.90
CA GLU C 58 25.18 23.55 -7.55
C GLU C 58 25.05 24.43 -8.78
N ALA C 59 25.84 24.17 -9.81
CA ALA C 59 25.83 25.02 -11.01
C ALA C 59 24.59 24.78 -11.91
N ASP C 60 23.78 23.75 -11.62
CA ASP C 60 22.71 23.34 -12.53
C ASP C 60 21.39 24.05 -12.21
N ILE C 61 21.35 24.70 -11.05
CA ILE C 61 20.11 25.36 -10.58
C ILE C 61 20.03 26.72 -11.25
N LYS C 62 19.08 26.93 -12.14
CA LYS C 62 19.06 28.14 -12.99
C LYS C 62 17.75 28.87 -12.76
N SER C 63 17.81 30.03 -12.13
CA SER C 63 16.61 30.74 -11.69
CA SER C 63 16.63 30.73 -11.69
C SER C 63 16.53 32.14 -12.27
N ARG C 64 15.32 32.61 -12.43
CA ARG C 64 15.06 33.96 -12.90
C ARG C 64 13.78 34.50 -12.28
N PHE C 65 13.75 35.82 -12.15
CA PHE C 65 12.65 36.58 -11.54
C PHE C 65 12.11 37.56 -12.52
N VAL C 66 10.79 37.60 -12.69
CA VAL C 66 10.10 38.52 -13.56
CA VAL C 66 10.20 38.70 -13.48
C VAL C 66 9.12 39.41 -12.71
N THR C 67 9.12 40.74 -12.86
CA THR C 67 8.12 41.58 -12.28
C THR C 67 7.03 41.78 -13.33
N LEU C 68 5.80 41.47 -12.98
CA LEU C 68 4.68 41.63 -13.86
C LEU C 68 4.14 43.03 -13.77
N GLU C 69 4.19 43.75 -14.90
CA GLU C 69 3.65 45.11 -14.91
C GLU C 69 2.16 45.17 -15.27
N ALA C 70 1.66 44.18 -16.01
CA ALA C 70 0.26 44.16 -16.43
C ALA C 70 -0.34 42.86 -15.86
N TYR C 71 -1.16 43.00 -14.83
CA TYR C 71 -1.70 41.82 -14.13
C TYR C 71 -3.10 42.13 -13.61
N ARG C 72 -3.91 41.09 -13.46
CA ARG C 72 -5.23 41.20 -12.86
C ARG C 72 -5.51 39.95 -12.08
N GLN C 73 -6.14 40.11 -10.91
CA GLN C 73 -6.50 38.92 -10.10
C GLN C 73 -7.99 39.02 -9.85
N GLY C 74 -8.73 38.03 -10.35
CA GLY C 74 -10.16 38.04 -10.24
C GLY C 74 -10.84 39.13 -11.06
N THR C 75 -12.03 39.51 -10.60
CA THR C 75 -12.84 40.50 -11.26
C THR C 75 -13.19 41.68 -10.35
N ALA C 76 -13.11 41.47 -9.03
CA ALA C 76 -13.45 42.52 -8.08
C ALA C 76 -12.55 43.76 -8.16
N ALA C 77 -13.08 44.91 -7.80
CA ALA C 77 -12.33 46.15 -7.87
C ALA C 77 -11.67 46.23 -6.49
C ALA C 77 -11.08 46.29 -6.93
N VAL C 78 -10.66 45.42 -6.23
N VAL C 78 -11.00 45.40 -5.96
CA VAL C 78 -9.96 45.34 -4.93
C VAL C 78 -8.49 45.25 -5.37
N GLU C 79 -7.56 45.99 -4.74
CA GLU C 79 -6.13 45.88 -5.13
CA GLU C 79 -6.14 45.91 -5.08
C GLU C 79 -5.59 44.62 -4.49
N ARG C 80 -4.93 43.83 -5.31
CA ARG C 80 -4.38 42.57 -4.89
C ARG C 80 -2.99 42.37 -5.54
N ALA C 81 -2.17 41.62 -4.83
CA ALA C 81 -0.83 41.27 -5.30
C ALA C 81 -0.66 39.76 -5.22
N TYR C 82 0.16 39.20 -6.09
CA TYR C 82 0.43 37.76 -5.99
C TYR C 82 1.86 37.42 -6.42
N LEU C 83 2.27 36.24 -6.04
CA LEU C 83 3.65 35.74 -6.20
C LEU C 83 3.54 34.24 -6.56
N HIS C 84 4.17 33.87 -7.66
CA HIS C 84 4.09 32.51 -8.19
C HIS C 84 5.44 32.05 -8.68
N ALA C 85 5.76 30.79 -8.45
CA ALA C 85 6.94 30.19 -9.02
C ALA C 85 6.57 28.90 -9.74
N CYS C 86 7.35 28.60 -10.76
CA CYS C 86 7.26 27.35 -11.47
C CYS C 86 8.65 26.75 -11.50
N LEU C 87 8.79 25.64 -10.80
CA LEU C 87 9.99 24.78 -10.80
C LEU C 87 9.82 23.66 -11.84
N SER C 88 10.74 23.61 -12.78
CA SER C 88 10.79 22.57 -13.78
C SER C 88 12.00 21.63 -13.53
N ILE C 89 11.68 20.37 -13.32
CA ILE C 89 12.70 19.31 -13.11
C ILE C 89 12.48 18.24 -14.16
N LEU C 90 13.47 17.37 -14.31
CA LEU C 90 13.31 16.22 -15.19
C LEU C 90 12.26 15.25 -14.62
N ASP C 91 11.54 14.63 -15.55
CA ASP C 91 10.58 13.57 -15.22
CA ASP C 91 10.58 13.57 -15.22
C ASP C 91 11.30 12.41 -14.53
N GLY C 92 10.56 11.68 -13.68
CA GLY C 92 11.06 10.46 -13.07
C GLY C 92 11.00 10.37 -11.57
N ARG C 93 10.86 11.50 -10.90
CA ARG C 93 10.86 11.53 -9.43
C ARG C 93 9.49 11.16 -8.93
N ASP C 94 9.44 10.70 -7.68
CA ASP C 94 8.18 10.31 -7.07
C ASP C 94 7.36 11.52 -6.60
N ALA C 95 6.11 11.24 -6.30
CA ALA C 95 5.16 12.24 -5.89
C ALA C 95 5.67 12.97 -4.65
N ALA C 96 6.23 12.23 -3.67
CA ALA C 96 6.68 12.85 -2.42
C ALA C 96 7.83 13.86 -2.63
N THR C 97 8.70 13.53 -3.58
CA THR C 97 9.82 14.40 -3.92
C THR C 97 9.35 15.71 -4.53
N ARG C 98 8.45 15.61 -5.51
CA ARG C 98 7.94 16.83 -6.17
C ARG C 98 7.22 17.70 -5.16
N GLN C 99 6.43 17.08 -4.31
CA GLN C 99 5.68 17.83 -3.31
CA GLN C 99 5.69 17.82 -3.29
C GLN C 99 6.62 18.54 -2.34
N ALA C 100 7.65 17.82 -1.86
CA ALA C 100 8.61 18.41 -0.92
C ALA C 100 9.34 19.61 -1.53
N LEU C 101 9.76 19.49 -2.79
CA LEU C 101 10.47 20.57 -3.48
C LEU C 101 9.57 21.81 -3.54
N GLY C 102 8.30 21.59 -3.86
CA GLY C 102 7.33 22.71 -4.01
C GLY C 102 7.10 23.40 -2.68
N GLU C 103 7.01 22.59 -1.62
CA GLU C 103 6.80 23.13 -0.28
CA GLU C 103 6.80 23.10 -0.26
C GLU C 103 7.97 23.94 0.22
N SER C 104 9.19 23.48 -0.06
CA SER C 104 10.40 24.18 0.34
CA SER C 104 10.40 24.18 0.34
C SER C 104 10.45 25.57 -0.32
N LEU C 105 10.08 25.63 -1.57
CA LEU C 105 10.06 26.91 -2.29
C LEU C 105 8.96 27.81 -1.79
N CYS C 106 7.80 27.22 -1.51
CA CYS C 106 6.67 27.97 -1.07
C CYS C 106 6.99 28.67 0.26
N GLU C 107 7.72 27.97 1.13
N GLU C 107 7.75 27.98 1.12
CA GLU C 107 8.15 28.55 2.40
CA GLU C 107 8.18 28.56 2.41
C GLU C 107 9.02 29.80 2.15
C GLU C 107 9.11 29.76 2.23
N VAL C 108 10.02 29.67 1.27
CA VAL C 108 10.92 30.78 0.95
C VAL C 108 10.13 31.96 0.40
N LEU C 109 9.27 31.69 -0.56
CA LEU C 109 8.47 32.76 -1.20
CA LEU C 109 8.48 32.76 -1.20
C LEU C 109 7.56 33.45 -0.20
N ALA C 110 6.83 32.66 0.59
CA ALA C 110 5.91 33.18 1.56
C ALA C 110 6.66 34.05 2.58
N GLY C 111 7.84 33.60 3.01
CA GLY C 111 8.63 34.35 3.97
C GLY C 111 9.16 35.68 3.44
N ALA C 112 9.25 35.81 2.11
CA ALA C 112 9.75 37.01 1.45
C ALA C 112 8.69 38.13 1.30
N VAL C 113 7.41 37.81 1.49
CA VAL C 113 6.34 38.77 1.24
C VAL C 113 6.20 39.73 2.44
N ALA C 114 6.38 41.01 2.15
CA ALA C 114 6.17 42.04 3.11
C ALA C 114 4.72 42.48 3.02
N GLY C 115 4.18 42.63 1.82
CA GLY C 115 2.79 43.02 1.66
C GLY C 115 2.49 43.39 0.23
N GLY C 116 1.27 43.79 -0.05
CA GLY C 116 0.91 44.21 -1.39
C GLY C 116 -0.60 44.17 -1.52
N GLY C 117 -1.14 45.14 -2.24
CA GLY C 117 -2.57 45.28 -2.37
C GLY C 117 -3.25 45.64 -1.08
N GLU C 118 -4.56 45.41 -1.02
CA GLU C 118 -5.36 45.76 0.13
CA GLU C 118 -5.36 45.77 0.13
C GLU C 118 -5.84 44.54 0.93
N GLU C 119 -5.34 43.35 0.59
CA GLU C 119 -5.70 42.14 1.34
C GLU C 119 -4.52 41.15 1.33
N GLY C 120 -4.74 39.91 1.73
CA GLY C 120 -3.68 38.90 1.76
C GLY C 120 -3.07 38.68 0.40
N VAL C 121 -1.88 38.08 0.38
CA VAL C 121 -1.16 37.81 -0.87
C VAL C 121 -1.14 36.31 -1.10
N GLN C 122 -1.68 35.89 -2.24
CA GLN C 122 -1.56 34.50 -2.66
C GLN C 122 -0.16 34.18 -3.19
N VAL C 123 0.43 33.15 -2.62
CA VAL C 123 1.72 32.64 -3.04
C VAL C 123 1.47 31.25 -3.54
N SER C 124 2.06 30.91 -4.67
CA SER C 124 1.92 29.55 -5.17
C SER C 124 3.18 29.04 -5.84
N VAL C 125 3.32 27.73 -5.85
CA VAL C 125 4.41 27.06 -6.52
C VAL C 125 3.94 25.83 -7.28
N GLU C 126 4.17 25.81 -8.61
CA GLU C 126 3.97 24.61 -9.38
C GLU C 126 5.32 23.90 -9.52
N VAL C 127 5.28 22.58 -9.41
CA VAL C 127 6.41 21.74 -9.76
C VAL C 127 6.00 20.97 -11.01
N ARG C 128 6.74 21.13 -12.11
CA ARG C 128 6.39 20.48 -13.34
C ARG C 128 7.56 19.64 -13.86
N GLU C 129 7.28 18.74 -14.78
CA GLU C 129 8.28 17.77 -15.23
C GLU C 129 8.56 18.00 -16.72
N MSE C 130 9.85 17.96 -17.06
CA MSE C 130 10.34 17.99 -18.43
C MSE C 130 10.71 16.60 -18.85
O MSE C 130 11.25 15.81 -18.06
CB MSE C 130 11.56 18.89 -18.51
CG MSE C 130 11.38 20.27 -17.86
SE MSE C 130 12.83 21.52 -18.17
CE MSE C 130 14.00 20.64 -16.91
N GLU C 131 10.46 16.31 -20.10
CA GLU C 131 10.73 14.97 -20.64
C GLU C 131 12.23 14.78 -20.75
N ARG C 132 12.78 13.86 -19.97
CA ARG C 132 14.23 13.77 -20.02
CA ARG C 132 14.19 13.51 -19.94
C ARG C 132 14.73 13.16 -21.32
N ALA C 133 13.98 12.30 -21.96
CA ALA C 133 14.43 11.69 -23.24
C ALA C 133 14.66 12.69 -24.35
N SER C 134 13.96 13.81 -24.32
CA SER C 134 14.10 14.83 -25.35
C SER C 134 14.87 16.09 -24.89
N TYR C 135 15.29 16.13 -23.64
CA TYR C 135 15.90 17.33 -23.10
C TYR C 135 17.33 17.38 -23.63
N ALA C 136 17.68 18.42 -24.33
CA ALA C 136 19.01 18.51 -24.93
C ALA C 136 19.82 19.51 -24.13
N LYS C 137 21.10 19.21 -23.91
CA LYS C 137 21.93 20.09 -23.13
C LYS C 137 23.37 20.05 -23.56
N ARG C 138 24.03 21.18 -23.42
CA ARG C 138 25.45 21.32 -23.70
C ARG C 138 26.09 22.37 -22.84
N VAL C 139 27.41 22.24 -22.64
CA VAL C 139 28.15 23.37 -22.07
C VAL C 139 29.08 23.87 -23.19
N VAL C 140 28.95 25.16 -23.50
CA VAL C 140 29.80 25.84 -24.43
C VAL C 140 30.94 26.42 -23.61
N ALA C 141 32.12 25.85 -23.83
CA ALA C 141 33.29 26.06 -22.96
C ALA C 141 33.71 27.51 -23.01
N ARG C 142 34.43 27.94 -21.98
CA ARG C 142 35.06 29.27 -21.93
C ARG C 142 36.38 29.24 -22.68
N ASN D 16 16.80 -35.70 2.10
CA ASN D 16 16.40 -34.80 3.24
C ASN D 16 15.29 -33.86 2.76
N LEU D 17 14.08 -34.06 3.30
CA LEU D 17 12.92 -33.27 2.86
C LEU D 17 12.93 -31.85 3.37
N TYR D 18 13.89 -31.55 4.28
CA TYR D 18 14.07 -30.20 4.82
C TYR D 18 15.04 -29.37 4.00
N PHE D 19 15.98 -30.04 3.31
CA PHE D 19 17.04 -29.38 2.53
C PHE D 19 16.51 -28.47 1.44
N GLN D 20 16.72 -27.16 1.63
CA GLN D 20 16.35 -26.11 0.66
C GLN D 20 17.56 -25.44 -0.01
N GLY D 21 18.71 -25.46 0.66
CA GLY D 21 19.95 -24.94 0.07
C GLY D 21 19.97 -23.42 -0.04
N MSE D 22 19.15 -22.78 0.78
CA MSE D 22 19.08 -21.32 0.91
C MSE D 22 18.42 -21.01 2.26
O MSE D 22 17.85 -21.91 2.92
CB MSE D 22 18.35 -20.73 -0.31
CG MSE D 22 16.92 -21.09 -0.47
SE MSE D 22 15.70 -19.95 0.63
CE MSE D 22 14.59 -21.32 1.49
N PRO D 23 18.47 -19.76 2.69
CA PRO D 23 18.81 -18.50 2.02
C PRO D 23 20.29 -18.21 1.88
N HIS D 24 20.62 -17.37 0.88
CA HIS D 24 21.94 -16.80 0.73
C HIS D 24 21.91 -15.34 1.15
N LEU D 25 22.90 -14.92 1.92
CA LEU D 25 23.00 -13.56 2.41
C LEU D 25 24.39 -13.01 2.13
N VAL D 26 24.44 -11.90 1.41
CA VAL D 26 25.71 -11.23 1.13
C VAL D 26 25.68 -9.83 1.75
N ILE D 27 26.64 -9.56 2.63
CA ILE D 27 26.81 -8.26 3.29
C ILE D 27 28.02 -7.60 2.68
N GLU D 28 27.84 -6.36 2.25
CA GLU D 28 28.93 -5.54 1.71
C GLU D 28 29.09 -4.28 2.57
N ALA D 29 30.31 -4.01 2.97
CA ALA D 29 30.69 -2.84 3.79
C ALA D 29 31.84 -2.08 3.15
N THR D 30 31.70 -0.76 3.07
CA THR D 30 32.82 0.05 2.62
C THR D 30 33.99 -0.09 3.62
N ALA D 31 35.21 -0.05 3.10
CA ALA D 31 36.41 -0.33 3.93
C ALA D 31 36.62 0.69 5.07
N ASN D 32 36.03 1.86 4.94
CA ASN D 32 36.07 2.91 5.96
C ASN D 32 34.97 2.78 7.02
N LEU D 33 34.08 1.80 6.87
CA LEU D 33 33.05 1.58 7.88
C LEU D 33 33.63 0.94 9.15
N ARG D 34 33.22 1.43 10.30
CA ARG D 34 33.62 0.83 11.58
C ARG D 34 32.43 0.10 12.18
N LEU D 35 32.65 -1.14 12.52
CA LEU D 35 31.65 -2.00 13.13
C LEU D 35 31.90 -2.14 14.63
N GLU D 36 30.84 -2.41 15.38
CA GLU D 36 30.93 -2.67 16.81
C GLU D 36 31.61 -3.99 17.13
N THR D 37 31.55 -4.90 16.18
CA THR D 37 32.08 -6.24 16.32
C THR D 37 32.85 -6.55 15.04
N SER D 38 33.30 -7.78 14.89
CA SER D 38 34.01 -8.20 13.71
C SER D 38 32.98 -8.54 12.65
N PRO D 39 33.43 -8.58 11.37
CA PRO D 39 32.57 -9.08 10.28
C PRO D 39 32.01 -10.46 10.58
N GLY D 40 32.86 -11.33 11.15
CA GLY D 40 32.44 -12.66 11.55
C GLY D 40 31.31 -12.67 12.56
N GLU D 41 31.42 -11.84 13.59
CA GLU D 41 30.35 -11.72 14.61
CA GLU D 41 30.34 -11.74 14.61
C GLU D 41 29.06 -11.16 14.00
N LEU D 42 29.19 -10.19 13.08
CA LEU D 42 28.03 -9.67 12.38
C LEU D 42 27.32 -10.77 11.60
N LEU D 43 28.08 -11.61 10.89
CA LEU D 43 27.46 -12.74 10.15
C LEU D 43 26.72 -13.69 11.10
N GLU D 44 27.35 -13.97 12.24
CA GLU D 44 26.75 -14.82 13.26
C GLU D 44 25.43 -14.23 13.75
N GLN D 45 25.40 -12.92 13.99
CA GLN D 45 24.17 -12.26 14.44
CA GLN D 45 24.18 -12.27 14.43
C GLN D 45 23.09 -12.31 13.35
N ALA D 46 23.46 -11.99 12.10
CA ALA D 46 22.54 -12.04 10.97
C ALA D 46 21.91 -13.48 10.85
N ASN D 47 22.76 -14.52 10.94
CA ASN D 47 22.29 -15.90 10.80
C ASN D 47 21.35 -16.26 11.94
N ALA D 48 21.67 -15.80 13.12
CA ALA D 48 20.87 -16.05 14.32
C ALA D 48 19.49 -15.40 14.16
N ALA D 49 19.49 -14.16 13.68
CA ALA D 49 18.26 -13.47 13.39
C ALA D 49 17.41 -14.20 12.38
N LEU D 50 18.04 -14.68 11.30
CA LEU D 50 17.33 -15.38 10.24
C LEU D 50 16.77 -16.69 10.81
N PHE D 51 17.62 -17.40 11.56
CA PHE D 51 17.19 -18.69 12.13
C PHE D 51 16.01 -18.51 13.15
N ALA D 52 16.04 -17.41 13.91
CA ALA D 52 14.97 -17.06 14.88
C ALA D 52 13.58 -16.88 14.25
N SER D 53 13.54 -16.56 12.95
CA SER D 53 12.30 -16.40 12.20
C SER D 53 11.43 -17.66 12.09
N GLY D 54 12.04 -18.82 12.27
CA GLY D 54 11.34 -20.10 12.13
C GLY D 54 11.05 -20.45 10.66
N GLN D 55 11.68 -19.76 9.70
CA GLN D 55 11.40 -20.00 8.26
C GLN D 55 12.41 -20.94 7.59
N PHE D 56 13.52 -21.25 8.23
CA PHE D 56 14.66 -21.91 7.55
C PHE D 56 15.32 -23.01 8.43
N GLY D 57 15.91 -24.03 7.78
CA GLY D 57 16.75 -25.00 8.49
C GLY D 57 18.08 -24.30 8.76
N GLU D 58 18.65 -24.57 9.92
CA GLU D 58 19.88 -23.94 10.41
C GLU D 58 21.01 -24.03 9.36
N ALA D 59 21.28 -25.23 8.85
CA ALA D 59 22.46 -25.44 7.99
C ALA D 59 22.26 -24.82 6.60
N ASP D 60 21.03 -24.46 6.23
CA ASP D 60 20.76 -23.93 4.91
C ASP D 60 21.06 -22.40 4.82
N ILE D 61 21.27 -21.74 5.97
CA ILE D 61 21.52 -20.29 5.97
C ILE D 61 23.01 -20.01 5.69
N LYS D 62 23.31 -19.48 4.50
CA LYS D 62 24.71 -19.34 4.04
C LYS D 62 25.02 -17.88 3.78
N SER D 63 25.88 -17.30 4.61
CA SER D 63 26.14 -15.87 4.59
CA SER D 63 26.14 -15.88 4.60
C SER D 63 27.61 -15.59 4.34
N ARG D 64 27.87 -14.43 3.75
CA ARG D 64 29.23 -13.98 3.51
C ARG D 64 29.31 -12.49 3.56
N PHE D 65 30.50 -12.04 3.94
CA PHE D 65 30.79 -10.60 4.12
C PHE D 65 31.94 -10.23 3.23
N VAL D 66 31.75 -9.11 2.52
CA VAL D 66 32.85 -8.55 1.76
CA VAL D 66 32.68 -8.51 1.57
C VAL D 66 33.07 -7.08 2.03
N THR D 67 34.36 -6.76 2.12
CA THR D 67 34.80 -5.37 2.34
C THR D 67 35.10 -4.75 0.99
N LEU D 68 34.48 -3.61 0.73
CA LEU D 68 34.66 -2.90 -0.52
C LEU D 68 35.83 -1.96 -0.40
N GLU D 69 36.86 -2.22 -1.22
CA GLU D 69 38.04 -1.40 -1.20
C GLU D 69 37.98 -0.22 -2.18
N ALA D 70 37.15 -0.33 -3.23
CA ALA D 70 36.96 0.73 -4.21
C ALA D 70 35.49 1.08 -4.31
N TYR D 71 35.15 2.20 -3.70
CA TYR D 71 33.76 2.59 -3.57
C TYR D 71 33.64 4.09 -3.71
N ARG D 72 32.49 4.51 -4.18
CA ARG D 72 32.14 5.93 -4.20
C ARG D 72 30.66 6.11 -3.92
N GLN D 73 30.36 7.13 -3.17
CA GLN D 73 28.98 7.49 -2.89
C GLN D 73 28.68 8.90 -3.30
N GLY D 74 27.73 9.00 -4.21
CA GLY D 74 27.35 10.29 -4.79
C GLY D 74 28.48 10.92 -5.57
N THR D 75 28.46 12.23 -5.56
CA THR D 75 29.48 13.02 -6.28
C THR D 75 30.19 14.01 -5.35
N ALA D 76 29.69 14.21 -4.14
CA ALA D 76 30.22 15.26 -3.24
C ALA D 76 31.56 14.85 -2.67
N ALA D 77 32.41 15.82 -2.33
CA ALA D 77 33.70 15.50 -1.70
C ALA D 77 33.73 14.82 -0.30
C ALA D 77 33.41 15.47 -0.20
N VAL D 78 32.61 14.84 0.38
N VAL D 78 32.71 14.46 0.28
CA VAL D 78 32.47 14.28 1.70
C VAL D 78 32.89 12.82 1.86
N GLU D 79 33.56 12.50 2.94
CA GLU D 79 33.89 11.10 3.23
CA GLU D 79 33.90 11.11 3.23
C GLU D 79 32.66 10.41 3.74
N ARG D 80 32.30 9.29 3.12
CA ARG D 80 31.07 8.58 3.51
C ARG D 80 31.31 7.08 3.54
N ALA D 81 30.55 6.41 4.39
CA ALA D 81 30.58 4.95 4.49
C ALA D 81 29.18 4.41 4.28
N TYR D 82 29.11 3.15 3.80
CA TYR D 82 27.79 2.50 3.68
C TYR D 82 27.88 1.00 3.89
N LEU D 83 26.73 0.43 4.19
CA LEU D 83 26.56 -0.96 4.52
C LEU D 83 25.31 -1.47 3.86
N HIS D 84 25.44 -2.57 3.12
CA HIS D 84 24.32 -3.15 2.33
C HIS D 84 24.28 -4.66 2.44
N ALA D 85 23.08 -5.21 2.46
CA ALA D 85 22.91 -6.65 2.39
C ALA D 85 21.87 -7.03 1.40
N CYS D 86 22.09 -8.17 0.78
CA CYS D 86 21.16 -8.76 -0.14
C CYS D 86 20.87 -10.18 0.30
N LEU D 87 19.62 -10.38 0.73
CA LEU D 87 19.06 -11.68 1.11
C LEU D 87 18.34 -12.30 -0.08
N SER D 88 18.76 -13.48 -0.49
CA SER D 88 18.17 -14.19 -1.59
C SER D 88 17.44 -15.41 -1.05
N ILE D 89 16.14 -15.44 -1.28
CA ILE D 89 15.29 -16.56 -0.91
C ILE D 89 14.61 -17.15 -2.15
N LEU D 90 13.92 -18.30 -2.01
CA LEU D 90 13.17 -18.85 -3.12
C LEU D 90 11.83 -18.12 -3.29
N ASP D 91 11.37 -18.03 -4.53
CA ASP D 91 10.04 -17.46 -4.86
C ASP D 91 8.96 -18.30 -4.17
N GLY D 92 7.79 -17.73 -4.00
CA GLY D 92 6.68 -18.48 -3.40
C GLY D 92 6.22 -17.88 -2.07
N ARG D 93 7.02 -17.02 -1.47
CA ARG D 93 6.61 -16.29 -0.25
C ARG D 93 5.80 -15.03 -0.59
N ASP D 94 5.04 -14.52 0.37
CA ASP D 94 4.28 -13.28 0.13
C ASP D 94 5.07 -12.04 0.51
N ALA D 95 4.50 -10.88 0.19
CA ALA D 95 5.07 -9.57 0.48
C ALA D 95 5.46 -9.35 1.95
N ALA D 96 4.53 -9.64 2.88
CA ALA D 96 4.78 -9.34 4.31
C ALA D 96 5.98 -10.10 4.87
N THR D 97 6.11 -11.34 4.42
CA THR D 97 7.22 -12.23 4.73
C THR D 97 8.57 -11.61 4.34
N ARG D 98 8.65 -11.20 3.08
CA ARG D 98 9.87 -10.61 2.58
C ARG D 98 10.21 -9.32 3.35
N GLN D 99 9.18 -8.50 3.60
CA GLN D 99 9.38 -7.24 4.30
CA GLN D 99 9.36 -7.23 4.31
C GLN D 99 9.93 -7.44 5.72
N ALA D 100 9.38 -8.40 6.45
CA ALA D 100 9.83 -8.72 7.80
C ALA D 100 11.25 -9.20 7.90
N LEU D 101 11.64 -10.03 6.95
CA LEU D 101 13.02 -10.52 6.87
C LEU D 101 13.96 -9.33 6.64
N GLY D 102 13.60 -8.47 5.70
CA GLY D 102 14.41 -7.30 5.40
C GLY D 102 14.58 -6.39 6.59
N GLU D 103 13.47 -6.14 7.30
CA GLU D 103 13.55 -5.25 8.44
CA GLU D 103 13.48 -5.28 8.49
C GLU D 103 14.35 -5.89 9.57
N SER D 104 14.24 -7.20 9.75
CA SER D 104 14.99 -7.89 10.80
CA SER D 104 14.99 -7.89 10.81
C SER D 104 16.50 -7.75 10.54
N LEU D 105 16.89 -7.97 9.30
CA LEU D 105 18.29 -7.82 8.92
C LEU D 105 18.73 -6.37 9.05
N CYS D 106 17.88 -5.44 8.63
CA CYS D 106 18.27 -4.04 8.69
C CYS D 106 18.57 -3.62 10.13
N GLU D 107 17.78 -4.13 11.08
CA GLU D 107 18.00 -3.88 12.49
CA GLU D 107 17.98 -3.91 12.51
C GLU D 107 19.35 -4.42 12.95
N VAL D 108 19.72 -5.61 12.51
CA VAL D 108 20.99 -6.23 12.88
C VAL D 108 22.16 -5.36 12.33
N LEU D 109 22.07 -4.99 11.06
CA LEU D 109 23.12 -4.23 10.37
C LEU D 109 23.29 -2.86 10.98
N ALA D 110 22.17 -2.16 11.15
CA ALA D 110 22.21 -0.82 11.74
C ALA D 110 22.81 -0.81 13.16
N GLY D 111 22.46 -1.82 13.94
CA GLY D 111 22.95 -2.00 15.29
C GLY D 111 24.45 -2.24 15.37
N ALA D 112 25.03 -2.75 14.29
CA ALA D 112 26.46 -3.09 14.24
C ALA D 112 27.33 -1.90 13.84
N VAL D 113 26.71 -0.84 13.32
CA VAL D 113 27.46 0.33 12.86
C VAL D 113 27.96 1.18 14.03
N ALA D 114 29.29 1.33 14.09
CA ALA D 114 29.92 2.21 15.04
C ALA D 114 30.15 3.58 14.44
N GLY D 115 30.44 3.64 13.15
CA GLY D 115 30.68 4.90 12.49
C GLY D 115 31.39 4.67 11.19
N GLY D 116 31.82 5.77 10.57
CA GLY D 116 32.55 5.75 9.29
C GLY D 116 32.27 7.02 8.50
N GLY D 117 33.29 7.54 7.84
CA GLY D 117 33.16 8.78 7.06
C GLY D 117 32.91 9.95 7.96
N GLU D 118 32.46 11.06 7.37
CA GLU D 118 32.24 12.28 8.17
CA GLU D 118 32.27 12.32 8.09
C GLU D 118 30.78 12.64 8.35
N GLU D 119 29.88 11.74 7.99
CA GLU D 119 28.46 11.93 8.25
C GLU D 119 27.76 10.61 8.59
N GLY D 120 26.43 10.60 8.55
CA GLY D 120 25.66 9.39 8.81
C GLY D 120 26.02 8.27 7.87
N VAL D 121 25.70 7.05 8.29
CA VAL D 121 25.97 5.85 7.49
C VAL D 121 24.66 5.28 6.95
N GLN D 122 24.58 5.17 5.62
CA GLN D 122 23.42 4.51 5.01
C GLN D 122 23.52 2.97 5.13
N VAL D 123 22.48 2.39 5.67
CA VAL D 123 22.30 0.93 5.76
C VAL D 123 21.08 0.57 4.91
N SER D 124 21.23 -0.48 4.11
CA SER D 124 20.13 -0.98 3.28
C SER D 124 20.12 -2.48 3.24
N VAL D 125 18.92 -3.04 3.01
CA VAL D 125 18.72 -4.46 2.79
C VAL D 125 17.76 -4.70 1.65
N GLU D 126 18.19 -5.48 0.64
CA GLU D 126 17.31 -5.95 -0.42
C GLU D 126 16.93 -7.40 -0.07
N VAL D 127 15.68 -7.75 -0.29
CA VAL D 127 15.25 -9.13 -0.26
C VAL D 127 14.81 -9.46 -1.69
N ARG D 128 15.48 -10.45 -2.26
CA ARG D 128 15.22 -10.88 -3.64
C ARG D 128 14.83 -12.32 -3.72
N GLU D 129 14.20 -12.65 -4.83
CA GLU D 129 13.66 -13.99 -5.03
C GLU D 129 14.41 -14.74 -6.13
N MSE D 130 14.67 -16.01 -5.86
CA MSE D 130 15.28 -16.91 -6.82
C MSE D 130 14.20 -17.86 -7.35
O MSE D 130 13.28 -18.23 -6.64
CB MSE D 130 16.38 -17.70 -6.12
CG MSE D 130 17.46 -16.84 -5.46
SE MSE D 130 18.94 -17.87 -4.81
CE MSE D 130 18.03 -18.78 -3.35
N GLU D 131 14.31 -18.23 -8.61
CA GLU D 131 13.35 -19.14 -9.25
C GLU D 131 13.51 -20.58 -8.69
N ARG D 132 12.50 -21.02 -7.95
CA ARG D 132 12.45 -22.38 -7.37
CA ARG D 132 12.55 -22.36 -7.35
C ARG D 132 12.63 -23.43 -8.43
N ALA D 133 11.91 -23.25 -9.53
CA ALA D 133 11.87 -24.30 -10.58
C ALA D 133 13.23 -24.60 -11.20
N SER D 134 14.13 -23.63 -11.23
CA SER D 134 15.44 -23.84 -11.83
C SER D 134 16.61 -23.86 -10.83
N TYR D 135 16.30 -23.79 -9.53
CA TYR D 135 17.30 -23.75 -8.48
C TYR D 135 17.81 -25.17 -8.24
N ALA D 136 19.07 -25.45 -8.54
CA ALA D 136 19.62 -26.76 -8.41
C ALA D 136 20.42 -26.82 -7.09
N LYS D 137 20.35 -27.95 -6.38
CA LYS D 137 21.05 -28.10 -5.12
C LYS D 137 21.46 -29.55 -4.91
N ARG D 138 22.57 -29.73 -4.17
CA ARG D 138 23.03 -31.04 -3.77
CA ARG D 138 23.15 -31.04 -3.85
C ARG D 138 23.82 -30.93 -2.51
N VAL D 139 23.82 -32.03 -1.72
CA VAL D 139 24.81 -32.13 -0.64
C VAL D 139 25.84 -33.21 -1.09
N VAL D 140 27.09 -32.82 -1.15
CA VAL D 140 28.17 -33.71 -1.49
C VAL D 140 28.68 -34.25 -0.15
N ALA D 141 28.36 -35.53 0.10
CA ALA D 141 28.63 -36.16 1.39
C ALA D 141 30.12 -36.20 1.66
N ARG D 142 30.46 -36.05 2.94
CA ARG D 142 31.83 -36.21 3.41
C ARG D 142 32.37 -37.57 2.97
N GLN D 143 33.60 -37.57 2.45
CA GLN D 143 34.27 -38.79 1.98
C GLN D 143 35.54 -39.00 2.80
N ASN E 16 13.44 12.33 6.05
CA ASN E 16 13.88 12.91 4.75
C ASN E 16 13.13 12.21 3.64
N LEU E 17 12.23 12.94 2.98
CA LEU E 17 11.31 12.32 2.00
C LEU E 17 11.98 12.05 0.69
N TYR E 18 13.22 12.56 0.54
CA TYR E 18 14.04 12.29 -0.63
C TYR E 18 14.83 10.98 -0.52
N PHE E 19 15.10 10.53 0.71
CA PHE E 19 15.99 9.34 1.00
C PHE E 19 15.38 8.06 0.44
N GLN E 20 16.05 7.47 -0.57
CA GLN E 20 15.67 6.21 -1.21
CA GLN E 20 15.62 6.15 -1.06
C GLN E 20 16.65 5.06 -0.84
N GLY E 21 17.89 5.41 -0.46
CA GLY E 21 18.94 4.43 -0.13
C GLY E 21 19.42 3.58 -1.30
N MSE E 22 19.20 4.08 -2.50
CA MSE E 22 19.63 3.45 -3.75
C MSE E 22 19.69 4.56 -4.83
O MSE E 22 19.09 5.65 -4.64
CB MSE E 22 18.66 2.30 -4.10
CG MSE E 22 17.27 2.76 -4.47
SE MSE E 22 17.09 3.23 -6.38
CE MSE E 22 16.15 4.91 -6.30
N PRO E 23 20.33 4.31 -5.98
CA PRO E 23 20.77 3.05 -6.57
C PRO E 23 22.05 2.43 -6.05
N HIS E 24 22.18 1.12 -6.26
CA HIS E 24 23.43 0.42 -6.04
C HIS E 24 24.03 0.05 -7.38
N LEU E 25 25.32 0.31 -7.54
CA LEU E 25 26.00 -0.01 -8.80
C LEU E 25 27.24 -0.81 -8.51
N VAL E 26 27.35 -1.98 -9.15
CA VAL E 26 28.53 -2.83 -8.97
C VAL E 26 29.23 -2.98 -10.33
N ILE E 27 30.49 -2.56 -10.41
CA ILE E 27 31.26 -2.72 -11.62
C ILE E 27 32.27 -3.84 -11.36
N GLU E 28 32.31 -4.79 -12.27
CA GLU E 28 33.27 -5.90 -12.22
C GLU E 28 34.18 -5.83 -13.45
N ALA E 29 35.49 -5.96 -13.22
CA ALA E 29 36.45 -5.87 -14.32
C ALA E 29 37.49 -6.94 -14.18
N THR E 30 37.75 -7.69 -15.26
CA THR E 30 38.79 -8.70 -15.18
C THR E 30 40.12 -7.98 -14.85
N ALA E 31 41.03 -8.66 -14.13
CA ALA E 31 42.22 -7.99 -13.62
C ALA E 31 43.12 -7.53 -14.81
N ASN E 32 42.96 -8.13 -15.99
CA ASN E 32 43.76 -7.73 -17.19
C ASN E 32 43.11 -6.62 -18.03
N LEU E 33 42.03 -6.07 -17.53
CA LEU E 33 41.37 -4.97 -18.17
C LEU E 33 42.17 -3.70 -17.88
N ARG E 34 42.48 -2.93 -18.92
CA ARG E 34 43.20 -1.66 -18.74
C ARG E 34 42.24 -0.50 -18.92
N LEU E 35 42.29 0.42 -17.96
CA LEU E 35 41.39 1.54 -17.92
C LEU E 35 42.15 2.80 -18.30
N GLU E 36 41.42 3.76 -18.88
CA GLU E 36 42.00 5.07 -19.21
C GLU E 36 42.37 5.83 -17.94
N THR E 37 41.66 5.58 -16.85
CA THR E 37 41.89 6.32 -15.63
C THR E 37 41.91 5.19 -14.58
C THR E 37 42.32 5.43 -14.48
N SER E 38 41.69 5.49 -13.33
N SER E 38 41.53 5.38 -13.42
CA SER E 38 41.72 4.49 -12.29
C SER E 38 40.34 3.94 -11.97
N PRO E 39 40.27 2.81 -11.25
CA PRO E 39 38.92 2.35 -10.84
C PRO E 39 38.12 3.42 -10.07
N GLY E 40 38.78 4.13 -9.16
CA GLY E 40 38.17 5.22 -8.42
C GLY E 40 37.60 6.31 -9.31
N GLU E 41 38.38 6.73 -10.30
N GLU E 41 38.38 6.73 -10.30
CA GLU E 41 37.91 7.74 -11.25
CA GLU E 41 37.91 7.76 -11.22
C GLU E 41 36.74 7.25 -12.10
C GLU E 41 36.74 7.25 -12.08
N LEU E 42 36.78 5.97 -12.47
CA LEU E 42 35.68 5.36 -13.18
C LEU E 42 34.38 5.37 -12.34
N LEU E 43 34.47 5.03 -11.06
CA LEU E 43 33.29 5.14 -10.18
C LEU E 43 32.77 6.59 -10.10
N GLU E 44 33.66 7.54 -10.05
CA GLU E 44 33.27 8.96 -9.98
C GLU E 44 32.51 9.38 -11.25
N GLN E 45 32.99 8.94 -12.40
CA GLN E 45 32.35 9.16 -13.70
CA GLN E 45 32.34 9.22 -13.68
C GLN E 45 30.98 8.52 -13.76
N ALA E 46 30.92 7.26 -13.33
CA ALA E 46 29.64 6.52 -13.28
C ALA E 46 28.61 7.22 -12.38
N ASN E 47 29.04 7.64 -11.19
CA ASN E 47 28.16 8.35 -10.25
C ASN E 47 27.71 9.67 -10.82
N ALA E 48 28.63 10.39 -11.46
CA ALA E 48 28.28 11.65 -12.11
C ALA E 48 27.25 11.47 -13.24
N ALA E 49 27.42 10.45 -14.07
CA ALA E 49 26.41 10.09 -15.07
C ALA E 49 25.03 9.76 -14.48
N LEU E 50 25.00 8.95 -13.44
CA LEU E 50 23.75 8.63 -12.77
C LEU E 50 23.13 9.88 -12.19
N PHE E 51 23.94 10.73 -11.55
CA PHE E 51 23.38 11.95 -10.93
C PHE E 51 22.80 12.91 -11.99
N ALA E 52 23.47 12.95 -13.14
CA ALA E 52 23.09 13.81 -14.25
C ALA E 52 21.77 13.46 -14.87
N SER E 53 21.31 12.22 -14.70
CA SER E 53 20.01 11.74 -15.13
C SER E 53 18.81 12.43 -14.48
N GLY E 54 19.02 13.08 -13.34
CA GLY E 54 17.96 13.74 -12.62
C GLY E 54 17.05 12.77 -11.86
N GLN E 55 17.43 11.48 -11.80
CA GLN E 55 16.55 10.46 -11.23
C GLN E 55 16.76 10.21 -9.73
N PHE E 56 17.89 10.68 -9.16
CA PHE E 56 18.35 10.26 -7.85
C PHE E 56 18.92 11.40 -6.98
N GLY E 57 18.76 11.31 -5.68
CA GLY E 57 19.47 12.19 -4.77
C GLY E 57 20.95 11.82 -4.77
N GLU E 58 21.82 12.83 -4.68
CA GLU E 58 23.25 12.67 -4.79
C GLU E 58 23.78 11.61 -3.82
N ALA E 59 23.39 11.72 -2.54
CA ALA E 59 23.98 10.86 -1.52
C ALA E 59 23.54 9.39 -1.61
N ASP E 60 22.45 9.12 -2.33
CA ASP E 60 21.85 7.78 -2.43
C ASP E 60 22.59 6.88 -3.45
N ILE E 61 23.49 7.44 -4.28
CA ILE E 61 24.11 6.70 -5.38
C ILE E 61 25.33 5.99 -4.79
N LYS E 62 25.27 4.68 -4.68
CA LYS E 62 26.30 3.94 -3.99
C LYS E 62 26.94 2.94 -4.94
N SER E 63 28.21 3.16 -5.24
CA SER E 63 28.87 2.37 -6.27
CA SER E 63 28.88 2.39 -6.27
C SER E 63 30.13 1.69 -5.74
N ARG E 64 30.46 0.56 -6.34
CA ARG E 64 31.66 -0.18 -5.95
C ARG E 64 32.24 -0.87 -7.18
N PHE E 65 33.57 -1.00 -7.17
CA PHE E 65 34.34 -1.61 -8.26
C PHE E 65 35.07 -2.83 -7.72
N VAL E 66 34.95 -3.93 -8.46
N VAL E 66 34.91 -3.98 -8.35
CA VAL E 66 35.50 -5.22 -8.07
CA VAL E 66 35.64 -5.18 -7.93
C VAL E 66 36.49 -5.68 -9.17
C VAL E 66 36.44 -5.81 -9.07
N THR E 67 37.70 -6.05 -8.79
CA THR E 67 38.60 -6.69 -9.71
C THR E 67 38.40 -8.21 -9.65
N LEU E 68 38.18 -8.82 -10.81
CA LEU E 68 38.00 -10.26 -10.92
C LEU E 68 39.36 -10.87 -11.16
N GLU E 69 39.91 -11.61 -10.17
CA GLU E 69 41.20 -12.20 -10.35
C GLU E 69 41.15 -13.59 -10.99
N ALA E 70 40.01 -14.26 -10.88
CA ALA E 70 39.82 -15.59 -11.41
C ALA E 70 38.64 -15.60 -12.35
N TYR E 71 38.96 -15.64 -13.63
CA TYR E 71 37.94 -15.41 -14.68
C TYR E 71 38.31 -16.26 -15.89
N ARG E 72 37.27 -16.64 -16.64
CA ARG E 72 37.43 -17.34 -17.90
C ARG E 72 36.32 -16.89 -18.81
N GLN E 73 36.67 -16.74 -20.08
CA GLN E 73 35.69 -16.27 -21.07
C GLN E 73 35.75 -17.25 -22.21
N GLY E 74 34.62 -17.89 -22.45
CA GLY E 74 34.56 -18.90 -23.46
C GLY E 74 35.44 -20.10 -23.14
N THR E 75 35.89 -20.72 -24.23
CA THR E 75 36.73 -21.91 -24.19
C THR E 75 38.03 -21.76 -24.96
N ALA E 76 38.14 -20.73 -25.81
CA ALA E 76 39.29 -20.46 -26.67
C ALA E 76 40.52 -20.11 -25.84
N ALA E 77 41.73 -20.44 -26.31
CA ALA E 77 42.93 -19.98 -25.56
C ALA E 77 43.33 -18.68 -26.28
C ALA E 77 43.30 -18.46 -25.57
N VAL E 78 42.57 -17.60 -26.08
N VAL E 78 42.67 -17.70 -26.46
CA VAL E 78 42.89 -16.26 -26.58
C VAL E 78 42.90 -15.47 -25.27
N GLU E 79 43.81 -14.52 -25.05
CA GLU E 79 43.67 -13.64 -23.88
CA GLU E 79 43.70 -13.65 -23.89
C GLU E 79 42.51 -12.69 -24.16
N ARG E 80 41.60 -12.59 -23.20
CA ARG E 80 40.45 -11.66 -23.31
C ARG E 80 40.21 -10.99 -21.97
N ALA E 81 39.62 -9.81 -22.02
CA ALA E 81 39.18 -9.06 -20.82
C ALA E 81 37.72 -8.70 -21.01
N TYR E 82 37.01 -8.49 -19.90
CA TYR E 82 35.65 -8.01 -19.97
C TYR E 82 35.34 -7.11 -18.78
N LEU E 83 34.27 -6.33 -18.96
CA LEU E 83 33.89 -5.26 -18.02
C LEU E 83 32.37 -5.33 -17.93
N HIS E 84 31.81 -5.44 -16.72
CA HIS E 84 30.37 -5.59 -16.56
C HIS E 84 29.88 -4.74 -15.41
N ALA E 85 28.71 -4.15 -15.53
CA ALA E 85 28.10 -3.43 -14.42
C ALA E 85 26.67 -3.90 -14.22
N CYS E 86 26.25 -3.88 -12.98
CA CYS E 86 24.92 -4.21 -12.61
C CYS E 86 24.39 -3.05 -11.78
N LEU E 87 23.44 -2.33 -12.34
CA LEU E 87 22.74 -1.23 -11.64
C LEU E 87 21.41 -1.76 -11.06
N SER E 88 21.23 -1.61 -9.76
CA SER E 88 20.07 -2.04 -9.05
C SER E 88 19.25 -0.81 -8.60
N ILE E 89 18.06 -0.69 -9.13
CA ILE E 89 17.14 0.36 -8.77
C ILE E 89 15.86 -0.21 -8.21
N LEU E 90 15.00 0.60 -7.61
CA LEU E 90 13.74 0.10 -7.09
C LEU E 90 12.74 -0.17 -8.23
N ASP E 91 11.84 -1.11 -8.00
CA ASP E 91 10.80 -1.43 -8.98
C ASP E 91 9.88 -0.20 -9.10
N GLY E 92 9.09 -0.15 -10.16
CA GLY E 92 8.10 0.91 -10.32
C GLY E 92 8.44 1.90 -11.40
N ARG E 93 9.64 1.77 -11.97
CA ARG E 93 10.01 2.62 -13.13
C ARG E 93 9.61 1.83 -14.38
N ASP E 94 9.57 2.50 -15.53
CA ASP E 94 9.21 1.87 -16.79
C ASP E 94 10.43 1.46 -17.63
N ALA E 95 10.19 0.68 -18.67
CA ALA E 95 11.25 0.09 -19.48
C ALA E 95 12.19 1.12 -20.07
N ALA E 96 11.65 2.21 -20.60
CA ALA E 96 12.45 3.28 -21.25
C ALA E 96 13.48 3.89 -20.31
N THR E 97 13.06 4.11 -19.07
CA THR E 97 13.89 4.65 -18.01
C THR E 97 15.08 3.70 -17.75
N ARG E 98 14.76 2.44 -17.53
CA ARG E 98 15.79 1.45 -17.27
C ARG E 98 16.79 1.34 -18.45
N GLN E 99 16.27 1.34 -19.68
CA GLN E 99 17.14 1.21 -20.85
CA GLN E 99 17.14 1.23 -20.87
C GLN E 99 18.10 2.40 -20.97
N ALA E 100 17.58 3.61 -20.74
CA ALA E 100 18.39 4.81 -20.80
C ALA E 100 19.55 4.79 -19.80
N LEU E 101 19.26 4.35 -18.59
CA LEU E 101 20.21 4.28 -17.50
C LEU E 101 21.32 3.28 -17.89
N GLY E 102 20.93 2.15 -18.43
CA GLY E 102 21.89 1.14 -18.88
C GLY E 102 22.80 1.69 -19.98
N GLU E 103 22.24 2.39 -20.96
CA GLU E 103 23.00 2.92 -22.09
CA GLU E 103 23.04 2.86 -22.09
C GLU E 103 23.98 4.00 -21.63
N SER E 104 23.52 4.85 -20.71
CA SER E 104 24.38 5.86 -20.12
CA SER E 104 24.37 5.87 -20.12
C SER E 104 25.60 5.24 -19.45
N LEU E 105 25.37 4.25 -18.59
CA LEU E 105 26.49 3.58 -17.95
C LEU E 105 27.39 2.86 -18.98
N CYS E 106 26.78 2.25 -19.96
CA CYS E 106 27.55 1.53 -20.96
C CYS E 106 28.49 2.49 -21.71
N GLU E 107 28.02 3.71 -21.99
CA GLU E 107 28.87 4.72 -22.62
CA GLU E 107 28.85 4.77 -22.61
C GLU E 107 30.03 5.10 -21.70
N VAL E 108 29.76 5.25 -20.39
CA VAL E 108 30.83 5.55 -19.44
C VAL E 108 31.91 4.45 -19.41
N LEU E 109 31.47 3.21 -19.27
CA LEU E 109 32.33 2.07 -19.15
C LEU E 109 33.12 1.85 -20.44
N ALA E 110 32.43 1.88 -21.58
CA ALA E 110 33.08 1.70 -22.89
C ALA E 110 34.17 2.71 -23.10
N GLY E 111 33.88 3.98 -22.76
CA GLY E 111 34.83 5.06 -22.86
C GLY E 111 36.02 4.94 -21.92
N ALA E 112 35.86 4.16 -20.85
CA ALA E 112 36.93 3.97 -19.90
C ALA E 112 37.93 2.90 -20.31
N VAL E 113 37.59 2.08 -21.32
CA VAL E 113 38.45 0.96 -21.68
C VAL E 113 39.62 1.41 -22.50
N ALA E 114 40.83 1.20 -21.97
CA ALA E 114 42.05 1.39 -22.75
C ALA E 114 42.42 0.14 -23.55
N GLY E 115 42.10 -1.02 -23.02
CA GLY E 115 42.25 -2.29 -23.74
C GLY E 115 42.27 -3.44 -22.77
N GLY E 116 42.55 -4.62 -23.28
CA GLY E 116 42.56 -5.82 -22.44
C GLY E 116 42.55 -6.99 -23.36
N GLY E 117 43.38 -7.99 -23.08
CA GLY E 117 43.46 -9.17 -23.94
C GLY E 117 43.95 -8.89 -25.35
N GLU E 118 43.75 -9.86 -26.24
CA GLU E 118 44.27 -9.79 -27.62
CA GLU E 118 44.27 -9.79 -27.62
C GLU E 118 43.19 -9.49 -28.65
N GLU E 119 41.98 -9.18 -28.19
CA GLU E 119 40.89 -8.82 -29.10
C GLU E 119 40.03 -7.76 -28.42
N GLY E 120 38.87 -7.50 -29.00
CA GLY E 120 37.94 -6.56 -28.42
C GLY E 120 37.57 -6.89 -26.99
N VAL E 121 37.16 -5.88 -26.25
CA VAL E 121 36.73 -6.05 -24.88
C VAL E 121 35.20 -5.95 -24.85
N GLN E 122 34.53 -6.96 -24.31
CA GLN E 122 33.08 -6.93 -24.11
C GLN E 122 32.76 -6.10 -22.88
N VAL E 123 31.89 -5.13 -23.09
CA VAL E 123 31.36 -4.29 -22.02
C VAL E 123 29.85 -4.53 -21.96
N SER E 124 29.32 -4.72 -20.75
CA SER E 124 27.88 -4.96 -20.60
C SER E 124 27.35 -4.27 -19.36
N VAL E 125 26.05 -3.90 -19.41
CA VAL E 125 25.36 -3.37 -18.26
C VAL E 125 23.97 -3.95 -18.11
N GLU E 126 23.71 -4.55 -16.96
CA GLU E 126 22.37 -4.99 -16.60
C GLU E 126 21.77 -3.89 -15.71
N VAL E 127 20.47 -3.64 -15.90
CA VAL E 127 19.69 -2.88 -14.94
C VAL E 127 18.61 -3.78 -14.36
N ARG E 128 18.64 -3.96 -13.03
CA ARG E 128 17.72 -4.83 -12.39
C ARG E 128 16.92 -4.08 -11.35
N GLU E 129 15.79 -4.68 -10.96
CA GLU E 129 14.84 -4.04 -10.04
C GLU E 129 14.80 -4.75 -8.69
N MSE E 130 14.81 -3.96 -7.64
CA MSE E 130 14.65 -4.44 -6.28
C MSE E 130 13.23 -4.16 -5.84
O MSE E 130 12.65 -3.12 -6.17
CB MSE E 130 15.63 -3.72 -5.36
CG MSE E 130 17.08 -3.78 -5.85
SE MSE E 130 18.31 -3.04 -4.56
CE MSE E 130 17.84 -1.15 -4.81
N GLU E 131 12.64 -5.08 -5.10
CA GLU E 131 11.31 -4.90 -4.57
C GLU E 131 11.24 -3.76 -3.54
N ARG E 132 10.57 -2.65 -3.87
CA ARG E 132 10.51 -1.54 -2.93
CA ARG E 132 10.54 -1.53 -2.93
C ARG E 132 9.78 -1.91 -1.65
N ALA E 133 8.74 -2.74 -1.75
CA ALA E 133 7.94 -3.18 -0.58
C ALA E 133 8.74 -3.85 0.55
N SER E 134 9.82 -4.56 0.20
CA SER E 134 10.66 -5.26 1.18
C SER E 134 12.05 -4.62 1.37
N TYR E 135 12.33 -3.54 0.64
CA TYR E 135 13.64 -2.86 0.73
C TYR E 135 13.73 -2.05 2.02
N ALA E 136 14.66 -2.39 2.87
CA ALA E 136 14.79 -1.73 4.18
C ALA E 136 15.95 -0.76 4.09
N LYS E 137 15.82 0.41 4.71
CA LYS E 137 16.87 1.42 4.72
C LYS E 137 16.86 2.21 6.00
N ARG E 138 18.02 2.72 6.38
CA ARG E 138 18.21 3.47 7.62
C ARG E 138 19.44 4.34 7.45
N VAL E 139 19.46 5.51 8.09
CA VAL E 139 20.68 6.26 8.24
C VAL E 139 21.03 6.17 9.71
N VAL E 140 22.23 5.69 10.00
CA VAL E 140 22.74 5.60 11.35
C VAL E 140 23.56 6.87 11.54
N ALA E 141 23.04 7.74 12.42
CA ALA E 141 23.55 9.09 12.60
C ALA E 141 24.97 9.07 13.12
N ARG E 142 25.77 10.08 12.75
CA ARG E 142 27.15 10.21 13.22
CA ARG E 142 27.15 10.22 13.22
C ARG E 142 27.19 10.46 14.72
N GLU F 15 26.64 -5.33 -36.38
CA GLU F 15 27.40 -6.14 -37.37
C GLU F 15 27.43 -7.61 -36.93
N ASN F 16 27.76 -7.92 -35.66
CA ASN F 16 27.82 -9.36 -35.22
C ASN F 16 26.49 -9.82 -34.68
N LEU F 17 25.78 -10.60 -35.51
CA LEU F 17 24.42 -11.01 -35.20
C LEU F 17 24.36 -12.06 -34.10
N TYR F 18 25.50 -12.69 -33.81
CA TYR F 18 25.58 -13.68 -32.75
C TYR F 18 25.83 -13.09 -31.37
N PHE F 19 26.29 -11.85 -31.32
CA PHE F 19 26.74 -11.22 -30.05
C PHE F 19 25.53 -10.94 -29.15
N GLN F 20 25.56 -11.57 -27.98
CA GLN F 20 24.56 -11.37 -26.92
C GLN F 20 25.18 -10.79 -25.64
N GLY F 21 26.51 -10.86 -25.49
CA GLY F 21 27.19 -10.34 -24.28
C GLY F 21 26.86 -11.00 -22.96
N MSE F 22 26.42 -12.24 -23.02
CA MSE F 22 26.04 -13.04 -21.83
C MSE F 22 26.04 -14.51 -22.35
O MSE F 22 26.05 -14.72 -23.59
CB MSE F 22 24.71 -12.55 -21.26
CG MSE F 22 23.53 -12.79 -22.17
SE MSE F 22 22.74 -14.59 -21.97
CE MSE F 22 22.41 -15.01 -23.84
N PRO F 23 26.04 -15.53 -21.45
CA PRO F 23 25.77 -15.48 -20.01
C PRO F 23 26.93 -14.99 -19.12
N HIS F 24 26.55 -14.52 -17.91
CA HIS F 24 27.45 -14.24 -16.81
C HIS F 24 27.28 -15.35 -15.76
N LEU F 25 28.40 -15.88 -15.31
CA LEU F 25 28.42 -16.93 -14.31
C LEU F 25 29.37 -16.53 -13.18
N VAL F 26 28.84 -16.48 -11.98
CA VAL F 26 29.61 -16.17 -10.76
C VAL F 26 29.59 -17.39 -9.82
N ILE F 27 30.76 -17.94 -9.52
CA ILE F 27 30.92 -19.05 -8.61
C ILE F 27 31.60 -18.53 -7.34
N GLU F 28 30.96 -18.82 -6.20
CA GLU F 28 31.47 -18.45 -4.89
C GLU F 28 31.77 -19.74 -4.09
N ALA F 29 32.93 -19.78 -3.47
CA ALA F 29 33.37 -20.94 -2.69
C ALA F 29 33.98 -20.44 -1.38
N THR F 30 33.56 -21.08 -0.30
CA THR F 30 34.18 -20.80 0.97
C THR F 30 35.70 -21.17 0.94
N ALA F 31 36.54 -20.43 1.67
CA ALA F 31 38.02 -20.58 1.58
C ALA F 31 38.53 -21.95 2.08
N ASN F 32 37.69 -22.65 2.83
CA ASN F 32 37.96 -24.00 3.34
C ASN F 32 37.55 -25.13 2.39
N LEU F 33 36.89 -24.78 1.28
CA LEU F 33 36.46 -25.78 0.32
C LEU F 33 37.66 -26.37 -0.38
N ARG F 34 37.65 -27.70 -0.56
CA ARG F 34 38.65 -28.40 -1.34
C ARG F 34 37.99 -28.90 -2.61
N LEU F 35 38.65 -28.62 -3.74
CA LEU F 35 38.16 -29.05 -5.03
C LEU F 35 39.07 -30.09 -5.66
N GLU F 36 38.57 -30.76 -6.66
CA GLU F 36 39.33 -31.80 -7.38
C GLU F 36 40.29 -31.18 -8.37
N THR F 37 40.12 -29.90 -8.69
CA THR F 37 40.94 -29.20 -9.63
C THR F 37 41.18 -27.76 -9.10
N SER F 38 41.94 -26.97 -9.81
CA SER F 38 42.11 -25.58 -9.43
C SER F 38 40.78 -24.85 -9.72
N PRO F 39 40.55 -23.71 -9.08
CA PRO F 39 39.37 -22.83 -9.47
C PRO F 39 39.37 -22.47 -10.96
N GLY F 40 40.54 -22.22 -11.52
CA GLY F 40 40.65 -21.86 -12.95
C GLY F 40 40.15 -22.98 -13.82
N GLU F 41 40.52 -24.21 -13.48
CA GLU F 41 40.07 -25.35 -14.31
CA GLU F 41 40.09 -25.38 -14.24
C GLU F 41 38.58 -25.61 -14.06
N LEU F 42 38.09 -25.36 -12.87
CA LEU F 42 36.65 -25.43 -12.65
C LEU F 42 35.88 -24.43 -13.53
N LEU F 43 36.38 -23.19 -13.65
CA LEU F 43 35.77 -22.22 -14.56
C LEU F 43 35.78 -22.74 -15.98
N GLU F 44 36.88 -23.34 -16.38
CA GLU F 44 37.01 -23.90 -17.72
C GLU F 44 35.97 -24.98 -17.97
N GLN F 45 35.75 -25.84 -16.98
CA GLN F 45 34.80 -26.92 -17.11
CA GLN F 45 34.79 -26.92 -17.07
C GLN F 45 33.37 -26.36 -17.16
N ALA F 46 33.07 -25.37 -16.30
CA ALA F 46 31.75 -24.71 -16.31
C ALA F 46 31.49 -24.08 -17.67
N ASN F 47 32.47 -23.35 -18.21
CA ASN F 47 32.33 -22.73 -19.53
C ASN F 47 32.16 -23.76 -20.62
N ALA F 48 32.95 -24.84 -20.55
CA ALA F 48 32.77 -25.98 -21.45
C ALA F 48 31.37 -26.57 -21.43
N ALA F 49 30.80 -26.78 -20.24
CA ALA F 49 29.48 -27.30 -20.08
C ALA F 49 28.44 -26.36 -20.66
N LEU F 50 28.60 -25.06 -20.42
CA LEU F 50 27.70 -24.06 -20.95
C LEU F 50 27.78 -24.04 -22.49
N PHE F 51 28.99 -24.06 -23.01
CA PHE F 51 29.19 -24.04 -24.48
C PHE F 51 28.59 -25.30 -25.13
N ALA F 52 28.72 -26.43 -24.44
CA ALA F 52 28.20 -27.72 -24.92
C ALA F 52 26.68 -27.75 -25.12
N SER F 53 25.97 -26.85 -24.45
CA SER F 53 24.56 -26.69 -24.60
C SER F 53 24.10 -26.26 -26.00
N GLY F 54 25.01 -25.68 -26.78
CA GLY F 54 24.66 -25.14 -28.08
C GLY F 54 23.86 -23.85 -28.00
N GLN F 55 23.74 -23.20 -26.84
CA GLN F 55 22.89 -22.01 -26.71
C GLN F 55 23.62 -20.71 -26.89
N PHE F 56 24.95 -20.75 -26.84
CA PHE F 56 25.72 -19.51 -26.75
C PHE F 56 26.94 -19.48 -27.65
N GLY F 57 27.32 -18.30 -28.13
CA GLY F 57 28.63 -18.17 -28.77
C GLY F 57 29.69 -18.26 -27.68
N GLU F 58 30.84 -18.84 -27.98
CA GLU F 58 31.75 -19.13 -26.87
C GLU F 58 32.32 -17.87 -26.26
N ALA F 59 32.56 -16.83 -27.06
CA ALA F 59 33.16 -15.62 -26.47
C ALA F 59 32.20 -14.89 -25.50
N ASP F 60 30.90 -15.21 -25.55
CA ASP F 60 29.89 -14.52 -24.78
C ASP F 60 29.80 -15.08 -23.34
N ILE F 61 30.41 -16.25 -23.13
CA ILE F 61 30.32 -16.94 -21.86
C ILE F 61 31.37 -16.38 -20.91
N LYS F 62 30.94 -15.61 -19.91
CA LYS F 62 31.86 -14.86 -19.06
C LYS F 62 31.70 -15.25 -17.62
N SER F 63 32.73 -15.92 -17.07
CA SER F 63 32.65 -16.53 -15.74
CA SER F 63 32.63 -16.52 -15.76
C SER F 63 33.74 -16.01 -14.82
N ARG F 64 33.45 -16.05 -13.53
CA ARG F 64 34.39 -15.62 -12.51
C ARG F 64 34.16 -16.43 -11.25
N PHE F 65 35.26 -16.62 -10.51
CA PHE F 65 35.29 -17.39 -9.27
C PHE F 65 35.75 -16.52 -8.14
N VAL F 66 35.01 -16.53 -7.03
CA VAL F 66 35.28 -15.71 -5.84
C VAL F 66 35.45 -16.59 -4.62
N THR F 67 36.59 -16.49 -3.93
CA THR F 67 36.83 -17.20 -2.70
C THR F 67 36.32 -16.35 -1.56
N LEU F 68 35.49 -16.93 -0.73
CA LEU F 68 34.90 -16.20 0.40
C LEU F 68 35.76 -16.42 1.64
N GLU F 69 36.37 -15.35 2.16
CA GLU F 69 37.18 -15.48 3.39
C GLU F 69 36.39 -15.27 4.66
N ALA F 70 35.25 -14.58 4.58
CA ALA F 70 34.43 -14.27 5.73
C ALA F 70 33.01 -14.79 5.43
N TYR F 71 32.68 -15.91 6.08
CA TYR F 71 31.47 -16.67 5.77
C TYR F 71 31.01 -17.35 7.06
N ARG F 72 29.73 -17.53 7.14
CA ARG F 72 29.09 -18.33 8.21
C ARG F 72 27.93 -19.11 7.61
N GLN F 73 27.72 -20.31 8.12
CA GLN F 73 26.64 -21.14 7.67
C GLN F 73 25.88 -21.59 8.89
N GLY F 74 24.61 -21.20 8.96
CA GLY F 74 23.83 -21.44 10.12
C GLY F 74 24.34 -20.80 11.39
N THR F 75 24.05 -21.49 12.49
CA THR F 75 24.38 -21.03 13.83
C THR F 75 25.26 -22.03 14.62
N ALA F 76 25.35 -23.27 14.15
CA ALA F 76 26.04 -24.35 14.88
C ALA F 76 27.54 -24.11 14.87
N ALA F 77 28.23 -24.64 15.89
CA ALA F 77 29.66 -24.43 15.98
C ALA F 77 30.24 -25.69 15.35
C ALA F 77 30.59 -25.20 14.98
N VAL F 78 30.11 -25.87 14.06
N VAL F 78 30.01 -26.13 14.28
CA VAL F 78 30.72 -27.00 13.34
C VAL F 78 31.27 -26.31 12.08
N GLU F 79 32.46 -26.73 11.67
CA GLU F 79 33.04 -26.20 10.42
CA GLU F 79 33.08 -26.24 10.44
C GLU F 79 32.33 -26.80 9.23
N ARG F 80 31.94 -25.90 8.33
CA ARG F 80 31.23 -26.28 7.11
C ARG F 80 31.81 -25.53 5.94
N ALA F 81 31.69 -26.12 4.77
CA ALA F 81 32.05 -25.44 3.51
C ALA F 81 30.83 -25.42 2.57
N TYR F 82 30.79 -24.42 1.69
CA TYR F 82 29.77 -24.37 0.66
C TYR F 82 30.25 -23.79 -0.63
N LEU F 83 29.49 -24.11 -1.69
CA LEU F 83 29.81 -23.75 -3.07
C LEU F 83 28.49 -23.34 -3.75
N HIS F 84 28.47 -22.14 -4.32
CA HIS F 84 27.26 -21.58 -4.94
C HIS F 84 27.57 -20.95 -6.26
N ALA F 85 26.68 -21.06 -7.24
CA ALA F 85 26.85 -20.36 -8.48
C ALA F 85 25.57 -19.65 -8.86
N CYS F 86 25.73 -18.53 -9.55
CA CYS F 86 24.63 -17.75 -10.07
C CYS F 86 24.89 -17.54 -11.55
N LEU F 87 24.04 -18.14 -12.38
CA LEU F 87 24.10 -17.98 -13.82
C LEU F 87 23.06 -16.92 -14.22
N SER F 88 23.48 -15.84 -14.87
CA SER F 88 22.53 -14.80 -15.32
C SER F 88 22.44 -14.87 -16.85
N ILE F 89 21.21 -15.06 -17.34
CA ILE F 89 20.96 -15.08 -18.75
C ILE F 89 19.86 -14.04 -19.09
N LEU F 90 19.71 -13.70 -20.36
CA LEU F 90 18.64 -12.80 -20.76
C LEU F 90 17.28 -13.47 -20.66
N ASP F 91 16.28 -12.69 -20.31
CA ASP F 91 14.89 -13.12 -20.29
CA ASP F 91 14.95 -13.23 -20.26
C ASP F 91 14.51 -13.61 -21.70
N GLY F 92 13.51 -14.45 -21.78
CA GLY F 92 13.00 -14.96 -23.08
C GLY F 92 13.06 -16.46 -23.22
N ARG F 93 13.84 -17.15 -22.38
CA ARG F 93 13.93 -18.62 -22.44
C ARG F 93 12.83 -19.23 -21.58
N ASP F 94 12.48 -20.48 -21.86
CA ASP F 94 11.46 -21.14 -21.06
C ASP F 94 11.98 -21.80 -19.80
N ALA F 95 11.03 -22.21 -18.96
CA ALA F 95 11.35 -22.80 -17.68
C ALA F 95 12.27 -24.01 -17.81
N ALA F 96 11.97 -24.90 -18.77
CA ALA F 96 12.76 -26.11 -19.02
C ALA F 96 14.21 -25.76 -19.35
N THR F 97 14.41 -24.76 -20.21
CA THR F 97 15.76 -24.30 -20.58
C THR F 97 16.55 -23.84 -19.32
N ARG F 98 15.93 -22.99 -18.52
CA ARG F 98 16.56 -22.49 -17.29
C ARG F 98 16.88 -23.63 -16.32
N GLN F 99 15.96 -24.57 -16.15
CA GLN F 99 16.20 -25.69 -15.25
CA GLN F 99 16.19 -25.72 -15.26
C GLN F 99 17.35 -26.55 -15.74
N ALA F 100 17.38 -26.81 -17.06
CA ALA F 100 18.46 -27.65 -17.62
C ALA F 100 19.84 -27.01 -17.43
N LEU F 101 19.95 -25.69 -17.66
CA LEU F 101 21.20 -24.98 -17.46
C LEU F 101 21.67 -25.09 -16.01
N GLY F 102 20.77 -24.92 -15.06
CA GLY F 102 21.15 -25.00 -13.66
C GLY F 102 21.64 -26.37 -13.29
N GLU F 103 20.93 -27.39 -13.76
CA GLU F 103 21.31 -28.77 -13.39
CA GLU F 103 21.27 -28.78 -13.44
C GLU F 103 22.63 -29.14 -14.00
N SER F 104 22.88 -28.74 -15.23
CA SER F 104 24.17 -28.97 -15.88
CA SER F 104 24.18 -28.99 -15.86
C SER F 104 25.32 -28.36 -15.02
N LEU F 105 25.14 -27.13 -14.57
CA LEU F 105 26.17 -26.49 -13.79
C LEU F 105 26.29 -27.16 -12.45
N CYS F 106 25.17 -27.53 -11.87
CA CYS F 106 25.21 -28.18 -10.56
C CYS F 106 26.00 -29.50 -10.61
N GLU F 107 25.86 -30.23 -11.73
CA GLU F 107 26.62 -31.44 -11.98
CA GLU F 107 26.60 -31.46 -11.89
C GLU F 107 28.12 -31.17 -11.98
N VAL F 108 28.52 -30.13 -12.70
CA VAL F 108 29.93 -29.74 -12.78
C VAL F 108 30.47 -29.39 -11.41
N LEU F 109 29.73 -28.53 -10.70
CA LEU F 109 30.17 -28.02 -9.39
CA LEU F 109 30.18 -28.03 -9.41
C LEU F 109 30.25 -29.12 -8.35
N ALA F 110 29.18 -29.91 -8.26
CA ALA F 110 29.12 -31.01 -7.25
C ALA F 110 30.27 -31.99 -7.54
N GLY F 111 30.50 -32.27 -8.84
CA GLY F 111 31.58 -33.16 -9.28
C GLY F 111 32.95 -32.71 -8.90
N ALA F 112 33.14 -31.41 -8.73
CA ALA F 112 34.44 -30.77 -8.41
C ALA F 112 34.77 -30.79 -6.92
N VAL F 113 33.77 -31.09 -6.08
CA VAL F 113 33.95 -30.98 -4.64
C VAL F 113 34.71 -32.20 -4.11
N ALA F 114 35.82 -31.93 -3.49
CA ALA F 114 36.61 -33.00 -2.85
C ALA F 114 36.31 -33.08 -1.35
N GLY F 115 35.97 -31.97 -0.72
CA GLY F 115 35.60 -31.97 0.69
C GLY F 115 35.70 -30.58 1.28
N GLY F 116 35.49 -30.47 2.56
CA GLY F 116 35.62 -29.17 3.24
C GLY F 116 34.75 -29.22 4.48
N GLY F 117 35.28 -28.70 5.57
CA GLY F 117 34.59 -28.72 6.85
C GLY F 117 34.43 -30.13 7.41
N GLU F 118 33.53 -30.28 8.38
CA GLU F 118 33.33 -31.49 9.17
CA GLU F 118 33.41 -31.58 9.03
C GLU F 118 32.08 -32.25 8.75
N GLU F 119 31.35 -31.76 7.74
CA GLU F 119 30.17 -32.45 7.26
C GLU F 119 30.09 -32.36 5.76
N GLY F 120 28.93 -32.68 5.18
CA GLY F 120 28.78 -32.57 3.75
C GLY F 120 28.83 -31.13 3.29
N VAL F 121 29.02 -30.95 1.99
CA VAL F 121 29.15 -29.64 1.40
C VAL F 121 27.92 -29.34 0.54
N GLN F 122 27.20 -28.28 0.88
CA GLN F 122 26.10 -27.81 0.11
C GLN F 122 26.57 -27.11 -1.16
N VAL F 123 26.03 -27.56 -2.27
CA VAL F 123 26.26 -26.99 -3.57
C VAL F 123 24.91 -26.48 -4.08
N SER F 124 24.90 -25.27 -4.64
CA SER F 124 23.69 -24.70 -5.20
C SER F 124 23.98 -23.87 -6.44
N VAL F 125 22.98 -23.80 -7.33
CA VAL F 125 23.03 -23.00 -8.55
C VAL F 125 21.69 -22.29 -8.75
N GLU F 126 21.74 -20.97 -8.77
CA GLU F 126 20.64 -20.16 -9.22
C GLU F 126 20.78 -19.85 -10.70
N VAL F 127 19.65 -19.86 -11.40
CA VAL F 127 19.55 -19.31 -12.73
C VAL F 127 18.62 -18.15 -12.69
N ARG F 128 19.15 -16.97 -13.00
CA ARG F 128 18.36 -15.74 -12.98
C ARG F 128 18.32 -15.06 -14.34
N GLU F 129 17.34 -14.18 -14.49
CA GLU F 129 17.05 -13.53 -15.74
C GLU F 129 17.34 -12.06 -15.66
N MSE F 130 17.97 -11.57 -16.72
CA MSE F 130 18.21 -10.16 -16.90
C MSE F 130 17.29 -9.59 -17.95
O MSE F 130 16.96 -10.23 -18.96
CB MSE F 130 19.67 -9.92 -17.32
CG MSE F 130 20.71 -10.67 -16.46
SE MSE F 130 22.56 -10.17 -16.98
CE MSE F 130 22.66 -11.10 -18.71
N GLU F 131 16.85 -8.37 -17.72
CA GLU F 131 15.93 -7.70 -18.66
C GLU F 131 16.60 -7.38 -19.99
N ARG F 132 16.14 -8.06 -21.03
CA ARG F 132 16.70 -7.85 -22.34
C ARG F 132 16.54 -6.40 -22.82
N ALA F 133 15.35 -5.85 -22.59
CA ALA F 133 15.03 -4.50 -23.05
C ALA F 133 15.99 -3.41 -22.57
N SER F 134 16.61 -3.60 -21.40
CA SER F 134 17.51 -2.61 -20.84
C SER F 134 18.97 -3.04 -20.79
N TYR F 135 19.28 -4.24 -21.27
CA TYR F 135 20.66 -4.74 -21.22
C TYR F 135 21.48 -4.06 -22.32
N ALA F 136 22.59 -3.44 -21.95
CA ALA F 136 23.42 -2.69 -22.88
C ALA F 136 24.67 -3.51 -23.06
N LYS F 137 25.18 -3.51 -24.28
CA LYS F 137 26.38 -4.28 -24.56
C LYS F 137 27.16 -3.61 -25.67
N ARG F 138 28.47 -3.78 -25.64
CA ARG F 138 29.36 -3.24 -26.68
C ARG F 138 30.62 -4.03 -26.75
N VAL F 139 31.25 -4.04 -27.91
CA VAL F 139 32.59 -4.48 -28.00
C VAL F 139 33.48 -3.28 -28.32
N VAL F 140 34.43 -3.04 -27.43
CA VAL F 140 35.39 -1.97 -27.57
C VAL F 140 36.58 -2.62 -28.24
N ALA F 141 36.73 -2.23 -29.52
CA ALA F 141 37.55 -2.92 -30.51
C ALA F 141 39.03 -2.93 -30.12
N ARG F 142 39.74 -3.83 -30.78
CA ARG F 142 41.18 -4.00 -30.63
CA ARG F 142 41.20 -3.98 -30.60
C ARG F 142 41.91 -3.01 -31.54
N LEU G 17 -4.77 -52.00 6.71
CA LEU G 17 -5.60 -51.47 7.86
C LEU G 17 -5.82 -49.93 7.82
N TYR G 18 -7.03 -49.50 7.43
CA TYR G 18 -7.31 -48.09 7.15
CA TYR G 18 -7.29 -48.09 7.16
C TYR G 18 -8.19 -47.56 8.26
N PHE G 19 -7.89 -46.36 8.73
CA PHE G 19 -8.64 -45.79 9.82
C PHE G 19 -8.45 -44.28 9.80
N GLN G 20 -9.47 -43.57 10.29
CA GLN G 20 -9.46 -42.13 10.27
C GLN G 20 -8.48 -41.58 11.27
N GLY G 21 -8.46 -42.17 12.46
CA GLY G 21 -7.57 -41.70 13.53
C GLY G 21 -7.99 -40.35 14.15
N MSE G 22 -9.21 -39.92 13.90
CA MSE G 22 -9.81 -38.69 14.42
C MSE G 22 -11.32 -38.87 14.22
O MSE G 22 -11.70 -39.77 13.50
CB MSE G 22 -9.22 -37.50 13.64
CG MSE G 22 -9.59 -37.52 12.18
SE MSE G 22 -11.36 -36.66 11.77
CE MSE G 22 -12.00 -37.96 10.45
N PRO G 23 -12.18 -38.05 14.85
CA PRO G 23 -11.89 -36.76 15.45
C PRO G 23 -11.32 -36.78 16.87
N HIS G 24 -10.73 -35.66 17.30
CA HIS G 24 -10.33 -35.42 18.67
C HIS G 24 -11.28 -34.39 19.27
N LEU G 25 -11.82 -34.71 20.44
CA LEU G 25 -12.73 -33.82 21.14
C LEU G 25 -12.22 -33.55 22.53
N VAL G 26 -12.03 -32.28 22.87
CA VAL G 26 -11.62 -31.90 24.22
C VAL G 26 -12.71 -31.03 24.85
N ILE G 27 -13.25 -31.47 25.98
CA ILE G 27 -14.29 -30.75 26.71
C ILE G 27 -13.63 -30.18 27.98
N GLU G 28 -13.82 -28.89 28.21
CA GLU G 28 -13.29 -28.23 29.42
C GLU G 28 -14.46 -27.65 30.22
N ALA G 29 -14.48 -27.91 31.52
CA ALA G 29 -15.56 -27.42 32.40
C ALA G 29 -14.92 -26.75 33.61
N THR G 30 -15.40 -25.58 34.00
CA THR G 30 -14.88 -24.94 35.20
C THR G 30 -15.32 -25.84 36.39
N ALA G 31 -14.51 -25.90 37.45
CA ALA G 31 -14.74 -26.82 38.56
C ALA G 31 -16.04 -26.52 39.30
N ASN G 32 -16.56 -25.30 39.18
CA ASN G 32 -17.83 -24.94 39.84
C ASN G 32 -19.07 -25.27 38.99
N LEU G 33 -18.88 -25.80 37.78
CA LEU G 33 -20.00 -26.20 36.94
C LEU G 33 -20.61 -27.53 37.47
N ARG G 34 -21.94 -27.57 37.54
CA ARG G 34 -22.67 -28.78 37.92
C ARG G 34 -23.30 -29.35 36.63
N LEU G 35 -23.03 -30.64 36.39
CA LEU G 35 -23.58 -31.38 35.25
C LEU G 35 -24.74 -32.28 35.69
N GLU G 36 -25.62 -32.60 34.76
CA GLU G 36 -26.73 -33.51 35.02
C GLU G 36 -26.18 -34.91 35.21
N THR G 37 -25.03 -35.21 34.63
CA THR G 37 -24.42 -36.54 34.74
C THR G 37 -22.92 -36.38 35.01
N SER G 38 -22.20 -37.48 35.00
CA SER G 38 -20.81 -37.42 35.28
C SER G 38 -20.05 -36.97 34.00
N PRO G 39 -18.80 -36.56 34.18
CA PRO G 39 -17.95 -36.27 33.00
C PRO G 39 -17.84 -37.46 32.04
N GLY G 40 -17.70 -38.66 32.58
CA GLY G 40 -17.70 -39.89 31.80
C GLY G 40 -18.94 -40.05 30.96
N GLU G 41 -20.12 -39.88 31.57
CA GLU G 41 -21.34 -40.08 30.82
CA GLU G 41 -21.39 -40.02 30.86
C GLU G 41 -21.54 -38.95 29.80
N LEU G 42 -21.05 -37.74 30.11
CA LEU G 42 -21.08 -36.67 29.12
C LEU G 42 -20.21 -37.00 27.90
N LEU G 43 -19.03 -37.55 28.12
CA LEU G 43 -18.16 -38.01 27.02
C LEU G 43 -18.87 -39.05 26.17
N GLU G 44 -19.57 -39.98 26.83
CA GLU G 44 -20.32 -41.01 26.14
C GLU G 44 -21.40 -40.39 25.27
N GLN G 45 -22.10 -39.39 25.79
CA GLN G 45 -23.17 -38.73 25.03
C GLN G 45 -22.58 -37.99 23.83
N ALA G 46 -21.43 -37.34 24.03
CA ALA G 46 -20.74 -36.57 22.96
C ALA G 46 -20.29 -37.54 21.85
N ASN G 47 -19.68 -38.66 22.25
CA ASN G 47 -19.21 -39.64 21.27
C ASN G 47 -20.37 -40.25 20.48
N ALA G 48 -21.46 -40.57 21.17
CA ALA G 48 -22.69 -41.02 20.52
C ALA G 48 -23.26 -40.02 19.49
N ALA G 49 -23.31 -38.73 19.85
CA ALA G 49 -23.74 -37.68 18.93
C ALA G 49 -22.85 -37.64 17.69
N LEU G 50 -21.53 -37.68 17.91
CA LEU G 50 -20.57 -37.64 16.80
C LEU G 50 -20.75 -38.87 15.92
N PHE G 51 -20.88 -40.04 16.55
CA PHE G 51 -21.05 -41.28 15.76
C PHE G 51 -22.35 -41.24 14.96
N ALA G 52 -23.40 -40.63 15.53
CA ALA G 52 -24.71 -40.52 14.85
C ALA G 52 -24.68 -39.66 13.60
N SER G 53 -23.66 -38.84 13.47
CA SER G 53 -23.48 -38.00 12.27
C SER G 53 -23.27 -38.80 11.00
N GLY G 54 -22.77 -40.04 11.15
CA GLY G 54 -22.35 -40.92 10.04
C GLY G 54 -21.04 -40.51 9.37
N GLN G 55 -20.29 -39.57 9.96
CA GLN G 55 -19.07 -39.05 9.36
C GLN G 55 -17.81 -39.77 9.85
N PHE G 56 -17.91 -40.56 10.92
CA PHE G 56 -16.75 -41.08 11.62
C PHE G 56 -16.80 -42.58 11.90
N GLY G 57 -15.64 -43.22 11.88
CA GLY G 57 -15.52 -44.58 12.31
C GLY G 57 -15.71 -44.62 13.82
N GLU G 58 -16.34 -45.68 14.28
CA GLU G 58 -16.63 -45.82 15.71
C GLU G 58 -15.40 -45.70 16.60
N ALA G 59 -14.34 -46.46 16.30
CA ALA G 59 -13.14 -46.48 17.17
C ALA G 59 -12.28 -45.23 17.02
N ASP G 60 -12.59 -44.39 16.05
CA ASP G 60 -11.79 -43.21 15.70
C ASP G 60 -12.12 -41.97 16.52
N ILE G 61 -13.29 -41.95 17.17
CA ILE G 61 -13.71 -40.78 17.92
C ILE G 61 -13.05 -40.81 19.31
N LYS G 62 -12.17 -39.86 19.59
CA LYS G 62 -11.30 -39.88 20.77
C LYS G 62 -11.55 -38.61 21.60
N SER G 63 -12.19 -38.76 22.74
CA SER G 63 -12.58 -37.59 23.52
CA SER G 63 -12.62 -37.62 23.52
C SER G 63 -11.99 -37.63 24.91
N ARG G 64 -11.86 -36.43 25.48
CA ARG G 64 -11.36 -36.25 26.80
C ARG G 64 -11.99 -35.04 27.45
N PHE G 65 -12.12 -35.12 28.78
CA PHE G 65 -12.75 -34.10 29.61
C PHE G 65 -11.78 -33.61 30.67
N VAL G 66 -11.64 -32.29 30.78
CA VAL G 66 -10.79 -31.68 31.79
C VAL G 66 -11.56 -30.70 32.66
N THR G 67 -11.39 -30.83 33.97
CA THR G 67 -11.99 -29.90 34.92
C THR G 67 -10.96 -28.84 35.21
N LEU G 68 -11.35 -27.60 35.01
CA LEU G 68 -10.48 -26.45 35.17
C LEU G 68 -10.55 -26.02 36.61
N GLU G 69 -9.42 -26.10 37.33
CA GLU G 69 -9.41 -25.65 38.72
C GLU G 69 -9.05 -24.19 38.92
N ALA G 70 -8.36 -23.60 37.94
CA ALA G 70 -7.97 -22.19 37.97
C ALA G 70 -8.51 -21.49 36.70
N TYR G 71 -9.51 -20.66 36.93
CA TYR G 71 -10.28 -20.08 35.82
C TYR G 71 -10.80 -18.71 36.24
N ARG G 72 -11.01 -17.84 35.26
CA ARG G 72 -11.66 -16.56 35.46
C ARG G 72 -12.41 -16.21 34.20
N GLN G 73 -13.57 -15.61 34.42
CA GLN G 73 -14.41 -15.14 33.32
C GLN G 73 -14.70 -13.67 33.56
N GLY G 74 -14.23 -12.85 32.62
CA GLY G 74 -14.37 -11.42 32.71
C GLY G 74 -13.56 -10.87 33.87
N THR G 75 -14.06 -9.73 34.36
CA THR G 75 -13.42 -8.92 35.37
C THR G 75 -14.32 -8.69 36.58
N ALA G 76 -15.62 -8.91 36.43
CA ALA G 76 -16.57 -8.58 37.51
C ALA G 76 -16.54 -9.60 38.64
N ALA G 77 -16.89 -9.15 39.85
CA ALA G 77 -16.95 -9.98 41.06
C ALA G 77 -18.31 -10.69 41.14
N VAL G 78 -18.52 -11.57 40.19
CA VAL G 78 -19.75 -12.33 39.99
CA VAL G 78 -19.73 -12.39 40.15
C VAL G 78 -19.30 -13.80 39.81
N GLU G 79 -19.89 -14.76 40.51
CA GLU G 79 -19.45 -16.15 40.31
CA GLU G 79 -19.52 -16.16 40.37
C GLU G 79 -20.07 -16.69 39.04
N ARG G 80 -19.20 -17.27 38.21
CA ARG G 80 -19.60 -17.74 36.89
C ARG G 80 -18.95 -19.09 36.61
N ALA G 81 -19.65 -19.91 35.82
CA ALA G 81 -19.16 -21.18 35.32
C ALA G 81 -19.29 -21.20 33.81
N TYR G 82 -18.42 -21.99 33.18
CA TYR G 82 -18.57 -22.15 31.76
C TYR G 82 -18.12 -23.53 31.30
N LEU G 83 -18.46 -23.84 30.03
CA LEU G 83 -18.27 -25.18 29.47
C LEU G 83 -17.88 -24.94 28.02
N HIS G 84 -16.79 -25.51 27.58
CA HIS G 84 -16.28 -25.36 26.22
C HIS G 84 -15.81 -26.68 25.63
N ALA G 85 -16.02 -26.87 24.33
CA ALA G 85 -15.49 -28.05 23.65
C ALA G 85 -14.79 -27.58 22.40
N CYS G 86 -13.70 -28.27 22.05
CA CYS G 86 -12.99 -28.06 20.81
C CYS G 86 -12.96 -29.42 20.08
N LEU G 87 -13.65 -29.48 18.95
CA LEU G 87 -13.69 -30.63 18.08
C LEU G 87 -12.70 -30.41 16.95
N SER G 88 -11.75 -31.33 16.80
CA SER G 88 -10.71 -31.27 15.72
C SER G 88 -10.96 -32.37 14.71
N ILE G 89 -11.20 -31.95 13.45
CA ILE G 89 -11.45 -32.87 12.36
C ILE G 89 -10.39 -32.64 11.27
N LEU G 90 -10.24 -33.58 10.34
CA LEU G 90 -9.37 -33.35 9.18
C LEU G 90 -9.93 -32.26 8.31
N ASP G 91 -9.03 -31.49 7.73
CA ASP G 91 -9.43 -30.50 6.74
C ASP G 91 -10.10 -31.12 5.51
N GLY G 92 -10.87 -30.31 4.81
CA GLY G 92 -11.45 -30.75 3.53
C GLY G 92 -12.96 -30.75 3.48
N ARG G 93 -13.63 -30.74 4.65
CA ARG G 93 -15.06 -30.74 4.69
C ARG G 93 -15.57 -29.35 4.39
N ASP G 94 -16.83 -29.25 4.00
CA ASP G 94 -17.41 -27.97 3.72
C ASP G 94 -17.91 -27.27 4.98
N ALA G 95 -18.25 -26.00 4.78
CA ALA G 95 -18.69 -25.17 5.89
C ALA G 95 -19.91 -25.76 6.61
N ALA G 96 -20.88 -26.26 5.84
CA ALA G 96 -22.16 -26.75 6.42
C ALA G 96 -21.90 -27.93 7.31
N THR G 97 -20.99 -28.80 6.89
CA THR G 97 -20.59 -29.97 7.67
C THR G 97 -19.99 -29.54 9.02
N ARG G 98 -19.06 -28.60 9.00
CA ARG G 98 -18.44 -28.13 10.24
C ARG G 98 -19.44 -27.48 11.16
N GLN G 99 -20.33 -26.68 10.58
CA GLN G 99 -21.32 -26.01 11.39
C GLN G 99 -22.28 -27.02 12.07
N ALA G 100 -22.71 -28.04 11.31
CA ALA G 100 -23.63 -29.04 11.83
C ALA G 100 -23.01 -29.85 12.95
N LEU G 101 -21.73 -30.21 12.81
CA LEU G 101 -21.03 -30.97 13.86
C LEU G 101 -20.99 -30.15 15.15
N GLY G 102 -20.65 -28.87 15.01
CA GLY G 102 -20.57 -27.94 16.16
C GLY G 102 -21.91 -27.82 16.85
N GLU G 103 -22.98 -27.66 16.07
CA GLU G 103 -24.31 -27.51 16.65
CA GLU G 103 -24.30 -27.51 16.66
C GLU G 103 -24.74 -28.79 17.38
N SER G 104 -24.41 -29.96 16.84
CA SER G 104 -24.79 -31.22 17.47
CA SER G 104 -24.79 -31.22 17.47
C SER G 104 -24.11 -31.35 18.85
N LEU G 105 -22.86 -30.98 18.94
CA LEU G 105 -22.14 -31.02 20.23
C LEU G 105 -22.65 -29.99 21.17
N CYS G 106 -23.01 -28.82 20.66
CA CYS G 106 -23.49 -27.75 21.57
C CYS G 106 -24.80 -28.15 22.23
N GLU G 107 -25.66 -28.83 21.46
CA GLU G 107 -26.91 -29.37 21.99
CA GLU G 107 -26.92 -29.36 21.98
C GLU G 107 -26.66 -30.34 23.14
N VAL G 108 -25.71 -31.25 22.95
CA VAL G 108 -25.31 -32.21 23.98
C VAL G 108 -24.79 -31.50 25.24
N LEU G 109 -23.86 -30.56 25.05
CA LEU G 109 -23.26 -29.86 26.17
C LEU G 109 -24.26 -29.03 26.93
N ALA G 110 -25.09 -28.28 26.21
CA ALA G 110 -26.06 -27.39 26.82
C ALA G 110 -27.04 -28.22 27.66
N GLY G 111 -27.43 -29.38 27.11
CA GLY G 111 -28.35 -30.29 27.82
C GLY G 111 -27.80 -30.90 29.10
N ALA G 112 -26.47 -30.91 29.22
CA ALA G 112 -25.78 -31.50 30.35
C ALA G 112 -25.63 -30.54 31.52
N VAL G 113 -25.87 -29.26 31.31
CA VAL G 113 -25.64 -28.27 32.37
C VAL G 113 -26.80 -28.25 33.36
N ALA G 114 -26.48 -28.50 34.63
CA ALA G 114 -27.45 -28.36 35.70
C ALA G 114 -27.40 -26.96 36.29
N GLY G 115 -26.20 -26.42 36.48
CA GLY G 115 -26.04 -25.09 36.99
C GLY G 115 -24.59 -24.76 37.27
N GLY G 116 -24.34 -23.56 37.77
CA GLY G 116 -23.01 -23.21 38.26
C GLY G 116 -22.89 -21.72 38.28
N GLY G 117 -22.17 -21.20 39.27
CA GLY G 117 -22.13 -19.75 39.49
C GLY G 117 -23.46 -19.12 39.87
N GLU G 118 -23.55 -17.81 39.72
CA GLU G 118 -24.72 -17.07 40.16
CA GLU G 118 -24.72 -17.06 40.17
C GLU G 118 -25.52 -16.51 38.99
N GLU G 119 -25.20 -16.95 37.78
CA GLU G 119 -25.95 -16.52 36.61
C GLU G 119 -25.93 -17.64 35.57
N GLY G 120 -26.31 -17.33 34.32
CA GLY G 120 -26.32 -18.32 33.24
C GLY G 120 -24.95 -18.88 32.99
N VAL G 121 -24.91 -20.04 32.35
CA VAL G 121 -23.66 -20.73 32.02
C VAL G 121 -23.44 -20.61 30.51
N GLN G 122 -22.31 -20.00 30.11
CA GLN G 122 -21.94 -20.01 28.70
C GLN G 122 -21.39 -21.38 28.29
N VAL G 123 -21.93 -21.89 27.19
CA VAL G 123 -21.51 -23.10 26.58
C VAL G 123 -21.03 -22.75 25.15
N SER G 124 -19.91 -23.29 24.77
CA SER G 124 -19.40 -23.04 23.43
C SER G 124 -18.72 -24.26 22.83
N VAL G 125 -18.67 -24.27 21.50
CA VAL G 125 -18.03 -25.34 20.76
C VAL G 125 -17.32 -24.75 19.54
N GLU G 126 -16.01 -24.97 19.47
CA GLU G 126 -15.21 -24.66 18.28
C GLU G 126 -15.09 -25.99 17.47
N VAL G 127 -15.17 -25.87 16.14
CA VAL G 127 -14.81 -26.92 15.25
C VAL G 127 -13.61 -26.41 14.44
N ARG G 128 -12.47 -27.09 14.58
CA ARG G 128 -11.24 -26.72 13.91
C ARG G 128 -10.77 -27.85 13.02
N GLU G 129 -9.83 -27.51 12.13
CA GLU G 129 -9.37 -28.42 11.10
C GLU G 129 -7.91 -28.71 11.29
N MSE G 130 -7.54 -29.96 11.09
CA MSE G 130 -6.13 -30.39 11.10
C MSE G 130 -5.71 -30.68 9.66
O MSE G 130 -6.51 -31.21 8.84
CB MSE G 130 -6.01 -31.67 11.92
CG MSE G 130 -6.64 -31.58 13.30
SE MSE G 130 -6.32 -33.13 14.45
CE MSE G 130 -7.51 -34.37 13.55
N GLU G 131 -4.49 -30.33 9.39
CA GLU G 131 -3.91 -30.59 8.04
C GLU G 131 -3.74 -32.07 7.78
N ARG G 132 -4.55 -32.61 6.88
CA ARG G 132 -4.51 -34.06 6.72
C ARG G 132 -3.21 -34.53 6.04
N ALA G 133 -2.63 -33.69 5.19
CA ALA G 133 -1.37 -34.02 4.51
C ALA G 133 -0.17 -34.27 5.47
N SER G 134 -0.19 -33.62 6.65
CA SER G 134 0.85 -33.80 7.64
C SER G 134 0.42 -34.64 8.88
N TYR G 135 -0.86 -35.07 8.92
CA TYR G 135 -1.39 -35.82 10.04
C TYR G 135 -0.84 -37.25 10.00
N ALA G 136 -0.11 -37.63 11.02
CA ALA G 136 0.54 -38.93 11.01
C ALA G 136 -0.22 -39.85 11.94
N LYS G 137 -0.38 -41.11 11.58
CA LYS G 137 -1.18 -42.01 12.44
C LYS G 137 -0.77 -43.46 12.28
N ARG G 138 -0.86 -44.19 13.39
CA ARG G 138 -0.51 -45.59 13.39
C ARG G 138 -1.34 -46.28 14.42
N VAL G 139 -1.52 -47.58 14.23
CA VAL G 139 -2.11 -48.41 15.28
C VAL G 139 -0.99 -49.33 15.73
N VAL G 140 -0.70 -49.34 17.03
CA VAL G 140 0.30 -50.22 17.60
C VAL G 140 -0.46 -51.40 18.14
N ALA G 141 -0.19 -52.56 17.49
CA ALA G 141 -0.94 -53.79 17.68
C ALA G 141 -0.81 -54.22 19.09
N ARG G 142 -1.84 -54.85 19.58
CA ARG G 142 -1.83 -55.47 20.90
C ARG G 142 -0.86 -56.65 21.00
N LEU H 17 -30.98 -12.37 24.05
CA LEU H 17 -29.66 -11.95 24.61
C LEU H 17 -28.49 -12.25 23.66
N TYR H 18 -27.65 -11.24 23.45
CA TYR H 18 -26.55 -11.30 22.50
C TYR H 18 -25.27 -11.35 23.27
N PHE H 19 -24.38 -12.24 22.87
CA PHE H 19 -23.11 -12.38 23.55
C PHE H 19 -22.06 -12.95 22.59
N GLN H 20 -20.78 -12.60 22.80
CA GLN H 20 -19.72 -13.03 21.91
C GLN H 20 -19.35 -14.49 22.17
N GLY H 21 -19.33 -14.86 23.45
CA GLY H 21 -19.03 -16.27 23.84
C GLY H 21 -17.54 -16.66 23.68
N MSE H 22 -16.67 -15.65 23.55
CA MSE H 22 -15.22 -15.79 23.39
C MSE H 22 -14.67 -14.37 23.68
O MSE H 22 -15.49 -13.40 23.69
CB MSE H 22 -14.90 -16.25 21.95
CG MSE H 22 -15.26 -15.24 20.91
SE MSE H 22 -13.84 -13.98 20.50
CE MSE H 22 -14.96 -12.33 20.32
N PRO H 23 -13.37 -14.21 23.92
CA PRO H 23 -12.29 -15.15 23.68
C PRO H 23 -12.04 -16.20 24.73
N HIS H 24 -11.30 -17.23 24.29
CA HIS H 24 -10.78 -18.24 25.16
C HIS H 24 -9.28 -18.05 25.33
N LEU H 25 -8.83 -18.07 26.57
CA LEU H 25 -7.40 -17.91 26.88
C LEU H 25 -6.95 -19.05 27.75
N VAL H 26 -5.90 -19.75 27.32
CA VAL H 26 -5.33 -20.84 28.11
C VAL H 26 -3.88 -20.48 28.40
N ILE H 27 -3.54 -20.45 29.70
CA ILE H 27 -2.15 -20.19 30.12
C ILE H 27 -1.55 -21.49 30.70
N GLU H 28 -0.35 -21.88 30.22
CA GLU H 28 0.31 -23.10 30.71
C GLU H 28 1.63 -22.69 31.33
N ALA H 29 1.92 -23.17 32.54
CA ALA H 29 3.16 -22.89 33.23
C ALA H 29 3.80 -24.22 33.63
N THR H 30 5.11 -24.34 33.45
CA THR H 30 5.80 -25.54 33.91
C THR H 30 5.73 -25.56 35.44
N ALA H 31 5.64 -26.77 36.01
CA ALA H 31 5.51 -26.94 37.49
C ALA H 31 6.61 -26.29 38.34
N ASN H 32 7.80 -26.11 37.77
CA ASN H 32 8.98 -25.45 38.40
C ASN H 32 8.99 -23.94 38.35
N LEU H 33 7.98 -23.36 37.71
CA LEU H 33 7.95 -21.91 37.50
C LEU H 33 7.37 -21.26 38.76
N ARG H 34 8.08 -20.28 39.27
CA ARG H 34 7.62 -19.42 40.37
C ARG H 34 7.05 -18.11 39.77
N LEU H 35 5.85 -17.75 40.22
CA LEU H 35 5.22 -16.50 39.76
C LEU H 35 5.16 -15.50 40.92
N GLU H 36 5.05 -14.23 40.57
CA GLU H 36 4.85 -13.18 41.56
C GLU H 36 3.41 -13.08 42.06
N THR H 37 2.48 -13.69 41.35
CA THR H 37 1.09 -13.69 41.76
C THR H 37 0.50 -15.09 41.74
N SER H 38 -0.68 -15.26 42.35
CA SER H 38 -1.40 -16.50 42.23
C SER H 38 -1.77 -16.68 40.76
N PRO H 39 -2.03 -17.94 40.36
CA PRO H 39 -2.60 -18.15 39.04
C PRO H 39 -3.91 -17.38 38.83
N GLY H 40 -4.76 -17.32 39.86
CA GLY H 40 -5.99 -16.52 39.79
C GLY H 40 -5.74 -15.05 39.51
N GLU H 41 -4.77 -14.45 40.21
CA GLU H 41 -4.42 -13.06 39.96
CA GLU H 41 -4.43 -13.05 39.97
C GLU H 41 -3.88 -12.83 38.57
N LEU H 42 -3.06 -13.76 38.07
CA LEU H 42 -2.56 -13.67 36.72
C LEU H 42 -3.72 -13.69 35.71
N LEU H 43 -4.68 -14.59 35.94
CA LEU H 43 -5.88 -14.66 35.06
C LEU H 43 -6.66 -13.35 35.11
N GLU H 44 -6.82 -12.79 36.30
CA GLU H 44 -7.48 -11.50 36.46
C GLU H 44 -6.78 -10.42 35.67
N GLN H 45 -5.45 -10.37 35.76
CA GLN H 45 -4.68 -9.38 35.03
C GLN H 45 -4.79 -9.57 33.52
N ALA H 46 -4.81 -10.83 33.08
CA ALA H 46 -4.90 -11.12 31.63
C ALA H 46 -6.26 -10.67 31.15
N ASN H 47 -7.30 -11.03 31.91
CA ASN H 47 -8.67 -10.64 31.54
C ASN H 47 -8.83 -9.13 31.47
N ALA H 48 -8.24 -8.42 32.45
CA ALA H 48 -8.29 -6.97 32.48
C ALA H 48 -7.60 -6.37 31.25
N ALA H 49 -6.45 -6.93 30.84
CA ALA H 49 -5.75 -6.45 29.69
C ALA H 49 -6.59 -6.68 28.41
N LEU H 50 -7.20 -7.86 28.30
CA LEU H 50 -8.06 -8.15 27.15
C LEU H 50 -9.26 -7.20 27.11
N PHE H 51 -9.87 -6.98 28.27
CA PHE H 51 -11.05 -6.12 28.33
C PHE H 51 -10.71 -4.69 27.95
N ALA H 52 -9.49 -4.25 28.31
CA ALA H 52 -9.03 -2.90 28.03
C ALA H 52 -8.89 -2.64 26.55
N SER H 53 -8.78 -3.70 25.74
CA SER H 53 -8.69 -3.52 24.31
C SER H 53 -9.95 -2.89 23.71
N GLY H 54 -11.07 -3.01 24.40
CA GLY H 54 -12.35 -2.55 23.85
C GLY H 54 -12.98 -3.47 22.80
N GLN H 55 -12.43 -4.68 22.64
CA GLN H 55 -12.86 -5.59 21.57
C GLN H 55 -13.84 -6.66 22.06
N PHE H 56 -13.98 -6.79 23.38
CA PHE H 56 -14.70 -7.93 23.97
C PHE H 56 -15.73 -7.52 25.01
N GLY H 57 -16.79 -8.31 25.11
CA GLY H 57 -17.72 -8.24 26.23
C GLY H 57 -17.07 -8.74 27.50
N GLU H 58 -17.35 -8.03 28.60
CA GLU H 58 -16.73 -8.35 29.85
C GLU H 58 -16.92 -9.83 30.21
N ALA H 59 -18.14 -10.32 30.16
CA ALA H 59 -18.45 -11.69 30.59
C ALA H 59 -18.04 -12.78 29.59
N ASP H 60 -17.59 -12.35 28.42
CA ASP H 60 -17.29 -13.26 27.34
C ASP H 60 -15.83 -13.78 27.40
N ILE H 61 -15.00 -13.11 28.20
CA ILE H 61 -13.59 -13.42 28.24
C ILE H 61 -13.41 -14.60 29.20
N LYS H 62 -13.02 -15.75 28.69
CA LYS H 62 -12.97 -16.97 29.47
C LYS H 62 -11.58 -17.57 29.50
N SER H 63 -10.96 -17.49 30.66
CA SER H 63 -9.54 -17.86 30.82
CA SER H 63 -9.55 -17.86 30.81
C SER H 63 -9.31 -18.97 31.82
N ARG H 64 -8.22 -19.69 31.63
CA ARG H 64 -7.86 -20.79 32.50
C ARG H 64 -6.34 -20.95 32.49
N PHE H 65 -5.85 -21.45 33.61
CA PHE H 65 -4.44 -21.63 33.89
C PHE H 65 -4.22 -23.09 34.25
N VAL H 66 -3.23 -23.69 33.64
CA VAL H 66 -2.87 -25.06 33.96
C VAL H 66 -1.37 -25.17 34.26
N THR H 67 -1.04 -25.94 35.30
CA THR H 67 0.35 -26.30 35.59
C THR H 67 0.70 -27.60 34.84
N LEU H 68 1.81 -27.58 34.14
CA LEU H 68 2.35 -28.72 33.41
C LEU H 68 3.23 -29.52 34.35
N GLU H 69 2.73 -30.70 34.72
CA GLU H 69 3.46 -31.57 35.65
C GLU H 69 4.57 -32.37 35.00
N ALA H 70 4.50 -32.57 33.68
CA ALA H 70 5.53 -33.37 33.01
C ALA H 70 5.90 -32.56 31.76
N TYR H 71 7.11 -32.04 31.76
CA TYR H 71 7.59 -31.11 30.73
C TYR H 71 9.06 -31.27 30.50
N ARG H 72 9.50 -30.89 29.31
CA ARG H 72 10.91 -30.83 29.04
C ARG H 72 11.12 -29.76 27.96
N GLN H 73 12.09 -28.88 28.23
CA GLN H 73 12.51 -27.86 27.25
C GLN H 73 13.87 -28.24 26.68
N GLY H 74 13.89 -28.57 25.40
CA GLY H 74 15.12 -29.03 24.78
C GLY H 74 15.60 -30.40 25.19
N THR H 75 16.89 -30.60 25.04
CA THR H 75 17.50 -31.89 25.40
C THR H 75 18.62 -31.83 26.43
N ALA H 76 19.25 -30.65 26.54
CA ALA H 76 20.37 -30.46 27.48
C ALA H 76 19.95 -30.69 28.93
N ALA H 77 20.91 -31.17 29.72
CA ALA H 77 20.66 -31.44 31.13
C ALA H 77 20.72 -30.15 31.96
N VAL H 78 19.72 -29.30 31.78
CA VAL H 78 19.72 -27.94 32.29
C VAL H 78 18.28 -27.77 32.82
N GLU H 79 18.12 -27.28 34.03
N GLU H 79 18.12 -27.30 34.04
CA GLU H 79 16.81 -27.00 34.59
CA GLU H 79 16.78 -27.04 34.55
C GLU H 79 16.23 -25.75 33.94
C GLU H 79 16.23 -25.76 33.93
N ARG H 80 15.04 -25.89 33.36
CA ARG H 80 14.42 -24.80 32.59
C ARG H 80 12.93 -24.75 32.87
N ALA H 81 12.39 -23.54 32.93
CA ALA H 81 10.98 -23.29 33.10
C ALA H 81 10.46 -22.44 31.93
N TYR H 82 9.17 -22.59 31.58
CA TYR H 82 8.58 -21.73 30.57
C TYR H 82 7.10 -21.47 30.83
N LEU H 83 6.55 -20.49 30.12
CA LEU H 83 5.18 -19.99 30.34
C LEU H 83 4.64 -19.63 28.98
N HIS H 84 3.46 -20.15 28.67
CA HIS H 84 2.87 -20.00 27.34
C HIS H 84 1.39 -19.71 27.45
N ALA H 85 0.89 -18.81 26.60
CA ALA H 85 -0.53 -18.58 26.49
C ALA H 85 -0.97 -18.73 25.04
N CYS H 86 -2.20 -19.22 24.89
CA CYS H 86 -2.85 -19.36 23.61
C CYS H 86 -4.19 -18.62 23.72
N LEU H 87 -4.29 -17.49 23.04
CA LEU H 87 -5.54 -16.72 22.91
C LEU H 87 -6.25 -17.12 21.62
N SER H 88 -7.51 -17.55 21.78
CA SER H 88 -8.37 -17.95 20.66
C SER H 88 -9.50 -16.93 20.52
N ILE H 89 -9.50 -16.26 19.36
CA ILE H 89 -10.53 -15.29 19.00
C ILE H 89 -11.26 -15.78 17.74
N LEU H 90 -12.43 -15.21 17.45
CA LEU H 90 -13.09 -15.51 16.18
C LEU H 90 -12.34 -14.90 15.02
N ASP H 91 -12.38 -15.62 13.91
CA ASP H 91 -11.83 -15.11 12.65
C ASP H 91 -12.50 -13.79 12.28
N GLY H 92 -11.79 -12.99 11.51
CA GLY H 92 -12.36 -11.76 10.99
C GLY H 92 -11.63 -10.45 11.34
N ARG H 93 -10.75 -10.49 12.36
CA ARG H 93 -9.99 -9.28 12.76
C ARG H 93 -8.74 -9.12 11.97
N ASP H 94 -8.22 -7.89 11.92
CA ASP H 94 -7.06 -7.65 11.08
C ASP H 94 -5.77 -8.03 11.81
N ALA H 95 -4.69 -8.07 11.04
CA ALA H 95 -3.39 -8.53 11.55
C ALA H 95 -2.87 -7.71 12.72
N ALA H 96 -3.01 -6.39 12.60
CA ALA H 96 -2.59 -5.46 13.63
C ALA H 96 -3.30 -5.71 14.98
N THR H 97 -4.59 -6.04 14.92
CA THR H 97 -5.40 -6.33 16.10
C THR H 97 -4.89 -7.61 16.80
N ARG H 98 -4.65 -8.65 16.00
CA ARG H 98 -4.14 -9.91 16.57
C ARG H 98 -2.76 -9.69 17.23
N GLN H 99 -1.87 -8.96 16.57
CA GLN H 99 -0.54 -8.73 17.07
CA GLN H 99 -0.52 -8.72 17.09
C GLN H 99 -0.60 -7.93 18.38
N ALA H 100 -1.47 -6.91 18.40
CA ALA H 100 -1.56 -6.07 19.60
C ALA H 100 -2.09 -6.83 20.81
N LEU H 101 -3.08 -7.69 20.56
CA LEU H 101 -3.63 -8.55 21.63
C LEU H 101 -2.52 -9.44 22.21
N GLY H 102 -1.78 -10.12 21.33
CA GLY H 102 -0.67 -10.97 21.75
C GLY H 102 0.38 -10.24 22.57
N GLU H 103 0.73 -9.03 22.13
CA GLU H 103 1.73 -8.25 22.81
CA GLU H 103 1.74 -8.26 22.81
C GLU H 103 1.27 -7.84 24.20
N SER H 104 -0.01 -7.46 24.31
CA SER H 104 -0.52 -7.05 25.59
CA SER H 104 -0.56 -7.05 25.60
C SER H 104 -0.49 -8.20 26.62
N LEU H 105 -0.84 -9.40 26.16
CA LEU H 105 -0.76 -10.56 27.00
C LEU H 105 0.64 -10.94 27.35
N CYS H 106 1.54 -10.80 26.40
CA CYS H 106 2.94 -11.16 26.64
C CYS H 106 3.52 -10.30 27.77
N GLU H 107 3.17 -9.01 27.79
CA GLU H 107 3.61 -8.11 28.83
CA GLU H 107 3.59 -8.09 28.85
C GLU H 107 3.10 -8.54 30.21
N VAL H 108 1.81 -8.89 30.28
CA VAL H 108 1.20 -9.37 31.52
C VAL H 108 1.90 -10.66 32.02
N LEU H 109 2.04 -11.65 31.14
CA LEU H 109 2.72 -12.91 31.52
C LEU H 109 4.18 -12.67 31.97
N ALA H 110 4.95 -11.93 31.17
CA ALA H 110 6.35 -11.69 31.49
C ALA H 110 6.52 -11.00 32.85
N GLY H 111 5.65 -10.03 33.11
CA GLY H 111 5.57 -9.33 34.40
C GLY H 111 5.25 -10.19 35.61
N ALA H 112 4.64 -11.34 35.39
CA ALA H 112 4.24 -12.26 36.45
C ALA H 112 5.35 -13.27 36.81
N VAL H 113 6.40 -13.38 36.02
CA VAL H 113 7.43 -14.38 36.27
C VAL H 113 8.32 -13.94 37.42
N ALA H 114 8.47 -14.83 38.41
CA ALA H 114 9.49 -14.63 39.43
C ALA H 114 10.77 -15.30 39.00
N GLY H 115 10.73 -16.56 38.59
CA GLY H 115 11.86 -17.29 38.10
C GLY H 115 11.56 -18.78 38.11
N GLY H 116 12.46 -19.58 37.54
CA GLY H 116 12.32 -21.01 37.57
C GLY H 116 13.48 -21.60 36.83
N GLY H 117 13.85 -22.81 37.19
CA GLY H 117 15.01 -23.42 36.58
C GLY H 117 16.29 -22.67 36.90
N GLU H 118 17.32 -22.94 36.09
CA GLU H 118 18.64 -22.40 36.35
C GLU H 118 19.01 -21.34 35.35
N GLU H 119 18.08 -21.00 34.45
CA GLU H 119 18.36 -19.94 33.52
C GLU H 119 17.10 -19.05 33.28
N GLY H 120 17.11 -18.22 32.24
CA GLY H 120 15.96 -17.39 31.92
C GLY H 120 14.72 -18.22 31.62
N VAL H 121 13.59 -17.55 31.67
CA VAL H 121 12.30 -18.17 31.45
C VAL H 121 11.72 -17.65 30.14
N GLN H 122 11.48 -18.56 29.18
CA GLN H 122 10.83 -18.22 27.96
C GLN H 122 9.32 -18.05 28.15
N VAL H 123 8.84 -16.89 27.71
CA VAL H 123 7.42 -16.54 27.75
C VAL H 123 6.95 -16.35 26.32
N SER H 124 5.80 -16.93 25.97
CA SER H 124 5.26 -16.81 24.61
C SER H 124 3.75 -16.73 24.64
N VAL H 125 3.22 -16.09 23.62
CA VAL H 125 1.82 -16.02 23.39
C VAL H 125 1.47 -16.23 21.90
N GLU H 126 0.60 -17.21 21.63
CA GLU H 126 0.02 -17.40 20.32
C GLU H 126 -1.35 -16.73 20.34
N VAL H 127 -1.69 -16.05 19.23
CA VAL H 127 -3.05 -15.64 18.98
C VAL H 127 -3.57 -16.41 17.77
N ARG H 128 -4.62 -17.18 17.98
CA ARG H 128 -5.20 -18.02 16.93
C ARG H 128 -6.65 -17.70 16.68
N GLU H 129 -7.13 -18.13 15.52
CA GLU H 129 -8.49 -17.80 15.05
C GLU H 129 -9.36 -19.04 15.02
N MSE H 130 -10.57 -18.88 15.53
CA MSE H 130 -11.62 -19.86 15.43
C MSE H 130 -12.58 -19.50 14.33
O MSE H 130 -12.88 -18.32 14.10
CB MSE H 130 -12.42 -19.96 16.75
CG MSE H 130 -11.52 -20.16 18.00
SE MSE H 130 -12.44 -20.47 19.65
CE MSE H 130 -13.17 -18.66 19.94
N GLU H 131 -13.10 -20.52 13.68
CA GLU H 131 -14.02 -20.29 12.58
C GLU H 131 -15.35 -19.74 13.06
N ARG H 132 -15.67 -18.53 12.64
CA ARG H 132 -16.91 -17.89 13.03
C ARG H 132 -18.13 -18.71 12.63
N ALA H 133 -18.17 -19.16 11.39
CA ALA H 133 -19.37 -19.76 10.80
C ALA H 133 -19.79 -21.06 11.49
N SER H 134 -18.83 -21.74 12.13
CA SER H 134 -19.10 -23.03 12.81
C SER H 134 -19.09 -22.95 14.34
N TYR H 135 -18.75 -21.80 14.89
CA TYR H 135 -18.67 -21.64 16.33
C TYR H 135 -20.09 -21.65 16.91
N ALA H 136 -20.35 -22.55 17.84
CA ALA H 136 -21.67 -22.75 18.42
C ALA H 136 -21.62 -22.18 19.81
N LYS H 137 -22.64 -21.45 20.23
CA LYS H 137 -22.64 -20.95 21.59
C LYS H 137 -24.06 -20.82 22.12
N ARG H 138 -24.18 -20.99 23.42
CA ARG H 138 -25.46 -20.87 24.10
C ARG H 138 -25.24 -20.39 25.52
N VAL H 139 -26.25 -19.72 26.07
CA VAL H 139 -26.27 -19.46 27.51
C VAL H 139 -27.43 -20.30 28.08
N VAL H 140 -27.11 -21.17 29.04
CA VAL H 140 -28.07 -22.00 29.74
C VAL H 140 -28.41 -21.24 31.00
N ALA H 141 -29.65 -20.74 31.08
CA ALA H 141 -30.05 -19.74 32.10
C ALA H 141 -29.91 -20.32 33.48
N ARG H 142 -29.90 -19.46 34.49
CA ARG H 142 -29.81 -19.91 35.89
CA ARG H 142 -29.79 -19.93 35.88
C ARG H 142 -31.08 -20.59 36.39
N LEU I 17 20.27 -11.21 21.85
CA LEU I 17 19.70 -12.59 22.03
C LEU I 17 18.54 -12.87 21.03
N TYR I 18 18.78 -13.76 20.08
CA TYR I 18 17.76 -14.21 19.13
C TYR I 18 17.40 -15.61 19.52
N PHE I 19 16.11 -15.89 19.49
CA PHE I 19 15.64 -17.22 19.83
C PHE I 19 14.31 -17.45 19.13
N GLN I 20 14.00 -18.71 18.85
CA GLN I 20 12.79 -19.04 18.09
C GLN I 20 11.57 -18.98 19.00
N GLY I 21 11.72 -19.43 20.25
CA GLY I 21 10.59 -19.48 21.16
C GLY I 21 9.47 -20.46 20.86
N MSE I 22 9.77 -21.42 20.00
CA MSE I 22 8.88 -22.51 19.64
C MSE I 22 9.84 -23.56 18.98
O MSE I 22 10.98 -23.22 18.67
CB MSE I 22 7.82 -21.91 18.63
CG MSE I 22 8.40 -21.46 17.29
SE MSE I 22 8.60 -22.87 15.96
CE MSE I 22 10.35 -22.46 15.24
N PRO I 23 9.41 -24.81 18.77
CA PRO I 23 8.04 -25.30 18.82
C PRO I 23 7.44 -25.61 20.16
N HIS I 24 6.10 -25.71 20.20
CA HIS I 24 5.36 -26.23 21.34
C HIS I 24 4.85 -27.63 20.97
N LEU I 25 5.12 -28.60 21.83
CA LEU I 25 4.66 -29.99 21.58
C LEU I 25 3.86 -30.42 22.79
N VAL I 26 2.61 -30.79 22.57
CA VAL I 26 1.72 -31.29 23.61
C VAL I 26 1.39 -32.76 23.32
N ILE I 27 1.80 -33.65 24.22
CA ILE I 27 1.50 -35.08 24.09
C ILE I 27 0.42 -35.41 25.11
N GLU I 28 -0.65 -36.07 24.64
CA GLU I 28 -1.76 -36.49 25.55
C GLU I 28 -1.84 -38.02 25.54
N ALA I 29 -1.91 -38.65 26.72
CA ALA I 29 -1.93 -40.11 26.81
C ALA I 29 -3.11 -40.47 27.71
N THR I 30 -3.95 -41.42 27.30
CA THR I 30 -4.98 -41.88 28.20
C THR I 30 -4.32 -42.55 29.44
N ALA I 31 -4.98 -42.47 30.59
CA ALA I 31 -4.29 -42.89 31.84
C ALA I 31 -3.98 -44.37 31.85
N ASN I 32 -4.70 -45.14 31.04
CA ASN I 32 -4.51 -46.60 30.95
C ASN I 32 -3.39 -47.01 29.95
N LEU I 33 -2.78 -46.04 29.27
CA LEU I 33 -1.74 -46.34 28.29
C LEU I 33 -0.47 -46.79 29.02
N ARG I 34 0.13 -47.88 28.55
N ARG I 34 0.15 -47.85 28.53
CA ARG I 34 1.42 -48.34 29.04
CA ARG I 34 1.42 -48.31 29.06
C ARG I 34 2.52 -47.96 28.07
C ARG I 34 2.53 -48.01 28.10
N LEU I 35 3.55 -47.31 28.61
CA LEU I 35 4.71 -46.94 27.84
C LEU I 35 5.96 -47.78 28.21
N GLU I 36 6.87 -47.84 27.26
CA GLU I 36 8.16 -48.53 27.39
CA GLU I 36 8.12 -48.56 27.48
C GLU I 36 9.14 -47.65 28.17
N THR I 37 8.83 -46.37 28.25
CA THR I 37 9.73 -45.34 28.81
C THR I 37 9.01 -44.62 29.93
N SER I 38 9.75 -43.93 30.81
CA SER I 38 9.12 -42.96 31.66
C SER I 38 8.62 -41.77 30.79
N PRO I 39 7.68 -40.96 31.33
CA PRO I 39 7.25 -39.74 30.57
C PRO I 39 8.42 -38.80 30.30
N GLY I 40 9.31 -38.67 31.26
CA GLY I 40 10.55 -37.89 31.06
C GLY I 40 11.38 -38.37 29.89
N GLU I 41 11.57 -39.68 29.79
CA GLU I 41 12.27 -40.28 28.70
C GLU I 41 11.56 -40.04 27.36
N LEU I 42 10.23 -40.16 27.36
CA LEU I 42 9.49 -39.95 26.13
C LEU I 42 9.67 -38.49 25.65
N LEU I 43 9.52 -37.56 26.57
CA LEU I 43 9.74 -36.12 26.25
C LEU I 43 11.16 -35.86 25.73
N GLU I 44 12.16 -36.44 26.37
CA GLU I 44 13.54 -36.27 25.91
CA GLU I 44 13.57 -36.35 25.93
C GLU I 44 13.72 -36.86 24.50
N GLN I 45 13.16 -38.05 24.25
CA GLN I 45 13.21 -38.67 22.91
CA GLN I 45 13.30 -38.64 22.92
C GLN I 45 12.51 -37.85 21.85
N ALA I 46 11.36 -37.32 22.20
CA ALA I 46 10.58 -36.46 21.29
C ALA I 46 11.41 -35.19 20.94
N ASN I 47 11.96 -34.58 21.98
CA ASN I 47 12.76 -33.33 21.81
C ASN I 47 14.01 -33.62 20.99
N ALA I 48 14.64 -34.76 21.23
CA ALA I 48 15.83 -35.19 20.46
C ALA I 48 15.49 -35.36 19.00
N ALA I 49 14.32 -35.96 18.70
CA ALA I 49 13.89 -36.14 17.32
CA ALA I 49 13.89 -36.14 17.32
C ALA I 49 13.64 -34.80 16.62
N LEU I 50 12.93 -33.90 17.31
CA LEU I 50 12.73 -32.56 16.82
C LEU I 50 14.06 -31.83 16.56
N PHE I 51 14.98 -31.96 17.51
CA PHE I 51 16.28 -31.27 17.36
C PHE I 51 17.08 -31.87 16.18
N ALA I 52 16.97 -33.18 15.98
CA ALA I 52 17.64 -33.89 14.86
C ALA I 52 17.18 -33.39 13.50
N SER I 53 16.00 -32.80 13.40
CA SER I 53 15.51 -32.26 12.15
C SER I 53 16.37 -31.12 11.59
N GLY I 54 17.14 -30.46 12.45
CA GLY I 54 17.92 -29.28 12.11
C GLY I 54 17.13 -28.00 11.91
N GLN I 55 15.86 -27.97 12.32
CA GLN I 55 14.99 -26.84 12.08
C GLN I 55 14.86 -25.94 13.33
N PHE I 56 15.29 -26.43 14.49
CA PHE I 56 14.99 -25.75 15.77
C PHE I 56 16.19 -25.50 16.65
N GLY I 57 16.14 -24.44 17.45
CA GLY I 57 17.16 -24.23 18.46
C GLY I 57 16.94 -25.23 19.56
N GLU I 58 18.02 -25.74 20.15
CA GLU I 58 17.91 -26.76 21.18
C GLU I 58 16.99 -26.31 22.32
N ALA I 59 17.18 -25.10 22.80
CA ALA I 59 16.45 -24.59 23.98
C ALA I 59 15.04 -24.08 23.67
N ASP I 60 14.67 -24.05 22.40
CA ASP I 60 13.37 -23.50 21.98
C ASP I 60 12.24 -24.55 21.94
N ILE I 61 12.60 -25.83 21.99
CA ILE I 61 11.66 -26.94 21.86
C ILE I 61 11.01 -27.13 23.23
N LYS I 62 9.71 -26.82 23.32
CA LYS I 62 9.01 -26.80 24.61
C LYS I 62 7.89 -27.81 24.61
N SER I 63 8.10 -28.89 25.37
CA SER I 63 7.18 -30.02 25.28
CA SER I 63 7.18 -30.04 25.29
C SER I 63 6.56 -30.36 26.64
N ARG I 64 5.36 -30.93 26.58
CA ARG I 64 4.65 -31.36 27.77
C ARG I 64 3.84 -32.59 27.51
N PHE I 65 3.72 -33.41 28.54
CA PHE I 65 3.02 -34.72 28.51
C PHE I 65 1.85 -34.65 29.52
N VAL I 66 0.65 -34.82 29.02
CA VAL I 66 -0.55 -34.69 29.79
C VAL I 66 -1.28 -36.05 29.91
N THR I 67 -1.52 -36.52 31.12
CA THR I 67 -2.23 -37.73 31.33
C THR I 67 -3.72 -37.39 31.33
N LEU I 68 -4.50 -38.13 30.53
CA LEU I 68 -5.94 -37.92 30.46
C LEU I 68 -6.59 -38.88 31.44
N GLU I 69 -7.19 -38.34 32.49
CA GLU I 69 -7.88 -39.15 33.45
CA GLU I 69 -7.88 -39.19 33.44
C GLU I 69 -9.34 -39.46 33.11
N ALA I 70 -9.97 -38.67 32.23
CA ALA I 70 -11.36 -38.83 31.82
C ALA I 70 -11.41 -38.81 30.30
N TYR I 71 -11.59 -39.99 29.72
CA TYR I 71 -11.48 -40.17 28.27
C TYR I 71 -12.47 -41.25 27.86
N ARG I 72 -12.91 -41.16 26.61
CA ARG I 72 -13.76 -42.16 25.99
C ARG I 72 -13.38 -42.24 24.52
N GLN I 73 -13.29 -43.44 24.02
CA GLN I 73 -13.03 -43.68 22.59
C GLN I 73 -14.18 -44.47 21.96
N GLY I 74 -14.80 -43.87 20.96
CA GLY I 74 -15.99 -44.45 20.34
C GLY I 74 -17.15 -44.63 21.31
N THR I 75 -17.95 -45.64 21.01
CA THR I 75 -19.19 -45.93 21.73
C THR I 75 -19.20 -47.37 22.29
N ALA I 76 -18.33 -48.24 21.78
CA ALA I 76 -18.32 -49.64 22.15
C ALA I 76 -17.79 -49.86 23.56
N ALA I 77 -18.25 -50.97 24.16
CA ALA I 77 -17.88 -51.30 25.51
C ALA I 77 -16.64 -52.20 25.40
C ALA I 77 -16.43 -51.83 25.62
N VAL I 78 -15.49 -51.63 25.09
N VAL I 78 -15.90 -52.30 24.50
CA VAL I 78 -14.24 -52.37 25.05
CA VAL I 78 -14.14 -52.41 24.90
C VAL I 78 -13.20 -51.37 25.52
N GLU I 79 -12.26 -51.84 26.33
CA GLU I 79 -11.22 -50.94 26.87
CA GLU I 79 -11.21 -50.99 26.90
C GLU I 79 -10.22 -50.61 25.79
N ARG I 80 -9.97 -49.31 25.68
CA ARG I 80 -9.08 -48.78 24.67
C ARG I 80 -8.18 -47.73 25.29
N ALA I 81 -7.00 -47.59 24.72
CA ALA I 81 -6.08 -46.53 25.07
C ALA I 81 -5.64 -45.78 23.79
N TYR I 82 -5.27 -44.52 23.94
CA TYR I 82 -4.74 -43.77 22.80
C TYR I 82 -3.69 -42.77 23.21
N LEU I 83 -2.92 -42.33 22.19
CA LEU I 83 -1.83 -41.43 22.38
C LEU I 83 -1.85 -40.42 21.24
N HIS I 84 -1.83 -39.14 21.58
CA HIS I 84 -1.93 -38.07 20.56
C HIS I 84 -0.95 -36.94 20.87
N ALA I 85 -0.35 -36.37 19.85
CA ALA I 85 0.52 -35.23 20.01
C ALA I 85 0.11 -34.15 19.03
N CYS I 86 0.30 -32.93 19.45
CA CYS I 86 0.07 -31.75 18.62
C CYS I 86 1.34 -30.88 18.66
N LEU I 87 2.03 -30.80 17.52
CA LEU I 87 3.20 -30.00 17.33
C LEU I 87 2.77 -28.70 16.71
N SER I 88 3.10 -27.60 17.37
CA SER I 88 2.79 -26.24 16.89
C SER I 88 4.11 -25.55 16.51
N ILE I 89 4.19 -25.23 15.24
CA ILE I 89 5.33 -24.47 14.67
C ILE I 89 4.84 -23.15 14.11
N LEU I 90 5.78 -22.28 13.79
CA LEU I 90 5.42 -21.02 13.16
C LEU I 90 5.02 -21.29 11.72
N ASP I 91 4.09 -20.47 11.25
CA ASP I 91 3.70 -20.54 9.86
C ASP I 91 4.87 -20.24 8.94
N GLY I 92 4.77 -20.74 7.72
CA GLY I 92 5.73 -20.40 6.65
C GLY I 92 6.53 -21.55 6.04
N ARG I 93 6.52 -22.72 6.67
CA ARG I 93 7.24 -23.89 6.14
C ARG I 93 6.40 -24.58 5.11
N ASP I 94 7.06 -25.37 4.28
CA ASP I 94 6.34 -26.06 3.26
C ASP I 94 5.72 -27.38 3.72
N ALA I 95 4.87 -27.93 2.85
CA ALA I 95 4.10 -29.14 3.13
C ALA I 95 5.01 -30.31 3.51
N ALA I 96 6.10 -30.48 2.77
CA ALA I 96 7.01 -31.63 2.99
C ALA I 96 7.64 -31.55 4.41
N THR I 97 7.94 -30.33 4.84
CA THR I 97 8.58 -30.12 6.15
C THR I 97 7.60 -30.47 7.26
N ARG I 98 6.37 -30.00 7.15
CA ARG I 98 5.36 -30.31 8.19
C ARG I 98 5.07 -31.82 8.24
N GLN I 99 4.96 -32.45 7.07
CA GLN I 99 4.71 -33.88 7.02
CA GLN I 99 4.71 -33.91 7.03
C GLN I 99 5.85 -34.67 7.66
N ALA I 100 7.10 -34.27 7.36
CA ALA I 100 8.25 -35.03 7.90
C ALA I 100 8.33 -34.90 9.41
N LEU I 101 8.07 -33.70 9.90
CA LEU I 101 8.08 -33.46 11.36
C LEU I 101 7.09 -34.37 12.04
N GLY I 102 5.88 -34.43 11.49
CA GLY I 102 4.83 -35.27 12.09
C GLY I 102 5.21 -36.74 12.08
N GLU I 103 5.79 -37.19 10.97
CA GLU I 103 6.17 -38.59 10.86
CA GLU I 103 6.19 -38.60 10.87
C GLU I 103 7.29 -38.96 11.85
N SER I 104 8.25 -38.06 12.03
CA SER I 104 9.34 -38.31 12.97
CA SER I 104 9.35 -38.27 12.98
C SER I 104 8.81 -38.47 14.40
N LEU I 105 7.88 -37.59 14.79
CA LEU I 105 7.25 -37.71 16.11
C LEU I 105 6.40 -38.96 16.24
N CYS I 106 5.68 -39.30 15.18
CA CYS I 106 4.82 -40.47 15.21
C CYS I 106 5.63 -41.72 15.46
N GLU I 107 6.81 -41.81 14.82
CA GLU I 107 7.77 -42.91 15.03
CA GLU I 107 7.72 -42.95 15.04
C GLU I 107 8.20 -43.04 16.49
N VAL I 108 8.57 -41.93 17.10
CA VAL I 108 9.01 -41.91 18.48
C VAL I 108 7.85 -42.37 19.38
N LEU I 109 6.69 -41.75 19.20
CA LEU I 109 5.54 -42.05 20.06
CA LEU I 109 5.54 -42.03 20.06
C LEU I 109 5.09 -43.50 19.94
N ALA I 110 4.95 -43.97 18.71
CA ALA I 110 4.52 -45.34 18.47
C ALA I 110 5.52 -46.33 19.07
N GLY I 111 6.79 -46.02 18.92
CA GLY I 111 7.87 -46.87 19.42
C GLY I 111 7.85 -46.97 20.93
N ALA I 112 7.28 -45.98 21.60
CA ALA I 112 7.21 -45.97 23.05
C ALA I 112 6.01 -46.70 23.65
N VAL I 113 5.03 -47.10 22.83
CA VAL I 113 3.84 -47.78 23.34
C VAL I 113 4.13 -49.24 23.66
N ALA I 114 3.86 -49.60 24.90
CA ALA I 114 3.93 -51.00 25.33
C ALA I 114 2.56 -51.69 25.10
N GLY I 115 1.49 -50.98 25.40
CA GLY I 115 0.15 -51.50 25.22
C GLY I 115 -0.86 -50.61 25.94
N GLY I 116 -2.12 -51.05 26.00
CA GLY I 116 -3.15 -50.31 26.74
C GLY I 116 -4.48 -50.81 26.27
N GLY I 117 -5.41 -50.98 27.19
CA GLY I 117 -6.70 -51.58 26.86
C GLY I 117 -6.64 -52.98 26.29
N GLU I 118 -7.68 -53.36 25.56
CA GLU I 118 -7.94 -54.72 25.06
CA GLU I 118 -7.74 -54.76 25.11
C GLU I 118 -7.58 -54.93 23.59
N GLU I 119 -7.20 -53.86 22.90
CA GLU I 119 -6.91 -53.99 21.49
C GLU I 119 -5.77 -53.03 21.13
N GLY I 120 -5.55 -52.78 19.85
CA GLY I 120 -4.44 -51.94 19.48
C GLY I 120 -4.63 -50.50 19.97
N VAL I 121 -3.53 -49.75 19.95
CA VAL I 121 -3.47 -48.37 20.43
C VAL I 121 -3.29 -47.42 19.24
N GLN I 122 -4.24 -46.51 19.08
CA GLN I 122 -4.12 -45.50 18.05
C GLN I 122 -3.16 -44.38 18.51
N VAL I 123 -2.16 -44.11 17.69
CA VAL I 123 -1.21 -43.06 17.90
C VAL I 123 -1.39 -42.06 16.76
N SER I 124 -1.53 -40.80 17.11
CA SER I 124 -1.62 -39.75 16.09
C SER I 124 -0.80 -38.51 16.44
N VAL I 125 -0.42 -37.78 15.40
CA VAL I 125 0.32 -36.53 15.54
C VAL I 125 -0.22 -35.51 14.51
N GLU I 126 -0.71 -34.39 15.02
CA GLU I 126 -1.09 -33.23 14.23
C GLU I 126 0.12 -32.27 14.23
N VAL I 127 0.39 -31.67 13.06
CA VAL I 127 1.30 -30.57 12.96
C VAL I 127 0.45 -29.36 12.54
N ARG I 128 0.45 -28.35 13.39
CA ARG I 128 -0.27 -27.14 13.15
C ARG I 128 0.65 -25.90 13.15
N GLU I 129 0.12 -24.81 12.59
CA GLU I 129 0.88 -23.59 12.36
C GLU I 129 0.32 -22.45 13.21
N MSE I 130 1.23 -21.68 13.78
CA MSE I 130 0.91 -20.45 14.50
C MSE I 130 1.29 -19.25 13.66
O MSE I 130 2.33 -19.25 12.99
CB MSE I 130 1.70 -20.45 15.83
CG MSE I 130 1.65 -21.76 16.65
SE MSE I 130 2.46 -21.58 18.39
CE MSE I 130 4.34 -21.58 17.82
N GLU I 131 0.48 -18.20 13.74
CA GLU I 131 0.73 -16.99 13.00
C GLU I 131 1.97 -16.28 13.53
N ARG I 132 2.99 -16.23 12.65
CA ARG I 132 4.31 -15.63 12.94
C ARG I 132 4.12 -14.16 13.32
N ALA I 133 3.26 -13.48 12.58
CA ALA I 133 3.12 -12.03 12.73
C ALA I 133 2.59 -11.60 14.07
N SER I 134 1.79 -12.44 14.72
CA SER I 134 1.21 -12.09 16.00
C SER I 134 1.80 -12.87 17.18
N TYR I 135 2.77 -13.75 16.91
CA TYR I 135 3.38 -14.56 17.99
C TYR I 135 4.29 -13.69 18.83
N ALA I 136 4.06 -13.60 20.14
CA ALA I 136 4.84 -12.72 21.00
C ALA I 136 5.74 -13.62 21.82
N LYS I 137 6.99 -13.20 22.02
CA LYS I 137 7.92 -14.02 22.81
C LYS I 137 8.90 -13.13 23.56
N ARG I 138 9.34 -13.61 24.72
CA ARG I 138 10.29 -12.89 25.53
C ARG I 138 11.03 -13.86 26.38
N VAL I 139 12.25 -13.49 26.79
CA VAL I 139 12.97 -14.23 27.82
C VAL I 139 13.04 -13.34 29.05
N VAL I 140 12.54 -13.83 30.17
CA VAL I 140 12.67 -13.11 31.43
C VAL I 140 13.92 -13.61 32.12
N ALA I 141 14.92 -12.72 32.24
CA ALA I 141 16.25 -13.13 32.70
C ALA I 141 16.23 -13.65 34.11
N ARG I 142 17.10 -14.61 34.38
CA ARG I 142 17.35 -15.01 35.76
C ARG I 142 17.98 -13.83 36.50
N ASN J 16 -4.61 4.38 18.39
CA ASN J 16 -5.24 3.07 18.73
C ASN J 16 -5.22 2.13 17.52
N LEU J 17 -4.51 0.99 17.65
CA LEU J 17 -4.40 0.02 16.54
C LEU J 17 -5.70 -0.69 16.27
N TYR J 18 -6.64 -0.61 17.21
CA TYR J 18 -7.94 -1.25 17.08
C TYR J 18 -8.98 -0.37 16.36
N PHE J 19 -8.76 0.95 16.37
CA PHE J 19 -9.75 1.91 15.89
C PHE J 19 -9.98 1.73 14.40
N GLN J 20 -11.22 1.39 14.03
CA GLN J 20 -11.63 1.22 12.63
C GLN J 20 -12.65 2.28 12.22
N GLY J 21 -13.36 2.84 13.18
CA GLY J 21 -14.33 3.93 12.89
C GLY J 21 -15.56 3.52 12.11
N MSE J 22 -15.88 2.23 12.14
CA MSE J 22 -17.05 1.64 11.50
C MSE J 22 -17.28 0.30 12.22
O MSE J 22 -16.40 -0.16 12.96
CB MSE J 22 -16.81 1.53 10.00
CG MSE J 22 -15.79 0.55 9.59
SE MSE J 22 -16.38 -1.38 9.54
CE MSE J 22 -14.85 -2.23 10.41
N PRO J 23 -18.47 -0.32 12.06
CA PRO J 23 -19.49 -0.08 11.04
C PRO J 23 -20.48 1.06 11.31
N HIS J 24 -21.13 1.47 10.23
CA HIS J 24 -22.26 2.40 10.27
C HIS J 24 -23.57 1.64 9.96
N LEU J 25 -24.60 1.85 10.79
CA LEU J 25 -25.89 1.24 10.60
C LEU J 25 -26.99 2.30 10.58
N VAL J 26 -27.80 2.34 9.53
CA VAL J 26 -28.94 3.23 9.42
C VAL J 26 -30.20 2.39 9.31
N ILE J 27 -31.12 2.60 10.26
CA ILE J 27 -32.42 1.94 10.24
C ILE J 27 -33.46 3.00 9.86
N GLU J 28 -34.29 2.67 8.88
CA GLU J 28 -35.39 3.53 8.46
C GLU J 28 -36.70 2.80 8.69
N ALA J 29 -37.66 3.48 9.33
CA ALA J 29 -38.98 2.91 9.60
C ALA J 29 -40.05 3.88 9.12
N THR J 30 -41.04 3.38 8.42
CA THR J 30 -42.18 4.20 8.09
C THR J 30 -42.87 4.67 9.39
N ALA J 31 -43.41 5.90 9.36
CA ALA J 31 -44.01 6.49 10.57
C ALA J 31 -45.21 5.69 11.12
N ASN J 32 -45.88 4.92 10.26
CA ASN J 32 -47.01 4.06 10.66
C ASN J 32 -46.59 2.70 11.27
N LEU J 33 -45.31 2.41 11.26
CA LEU J 33 -44.79 1.15 11.80
C LEU J 33 -44.85 1.17 13.33
N ARG J 34 -45.39 0.10 13.93
CA ARG J 34 -45.36 -0.06 15.39
CA ARG J 34 -45.36 -0.06 15.39
C ARG J 34 -44.27 -1.05 15.80
N LEU J 35 -43.42 -0.63 16.72
CA LEU J 35 -42.36 -1.47 17.25
C LEU J 35 -42.76 -2.02 18.63
N GLU J 36 -42.11 -3.11 19.02
CA GLU J 36 -42.32 -3.73 20.34
C GLU J 36 -41.61 -2.92 21.42
N THR J 37 -40.62 -2.11 21.00
CA THR J 37 -39.80 -1.33 21.91
C THR J 37 -39.56 0.06 21.27
N SER J 38 -38.82 0.93 21.94
CA SER J 38 -38.53 2.23 21.38
C SER J 38 -37.50 2.07 20.25
N PRO J 39 -37.40 3.07 19.36
CA PRO J 39 -36.24 3.14 18.43
C PRO J 39 -34.90 3.02 19.11
N GLY J 40 -34.73 3.64 20.27
CA GLY J 40 -33.49 3.56 20.99
C GLY J 40 -33.15 2.15 21.46
N GLU J 41 -34.15 1.45 21.97
CA GLU J 41 -34.00 0.08 22.41
CA GLU J 41 -33.94 0.05 22.41
C GLU J 41 -33.65 -0.83 21.21
N LEU J 42 -34.31 -0.59 20.09
CA LEU J 42 -33.95 -1.28 18.84
C LEU J 42 -32.49 -1.07 18.43
N LEU J 43 -32.03 0.19 18.42
CA LEU J 43 -30.60 0.49 18.16
C LEU J 43 -29.69 -0.28 19.12
N GLU J 44 -30.06 -0.31 20.41
CA GLU J 44 -29.24 -1.01 21.40
C GLU J 44 -29.15 -2.50 21.08
N GLN J 45 -30.25 -3.08 20.62
CA GLN J 45 -30.31 -4.49 20.27
CA GLN J 45 -30.32 -4.49 20.26
C GLN J 45 -29.50 -4.77 19.01
N ALA J 46 -29.63 -3.89 18.02
CA ALA J 46 -28.87 -4.03 16.80
C ALA J 46 -27.37 -3.94 17.07
N ASN J 47 -26.96 -2.97 17.91
CA ASN J 47 -25.55 -2.81 18.25
C ASN J 47 -25.01 -4.03 19.00
N ALA J 48 -25.83 -4.54 19.92
CA ALA J 48 -25.50 -5.75 20.68
C ALA J 48 -25.31 -6.92 19.76
N ALA J 49 -26.20 -7.09 18.78
CA ALA J 49 -26.05 -8.16 17.80
C ALA J 49 -24.76 -8.03 16.96
N LEU J 50 -24.44 -6.83 16.50
CA LEU J 50 -23.25 -6.60 15.71
C LEU J 50 -22.02 -6.90 16.59
N PHE J 51 -22.07 -6.46 17.82
CA PHE J 51 -20.91 -6.64 18.73
C PHE J 51 -20.66 -8.10 19.01
N ALA J 52 -21.75 -8.84 19.22
CA ALA J 52 -21.72 -10.30 19.44
C ALA J 52 -21.06 -11.10 18.32
N SER J 53 -20.96 -10.53 17.11
CA SER J 53 -20.32 -11.19 15.96
C SER J 53 -18.82 -11.39 16.07
N GLY J 54 -18.20 -10.66 17.00
CA GLY J 54 -16.77 -10.66 17.21
C GLY J 54 -15.98 -10.02 16.08
N GLN J 55 -16.64 -9.24 15.22
CA GLN J 55 -15.99 -8.63 14.04
C GLN J 55 -15.55 -7.19 14.25
N PHE J 56 -16.03 -6.57 15.33
CA PHE J 56 -15.94 -5.11 15.54
C PHE J 56 -15.52 -4.72 16.99
N GLY J 57 -14.86 -3.58 17.09
CA GLY J 57 -14.62 -2.95 18.41
C GLY J 57 -15.92 -2.29 18.86
N GLU J 58 -16.16 -2.32 20.17
CA GLU J 58 -17.40 -1.85 20.77
C GLU J 58 -17.74 -0.41 20.35
N ALA J 59 -16.77 0.48 20.52
CA ALA J 59 -16.98 1.92 20.35
C ALA J 59 -17.12 2.35 18.88
N ASP J 60 -16.74 1.46 17.97
CA ASP J 60 -16.74 1.76 16.53
C ASP J 60 -18.12 1.54 15.88
N ILE J 61 -19.04 0.86 16.57
CA ILE J 61 -20.37 0.54 16.02
C ILE J 61 -21.28 1.76 16.17
N LYS J 62 -21.64 2.39 15.07
CA LYS J 62 -22.34 3.68 15.10
C LYS J 62 -23.67 3.54 14.35
N SER J 63 -24.76 3.58 15.10
CA SER J 63 -26.11 3.34 14.53
CA SER J 63 -26.08 3.37 14.52
C SER J 63 -27.01 4.55 14.73
N ARG J 64 -27.98 4.66 13.81
CA ARG J 64 -28.95 5.68 13.83
C ARG J 64 -30.27 5.17 13.22
N PHE J 65 -31.35 5.75 13.73
CA PHE J 65 -32.72 5.41 13.39
C PHE J 65 -33.43 6.64 12.87
N VAL J 66 -34.08 6.48 11.72
CA VAL J 66 -34.88 7.56 11.17
CA VAL J 66 -34.87 7.54 11.10
C VAL J 66 -36.33 7.12 10.86
N THR J 67 -37.28 7.98 11.21
CA THR J 67 -38.67 7.73 10.93
C THR J 67 -38.98 8.46 9.67
N LEU J 68 -39.55 7.73 8.73
CA LEU J 68 -39.92 8.29 7.44
C LEU J 68 -41.34 8.84 7.51
N GLU J 69 -41.47 10.14 7.37
CA GLU J 69 -42.79 10.77 7.38
C GLU J 69 -43.50 10.81 6.01
N ALA J 70 -42.75 10.69 4.90
CA ALA J 70 -43.31 10.70 3.57
C ALA J 70 -42.81 9.47 2.85
N TYR J 71 -43.71 8.51 2.69
CA TYR J 71 -43.36 7.24 2.11
C TYR J 71 -44.49 6.70 1.28
N ARG J 72 -44.16 5.89 0.29
CA ARG J 72 -45.18 5.14 -0.47
C ARG J 72 -44.61 3.79 -0.82
N GLN J 73 -45.49 2.82 -0.83
CA GLN J 73 -45.08 1.46 -1.17
C GLN J 73 -45.97 0.94 -2.22
N GLY J 74 -45.37 0.60 -3.35
CA GLY J 74 -46.16 0.21 -4.49
C GLY J 74 -47.09 1.28 -5.01
N THR J 75 -48.21 0.83 -5.56
CA THR J 75 -49.19 1.73 -6.20
C THR J 75 -50.61 1.49 -5.64
N ALA J 76 -50.81 0.38 -4.95
CA ALA J 76 -52.10 0.02 -4.40
C ALA J 76 -52.56 0.98 -3.27
N ALA J 77 -53.88 1.13 -3.10
CA ALA J 77 -54.45 1.98 -2.02
C ALA J 77 -54.30 1.50 -0.55
C ALA J 77 -54.72 1.09 -0.81
N VAL J 78 -53.74 0.33 -0.35
CA VAL J 78 -53.77 -0.29 0.94
C VAL J 78 -52.70 0.36 1.84
N GLU J 79 -52.96 0.48 3.14
CA GLU J 79 -52.01 0.96 4.12
CA GLU J 79 -51.93 1.01 4.02
C GLU J 79 -50.94 -0.08 4.38
N ARG J 80 -49.67 0.29 4.21
CA ARG J 80 -48.56 -0.61 4.43
C ARG J 80 -47.46 0.11 5.20
N ALA J 81 -46.69 -0.67 5.93
CA ALA J 81 -45.51 -0.18 6.67
C ALA J 81 -44.29 -1.01 6.27
N TYR J 82 -43.12 -0.39 6.36
CA TYR J 82 -41.89 -1.13 6.12
C TYR J 82 -40.74 -0.67 6.99
N LEU J 83 -39.74 -1.54 7.06
CA LEU J 83 -38.59 -1.33 7.96
C LEU J 83 -37.36 -1.79 7.17
N HIS J 84 -36.37 -0.92 7.06
CA HIS J 84 -35.14 -1.19 6.30
C HIS J 84 -33.90 -0.81 7.06
N ALA J 85 -32.83 -1.59 6.93
CA ALA J 85 -31.54 -1.20 7.47
C ALA J 85 -30.46 -1.34 6.42
N CYS J 86 -29.47 -0.45 6.52
CA CYS J 86 -28.30 -0.49 5.68
C CYS J 86 -27.09 -0.48 6.61
N LEU J 87 -26.40 -1.61 6.61
CA LEU J 87 -25.13 -1.82 7.35
C LEU J 87 -23.97 -1.53 6.39
N SER J 88 -23.13 -0.56 6.74
CA SER J 88 -21.93 -0.27 5.96
C SER J 88 -20.70 -0.69 6.70
N ILE J 89 -19.95 -1.57 6.07
CA ILE J 89 -18.71 -2.09 6.60
C ILE J 89 -17.55 -1.82 5.57
N LEU J 90 -16.33 -2.10 5.96
CA LEU J 90 -15.20 -1.91 5.08
C LEU J 90 -15.11 -3.11 4.14
N ASP J 91 -14.58 -2.84 2.97
CA ASP J 91 -14.32 -3.88 2.01
C ASP J 91 -13.25 -4.82 2.58
N GLY J 92 -13.12 -5.97 1.94
CA GLY J 92 -12.08 -6.92 2.27
C GLY J 92 -12.57 -8.09 3.06
N ARG J 93 -13.85 -8.14 3.44
CA ARG J 93 -14.39 -9.30 4.15
CA ARG J 93 -14.41 -9.31 4.15
C ARG J 93 -15.03 -10.29 3.17
N ASP J 94 -15.36 -11.50 3.61
CA ASP J 94 -15.90 -12.54 2.72
CA ASP J 94 -15.89 -12.47 2.64
C ASP J 94 -17.41 -12.54 2.69
N ALA J 95 -17.96 -13.01 1.56
CA ALA J 95 -19.39 -13.04 1.30
C ALA J 95 -20.16 -13.64 2.47
N ALA J 96 -19.67 -14.76 3.03
CA ALA J 96 -20.44 -15.45 4.06
C ALA J 96 -20.63 -14.57 5.31
N THR J 97 -19.60 -13.87 5.71
CA THR J 97 -19.70 -13.02 6.92
C THR J 97 -20.67 -11.85 6.69
N ARG J 98 -20.61 -11.26 5.52
CA ARG J 98 -21.58 -10.20 5.17
C ARG J 98 -23.00 -10.72 5.20
N GLN J 99 -23.24 -11.91 4.61
CA GLN J 99 -24.55 -12.52 4.64
CA GLN J 99 -24.56 -12.53 4.64
C GLN J 99 -25.00 -12.77 6.08
N ALA J 100 -24.09 -13.28 6.92
CA ALA J 100 -24.44 -13.56 8.31
C ALA J 100 -24.81 -12.29 9.10
N LEU J 101 -24.06 -11.21 8.86
CA LEU J 101 -24.35 -9.91 9.52
C LEU J 101 -25.73 -9.39 9.11
N GLY J 102 -26.03 -9.52 7.82
CA GLY J 102 -27.35 -9.16 7.31
C GLY J 102 -28.49 -9.96 7.94
N GLU J 103 -28.31 -11.29 8.00
CA GLU J 103 -29.33 -12.15 8.61
CA GLU J 103 -29.34 -12.13 8.60
C GLU J 103 -29.51 -11.85 10.10
N SER J 104 -28.42 -11.60 10.80
CA SER J 104 -28.50 -11.29 12.22
CA SER J 104 -28.51 -11.27 12.23
C SER J 104 -29.33 -10.02 12.47
N LEU J 105 -29.07 -8.98 11.69
CA LEU J 105 -29.82 -7.72 11.81
C LEU J 105 -31.26 -7.92 11.39
N CYS J 106 -31.47 -8.73 10.33
CA CYS J 106 -32.84 -8.96 9.89
C CYS J 106 -33.68 -9.61 10.99
N GLU J 107 -33.07 -10.53 11.74
CA GLU J 107 -33.75 -11.18 12.85
CA GLU J 107 -33.70 -11.18 12.87
C GLU J 107 -34.07 -10.18 13.95
N VAL J 108 -33.13 -9.29 14.27
CA VAL J 108 -33.38 -8.24 15.26
C VAL J 108 -34.55 -7.34 14.82
N LEU J 109 -34.47 -6.83 13.60
CA LEU J 109 -35.49 -5.95 13.09
C LEU J 109 -36.86 -6.63 13.05
N ALA J 110 -36.91 -7.83 12.48
CA ALA J 110 -38.16 -8.56 12.33
C ALA J 110 -38.79 -8.84 13.69
N GLY J 111 -37.95 -9.16 14.67
CA GLY J 111 -38.43 -9.43 16.04
C GLY J 111 -39.01 -8.20 16.71
N ALA J 112 -38.64 -7.03 16.23
CA ALA J 112 -39.06 -5.75 16.81
C ALA J 112 -40.39 -5.25 16.26
N VAL J 113 -40.89 -5.84 15.17
CA VAL J 113 -42.10 -5.34 14.54
C VAL J 113 -43.33 -5.83 15.30
N ALA J 114 -44.13 -4.88 15.77
CA ALA J 114 -45.42 -5.18 16.42
C ALA J 114 -46.52 -5.22 15.38
N GLY J 115 -46.46 -4.30 14.43
CA GLY J 115 -47.38 -4.24 13.31
C GLY J 115 -47.29 -2.90 12.62
N GLY J 116 -48.21 -2.65 11.72
CA GLY J 116 -48.24 -1.42 10.96
C GLY J 116 -48.98 -1.66 9.66
N GLY J 117 -49.82 -0.71 9.30
CA GLY J 117 -50.60 -0.81 8.11
C GLY J 117 -51.67 -1.87 8.21
N GLU J 118 -52.18 -2.33 7.08
CA GLU J 118 -53.24 -3.33 7.10
C GLU J 118 -52.87 -4.66 6.48
N GLU J 119 -51.56 -4.88 6.29
CA GLU J 119 -51.08 -6.19 5.92
C GLU J 119 -49.71 -6.46 6.56
N GLY J 120 -48.97 -7.44 6.03
CA GLY J 120 -47.67 -7.81 6.55
C GLY J 120 -46.69 -6.67 6.33
N VAL J 121 -45.60 -6.72 7.08
CA VAL J 121 -44.61 -5.66 7.10
C VAL J 121 -43.31 -6.20 6.47
N GLN J 122 -42.88 -5.54 5.41
CA GLN J 122 -41.67 -5.93 4.73
C GLN J 122 -40.48 -5.38 5.56
N VAL J 123 -39.57 -6.26 5.89
CA VAL J 123 -38.31 -5.94 6.57
C VAL J 123 -37.15 -6.34 5.66
N SER J 124 -36.17 -5.45 5.52
CA SER J 124 -35.01 -5.75 4.72
C SER J 124 -33.74 -5.16 5.34
N VAL J 125 -32.62 -5.81 4.99
CA VAL J 125 -31.27 -5.39 5.42
C VAL J 125 -30.33 -5.49 4.22
N GLU J 126 -29.69 -4.40 3.87
CA GLU J 126 -28.60 -4.38 2.91
C GLU J 126 -27.29 -4.39 3.74
N VAL J 127 -26.29 -5.11 3.25
CA VAL J 127 -24.94 -4.97 3.77
C VAL J 127 -24.07 -4.46 2.63
N ARG J 128 -23.52 -3.28 2.78
CA ARG J 128 -22.68 -2.67 1.74
C ARG J 128 -21.26 -2.42 2.18
N GLU J 129 -20.37 -2.26 1.19
CA GLU J 129 -18.94 -2.19 1.47
C GLU J 129 -18.47 -0.78 1.13
N MSE J 130 -17.66 -0.25 2.02
CA MSE J 130 -16.97 1.02 1.86
C MSE J 130 -15.51 0.77 1.50
O MSE J 130 -14.89 -0.17 1.97
CB MSE J 130 -17.06 1.83 3.17
CG MSE J 130 -18.50 2.00 3.71
SE MSE J 130 -18.55 3.24 5.20
CE MSE J 130 -17.68 2.10 6.50
N GLU J 131 -14.97 1.65 0.67
CA GLU J 131 -13.56 1.51 0.25
C GLU J 131 -12.61 1.83 1.41
N ARG J 132 -11.87 0.85 1.92
CA ARG J 132 -11.01 1.16 3.06
CA ARG J 132 -11.01 1.14 3.07
C ARG J 132 -9.87 2.10 2.67
N ALA J 133 -9.37 1.99 1.44
CA ALA J 133 -8.25 2.88 0.98
C ALA J 133 -8.55 4.37 1.01
N SER J 134 -9.82 4.76 0.86
CA SER J 134 -10.22 6.17 0.92
C SER J 134 -11.01 6.57 2.20
N TYR J 135 -11.24 5.62 3.09
CA TYR J 135 -12.04 5.87 4.27
C TYR J 135 -11.17 6.61 5.30
N ALA J 136 -11.54 7.82 5.64
CA ALA J 136 -10.74 8.67 6.54
C ALA J 136 -11.41 8.64 7.89
N LYS J 137 -10.61 8.63 8.95
CA LYS J 137 -11.17 8.61 10.30
C LYS J 137 -10.25 9.28 11.30
N ARG J 138 -10.81 9.82 12.35
CA ARG J 138 -10.04 10.52 13.41
CA ARG J 138 -10.03 10.44 13.41
C ARG J 138 -10.84 10.42 14.69
N VAL J 139 -10.14 10.44 15.82
CA VAL J 139 -10.81 10.66 17.08
C VAL J 139 -10.37 12.03 17.57
N VAL J 140 -11.32 12.90 17.83
CA VAL J 140 -11.05 14.24 18.34
C VAL J 140 -11.22 14.15 19.81
N ALA J 141 -10.09 14.25 20.49
CA ALA J 141 -10.00 13.94 21.91
C ALA J 141 -10.79 14.98 22.68
N ARG J 142 -11.39 14.53 23.78
CA ARG J 142 -12.22 15.41 24.59
CA ARG J 142 -12.22 15.40 24.61
C ARG J 142 -11.44 16.62 25.10
N ASN K 16 -43.18 -17.19 -1.54
CA ASN K 16 -43.48 -16.25 -2.70
C ASN K 16 -42.25 -16.05 -3.59
N LEU K 17 -42.29 -16.64 -4.79
CA LEU K 17 -41.14 -16.61 -5.71
C LEU K 17 -40.95 -15.26 -6.34
N TYR K 18 -41.98 -14.40 -6.20
CA TYR K 18 -41.87 -13.05 -6.73
C TYR K 18 -41.27 -12.03 -5.76
N PHE K 19 -41.28 -12.35 -4.45
CA PHE K 19 -40.89 -11.40 -3.39
C PHE K 19 -39.39 -11.13 -3.46
N GLN K 20 -39.03 -9.89 -3.75
CA GLN K 20 -37.62 -9.45 -3.84
C GLN K 20 -37.29 -8.46 -2.73
N GLY K 21 -38.31 -7.82 -2.13
CA GLY K 21 -38.09 -6.82 -1.07
C GLY K 21 -37.33 -5.57 -1.45
N MSE K 22 -37.33 -5.25 -2.75
CA MSE K 22 -36.76 -4.03 -3.31
C MSE K 22 -37.48 -3.82 -4.66
O MSE K 22 -38.13 -4.76 -5.17
CB MSE K 22 -35.24 -4.23 -3.45
CG MSE K 22 -34.84 -5.36 -4.40
SE MSE K 22 -34.64 -4.66 -6.25
CE MSE K 22 -35.33 -6.12 -7.33
N PRO K 23 -37.35 -2.62 -5.29
CA PRO K 23 -36.38 -1.58 -5.05
C PRO K 23 -36.65 -0.61 -3.89
N HIS K 24 -35.58 0.02 -3.40
CA HIS K 24 -35.67 1.16 -2.47
C HIS K 24 -35.34 2.46 -3.24
N LEU K 25 -36.18 3.49 -3.05
CA LEU K 25 -36.00 4.75 -3.74
C LEU K 25 -36.04 5.83 -2.66
N VAL K 26 -35.00 6.65 -2.61
CA VAL K 26 -34.97 7.78 -1.69
C VAL K 26 -34.84 9.08 -2.50
N ILE K 27 -35.78 9.98 -2.30
CA ILE K 27 -35.79 11.26 -2.98
C ILE K 27 -35.46 12.32 -1.92
N GLU K 28 -34.47 13.16 -2.24
CA GLU K 28 -34.08 14.26 -1.35
C GLU K 28 -34.34 15.57 -2.08
N ALA K 29 -34.99 16.49 -1.40
CA ALA K 29 -35.31 17.79 -2.01
C ALA K 29 -34.94 18.90 -1.06
N THR K 30 -34.21 19.90 -1.57
CA THR K 30 -33.96 21.06 -0.70
C THR K 30 -35.30 21.73 -0.29
N ALA K 31 -35.36 22.33 0.90
CA ALA K 31 -36.62 22.84 1.41
C ALA K 31 -37.22 23.96 0.54
N ASN K 32 -36.35 24.64 -0.23
CA ASN K 32 -36.77 25.71 -1.13
C ASN K 32 -37.18 25.22 -2.51
N LEU K 33 -37.18 23.90 -2.70
CA LEU K 33 -37.60 23.36 -3.95
C LEU K 33 -39.14 23.38 -3.99
N ARG K 34 -39.70 23.96 -5.04
CA ARG K 34 -41.17 23.97 -5.21
C ARG K 34 -41.59 22.88 -6.19
N LEU K 35 -42.55 22.09 -5.79
CA LEU K 35 -43.04 21.02 -6.64
C LEU K 35 -44.39 21.39 -7.26
N GLU K 36 -44.67 20.80 -8.41
CA GLU K 36 -45.98 20.94 -9.06
C GLU K 36 -47.09 20.32 -8.22
N THR K 37 -46.78 19.29 -7.47
CA THR K 37 -47.77 18.63 -6.66
C THR K 37 -47.08 18.47 -5.31
C THR K 37 -47.56 18.70 -5.18
N SER K 38 -47.56 17.59 -4.46
N SER K 38 -47.33 17.53 -4.56
CA SER K 38 -46.98 17.40 -3.16
C SER K 38 -45.89 16.32 -3.18
N PRO K 39 -45.08 16.24 -2.12
CA PRO K 39 -44.09 15.14 -2.01
C PRO K 39 -44.73 13.73 -2.13
N GLY K 40 -45.88 13.55 -1.47
CA GLY K 40 -46.64 12.31 -1.57
C GLY K 40 -47.03 11.94 -2.96
N GLU K 41 -47.57 12.90 -3.70
CA GLU K 41 -47.93 12.70 -5.09
CA GLU K 41 -47.93 12.60 -5.10
C GLU K 41 -46.72 12.39 -5.97
N LEU K 42 -45.61 13.09 -5.68
CA LEU K 42 -44.37 12.79 -6.38
C LEU K 42 -43.94 11.32 -6.15
N LEU K 43 -43.97 10.88 -4.91
CA LEU K 43 -43.67 9.45 -4.61
C LEU K 43 -44.61 8.52 -5.37
N GLU K 44 -45.89 8.86 -5.42
CA GLU K 44 -46.82 8.03 -6.14
C GLU K 44 -46.46 7.95 -7.62
N GLN K 45 -46.06 9.06 -8.22
CA GLN K 45 -45.67 9.05 -9.61
C GLN K 45 -44.41 8.25 -9.86
N ALA K 46 -43.44 8.40 -8.96
CA ALA K 46 -42.19 7.68 -9.06
C ALA K 46 -42.46 6.16 -8.99
N ASN K 47 -43.31 5.75 -8.04
CA ASN K 47 -43.68 4.34 -7.89
C ASN K 47 -44.43 3.80 -9.10
N ALA K 48 -45.28 4.64 -9.66
CA ALA K 48 -46.04 4.31 -10.87
C ALA K 48 -45.10 4.07 -12.05
N ALA K 49 -44.11 4.95 -12.20
CA ALA K 49 -43.12 4.85 -13.24
C ALA K 49 -42.28 3.58 -13.08
N LEU K 50 -41.89 3.27 -11.85
CA LEU K 50 -41.10 2.08 -11.57
C LEU K 50 -41.93 0.81 -11.86
N PHE K 51 -43.18 0.82 -11.41
CA PHE K 51 -44.02 -0.35 -11.66
C PHE K 51 -44.29 -0.55 -13.17
N ALA K 52 -44.39 0.57 -13.88
CA ALA K 52 -44.66 0.55 -15.33
C ALA K 52 -43.56 -0.09 -16.11
N SER K 53 -42.35 -0.16 -15.55
CA SER K 53 -41.20 -0.80 -16.23
C SER K 53 -41.38 -2.31 -16.42
N GLY K 54 -42.30 -2.89 -15.65
CA GLY K 54 -42.48 -4.35 -15.67
C GLY K 54 -41.38 -5.15 -14.98
N GLN K 55 -40.52 -4.50 -14.20
CA GLN K 55 -39.36 -5.16 -13.59
C GLN K 55 -39.61 -5.65 -12.16
N PHE K 56 -40.70 -5.17 -11.55
CA PHE K 56 -40.89 -5.29 -10.11
C PHE K 56 -42.33 -5.69 -9.71
N GLY K 57 -42.44 -6.43 -8.62
CA GLY K 57 -43.74 -6.63 -7.97
C GLY K 57 -44.17 -5.35 -7.29
N GLU K 58 -45.45 -5.02 -7.40
CA GLU K 58 -46.03 -3.81 -6.90
C GLU K 58 -45.65 -3.52 -5.41
N ALA K 59 -45.82 -4.53 -4.57
CA ALA K 59 -45.66 -4.28 -3.11
C ALA K 59 -44.18 -4.10 -2.72
N ASP K 60 -43.28 -4.46 -3.62
CA ASP K 60 -41.82 -4.46 -3.36
C ASP K 60 -41.19 -3.06 -3.54
N ILE K 61 -41.91 -2.13 -4.16
CA ILE K 61 -41.36 -0.81 -4.49
C ILE K 61 -41.54 0.10 -3.29
N LYS K 62 -40.44 0.42 -2.61
CA LYS K 62 -40.53 1.15 -1.34
C LYS K 62 -39.79 2.49 -1.46
N SER K 63 -40.54 3.57 -1.35
CA SER K 63 -40.01 4.91 -1.61
CA SER K 63 -39.99 4.88 -1.61
C SER K 63 -40.23 5.82 -0.45
N ARG K 64 -39.33 6.79 -0.33
CA ARG K 64 -39.44 7.83 0.70
C ARG K 64 -38.91 9.12 0.21
N PHE K 65 -39.46 10.22 0.75
CA PHE K 65 -39.09 11.59 0.38
C PHE K 65 -38.59 12.29 1.62
N VAL K 66 -37.42 12.94 1.53
CA VAL K 66 -36.79 13.66 2.62
CA VAL K 66 -36.94 13.73 2.66
C VAL K 66 -36.61 15.14 2.21
N THR K 67 -37.06 16.09 3.04
CA THR K 67 -36.79 17.51 2.80
C THR K 67 -35.48 17.81 3.51
N LEU K 68 -34.53 18.36 2.77
CA LEU K 68 -33.26 18.79 3.29
C LEU K 68 -33.40 20.21 3.81
N GLU K 69 -33.31 20.38 5.13
CA GLU K 69 -33.45 21.73 5.71
C GLU K 69 -32.14 22.49 5.82
N ALA K 70 -31.03 21.76 5.88
CA ALA K 70 -29.69 22.33 5.94
C ALA K 70 -28.87 21.87 4.75
N TYR K 71 -28.70 22.78 3.80
CA TYR K 71 -28.10 22.43 2.51
C TYR K 71 -27.28 23.62 2.04
N ARG K 72 -26.25 23.32 1.26
CA ARG K 72 -25.46 24.37 0.57
C ARG K 72 -25.05 23.81 -0.77
N GLN K 73 -25.07 24.67 -1.78
CA GLN K 73 -24.73 24.20 -3.13
C GLN K 73 -23.66 25.12 -3.62
N GLY K 74 -22.49 24.56 -3.85
CA GLY K 74 -21.37 25.36 -4.24
C GLY K 74 -20.92 26.38 -3.19
N THR K 75 -20.37 27.48 -3.68
CA THR K 75 -19.80 28.53 -2.83
C THR K 75 -20.42 29.90 -3.13
N ALA K 76 -21.17 30.04 -4.22
CA ALA K 76 -21.72 31.35 -4.61
C ALA K 76 -22.85 31.80 -3.67
N ALA K 77 -23.05 33.12 -3.51
CA ALA K 77 -24.19 33.62 -2.73
C ALA K 77 -25.26 33.80 -3.81
C ALA K 77 -25.65 33.36 -3.22
N VAL K 78 -25.89 32.74 -4.28
N VAL K 78 -25.78 33.03 -4.50
CA VAL K 78 -27.07 32.83 -5.15
C VAL K 78 -27.96 31.74 -4.57
N GLU K 79 -29.25 32.02 -4.46
CA GLU K 79 -30.21 31.03 -3.99
CA GLU K 79 -30.22 31.05 -3.96
C GLU K 79 -30.42 29.95 -5.04
N ARG K 80 -30.30 28.69 -4.60
CA ARG K 80 -30.39 27.54 -5.49
C ARG K 80 -31.14 26.42 -4.78
N ALA K 81 -31.81 25.62 -5.57
CA ALA K 81 -32.51 24.42 -5.08
C ALA K 81 -32.01 23.22 -5.87
N TYR K 82 -32.14 22.03 -5.29
CA TYR K 82 -31.79 20.81 -6.00
C TYR K 82 -32.66 19.65 -5.52
N LEU K 83 -32.72 18.61 -6.35
CA LEU K 83 -33.57 17.45 -6.19
C LEU K 83 -32.73 16.25 -6.64
N HIS K 84 -32.65 15.24 -5.80
CA HIS K 84 -31.83 14.06 -6.07
C HIS K 84 -32.55 12.80 -5.64
N ALA K 85 -32.42 11.74 -6.42
CA ALA K 85 -32.96 10.46 -6.06
C ALA K 85 -31.89 9.39 -6.16
N CYS K 86 -31.99 8.39 -5.30
CA CYS K 86 -31.09 7.27 -5.30
C CYS K 86 -31.97 6.02 -5.34
N LEU K 87 -31.94 5.31 -6.44
CA LEU K 87 -32.67 4.05 -6.64
C LEU K 87 -31.68 2.90 -6.34
N SER K 88 -32.01 2.05 -5.38
CA SER K 88 -31.19 0.91 -5.03
C SER K 88 -31.91 -0.38 -5.50
N ILE K 89 -31.24 -1.11 -6.40
CA ILE K 89 -31.73 -2.40 -6.86
C ILE K 89 -30.70 -3.51 -6.56
N LEU K 90 -31.10 -4.78 -6.68
CA LEU K 90 -30.16 -5.88 -6.50
C LEU K 90 -29.22 -5.96 -7.70
N ASP K 91 -27.98 -6.39 -7.43
CA ASP K 91 -27.00 -6.67 -8.44
C ASP K 91 -27.57 -7.76 -9.37
N GLY K 92 -27.05 -7.78 -10.57
CA GLY K 92 -27.42 -8.83 -11.52
C GLY K 92 -28.03 -8.29 -12.80
N ARG K 93 -28.45 -7.02 -12.82
CA ARG K 93 -29.02 -6.39 -14.04
C ARG K 93 -27.89 -5.80 -14.89
N ASP K 94 -28.18 -5.55 -16.16
CA ASP K 94 -27.17 -5.01 -17.07
C ASP K 94 -27.20 -3.47 -17.04
N ALA K 95 -26.19 -2.92 -17.68
CA ALA K 95 -25.99 -1.49 -17.72
C ALA K 95 -27.21 -0.76 -18.35
N ALA K 96 -27.73 -1.30 -19.45
CA ALA K 96 -28.86 -0.66 -20.15
C ALA K 96 -30.09 -0.58 -19.24
N THR K 97 -30.33 -1.64 -18.47
CA THR K 97 -31.44 -1.68 -17.51
C THR K 97 -31.31 -0.54 -16.48
N ARG K 98 -30.12 -0.40 -15.93
CA ARG K 98 -29.92 0.56 -14.87
C ARG K 98 -30.05 1.97 -15.46
N GLN K 99 -29.50 2.17 -16.64
CA GLN K 99 -29.57 3.51 -17.26
CA GLN K 99 -29.57 3.48 -17.34
C GLN K 99 -31.03 3.88 -17.55
N ALA K 100 -31.82 2.95 -18.05
CA ALA K 100 -33.23 3.25 -18.36
C ALA K 100 -34.07 3.54 -17.10
N LEU K 101 -33.82 2.84 -16.01
CA LEU K 101 -34.52 3.11 -14.74
C LEU K 101 -34.19 4.54 -14.28
N GLY K 102 -32.92 4.89 -14.32
CA GLY K 102 -32.45 6.23 -13.95
C GLY K 102 -33.09 7.33 -14.78
N GLU K 103 -33.17 7.14 -16.09
CA GLU K 103 -33.72 8.13 -16.99
CA GLU K 103 -33.70 8.19 -16.95
C GLU K 103 -35.22 8.34 -16.74
N SER K 104 -35.93 7.23 -16.55
CA SER K 104 -37.36 7.24 -16.25
CA SER K 104 -37.37 7.31 -16.29
C SER K 104 -37.66 8.08 -15.00
N LEU K 105 -36.89 7.81 -13.94
CA LEU K 105 -37.05 8.56 -12.74
C LEU K 105 -36.64 10.02 -12.91
N CYS K 106 -35.61 10.27 -13.70
CA CYS K 106 -35.19 11.65 -13.93
C CYS K 106 -36.31 12.48 -14.61
N GLU K 107 -36.99 11.85 -15.57
CA GLU K 107 -38.11 12.50 -16.24
CA GLU K 107 -38.16 12.42 -16.25
C GLU K 107 -39.24 12.81 -15.26
N VAL K 108 -39.55 11.87 -14.34
CA VAL K 108 -40.58 12.09 -13.33
C VAL K 108 -40.18 13.27 -12.42
N LEU K 109 -38.96 13.23 -11.88
N LEU K 109 -38.97 13.22 -11.88
CA LEU K 109 -38.47 14.28 -10.99
CA LEU K 109 -38.47 14.28 -11.01
C LEU K 109 -38.41 15.63 -11.69
C LEU K 109 -38.46 15.61 -11.71
N ALA K 110 -37.84 15.67 -12.89
CA ALA K 110 -37.74 16.93 -13.62
C ALA K 110 -39.11 17.53 -13.90
N GLY K 111 -40.09 16.70 -14.30
CA GLY K 111 -41.46 17.15 -14.52
C GLY K 111 -42.18 17.67 -13.31
N ALA K 112 -41.72 17.28 -12.13
CA ALA K 112 -42.31 17.70 -10.86
C ALA K 112 -41.83 19.07 -10.37
N VAL K 113 -40.75 19.61 -10.94
CA VAL K 113 -40.14 20.82 -10.41
C VAL K 113 -40.92 22.02 -10.89
N ALA K 114 -41.47 22.78 -9.96
CA ALA K 114 -42.12 24.06 -10.31
C ALA K 114 -41.09 25.19 -10.35
N GLY K 115 -40.08 25.12 -9.51
CA GLY K 115 -39.00 26.11 -9.45
C GLY K 115 -38.29 26.00 -8.11
N GLY K 116 -37.33 26.88 -7.91
CA GLY K 116 -36.58 26.94 -6.65
C GLY K 116 -35.34 27.75 -6.84
N GLY K 117 -35.02 28.59 -5.87
CA GLY K 117 -33.92 29.55 -6.03
C GLY K 117 -34.01 30.54 -7.19
N GLU K 118 -32.85 31.10 -7.57
CA GLU K 118 -32.79 32.17 -8.58
CA GLU K 118 -32.70 32.19 -8.53
C GLU K 118 -32.26 31.72 -9.92
N GLU K 119 -32.01 30.42 -10.06
CA GLU K 119 -31.57 29.90 -11.35
C GLU K 119 -32.16 28.53 -11.56
N GLY K 120 -31.68 27.81 -12.58
CA GLY K 120 -32.22 26.48 -12.83
C GLY K 120 -32.00 25.57 -11.64
N VAL K 121 -32.79 24.50 -11.62
CA VAL K 121 -32.74 23.50 -10.55
C VAL K 121 -32.04 22.26 -11.09
N GLN K 122 -30.98 21.81 -10.41
CA GLN K 122 -30.32 20.58 -10.80
C GLN K 122 -31.12 19.36 -10.25
N VAL K 123 -31.44 18.44 -11.15
CA VAL K 123 -32.11 17.21 -10.83
C VAL K 123 -31.14 16.09 -11.19
N SER K 124 -30.98 15.14 -10.30
CA SER K 124 -30.11 13.99 -10.55
C SER K 124 -30.73 12.71 -9.99
N VAL K 125 -30.36 11.59 -10.62
CA VAL K 125 -30.75 10.27 -10.16
C VAL K 125 -29.55 9.32 -10.27
N GLU K 126 -29.18 8.70 -9.13
CA GLU K 126 -28.22 7.60 -9.10
C GLU K 126 -29.01 6.30 -9.10
N VAL K 127 -28.52 5.31 -9.84
CA VAL K 127 -28.97 3.92 -9.75
C VAL K 127 -27.82 3.12 -9.18
N ARG K 128 -28.01 2.54 -8.00
CA ARG K 128 -26.97 1.76 -7.34
C ARG K 128 -27.40 0.33 -7.10
N GLU K 129 -26.41 -0.53 -6.87
CA GLU K 129 -26.64 -1.96 -6.73
C GLU K 129 -26.33 -2.45 -5.33
N MSE K 130 -27.18 -3.31 -4.83
CA MSE K 130 -27.07 -3.93 -3.52
C MSE K 130 -26.65 -5.39 -3.75
O MSE K 130 -27.08 -6.05 -4.70
CB MSE K 130 -28.42 -3.90 -2.81
CG MSE K 130 -28.99 -2.45 -2.70
SE MSE K 130 -30.56 -2.45 -1.51
CE MSE K 130 -31.84 -3.39 -2.66
N GLU K 131 -25.80 -5.88 -2.87
CA GLU K 131 -25.34 -7.28 -2.96
C GLU K 131 -26.44 -8.29 -2.69
N ARG K 132 -26.78 -9.05 -3.71
CA ARG K 132 -27.84 -10.03 -3.59
C ARG K 132 -27.54 -11.07 -2.51
N ALA K 133 -26.32 -11.55 -2.48
CA ALA K 133 -25.93 -12.65 -1.63
C ALA K 133 -26.10 -12.34 -0.15
N SER K 134 -26.04 -11.05 0.20
CA SER K 134 -26.09 -10.65 1.60
C SER K 134 -27.38 -9.89 1.96
N TYR K 135 -28.26 -9.69 0.98
CA TYR K 135 -29.47 -8.94 1.19
C TYR K 135 -30.51 -9.78 1.93
N ALA K 136 -30.93 -9.38 3.12
CA ALA K 136 -31.88 -10.17 3.94
C ALA K 136 -33.24 -9.55 3.82
N LYS K 137 -34.28 -10.40 3.75
CA LYS K 137 -35.63 -9.88 3.62
C LYS K 137 -36.61 -10.80 4.35
N ARG K 138 -37.68 -10.22 4.87
CA ARG K 138 -38.73 -10.93 5.55
CA ARG K 138 -38.72 -10.98 5.51
C ARG K 138 -40.03 -10.19 5.43
N VAL K 139 -41.13 -10.95 5.46
CA VAL K 139 -42.43 -10.32 5.70
C VAL K 139 -42.87 -10.78 7.07
N VAL K 140 -43.12 -9.81 7.96
CA VAL K 140 -43.69 -10.07 9.27
C VAL K 140 -45.20 -9.97 9.12
N ALA K 141 -45.86 -11.12 9.23
CA ALA K 141 -47.28 -11.24 8.92
C ALA K 141 -48.12 -10.44 9.87
N ARG K 142 -49.31 -10.07 9.40
CA ARG K 142 -50.25 -9.27 10.16
C ARG K 142 -50.73 -9.94 11.45
N ASN L 16 -24.23 22.79 -21.38
CA ASN L 16 -23.09 23.16 -20.49
C ASN L 16 -22.17 21.95 -20.34
N LEU L 17 -20.96 22.06 -20.89
CA LEU L 17 -20.02 20.93 -20.96
C LEU L 17 -19.31 20.69 -19.64
N TYR L 18 -19.52 21.61 -18.68
CA TYR L 18 -18.97 21.49 -17.36
C TYR L 18 -19.87 20.73 -16.39
N PHE L 19 -21.17 20.67 -16.71
CA PHE L 19 -22.22 20.17 -15.83
C PHE L 19 -22.07 18.66 -15.62
N GLN L 20 -21.81 18.27 -14.37
CA GLN L 20 -21.64 16.89 -13.90
CA GLN L 20 -21.80 16.85 -14.05
C GLN L 20 -22.79 16.46 -12.97
N GLY L 21 -23.41 17.45 -12.30
CA GLY L 21 -24.50 17.20 -11.36
C GLY L 21 -24.11 16.46 -10.09
N MSE L 22 -22.82 16.54 -9.74
CA MSE L 22 -22.23 15.94 -8.56
C MSE L 22 -20.89 16.68 -8.32
O MSE L 22 -20.38 17.30 -9.27
CB MSE L 22 -22.02 14.45 -8.81
CG MSE L 22 -21.03 14.14 -9.90
SE MSE L 22 -19.17 13.95 -9.14
CE MSE L 22 -18.10 14.63 -10.60
N PRO L 23 -20.29 16.59 -7.12
CA PRO L 23 -20.54 15.62 -6.07
C PRO L 23 -21.72 15.88 -5.14
N HIS L 24 -22.17 14.81 -4.49
CA HIS L 24 -23.14 14.88 -3.42
C HIS L 24 -22.43 14.59 -2.10
N LEU L 25 -22.68 15.42 -1.10
CA LEU L 25 -22.05 15.25 0.20
C LEU L 25 -23.12 15.29 1.31
N VAL L 26 -23.17 14.24 2.11
CA VAL L 26 -24.11 14.13 3.23
C VAL L 26 -23.26 14.09 4.53
N ILE L 27 -23.52 15.01 5.43
CA ILE L 27 -22.90 15.03 6.77
C ILE L 27 -23.96 14.70 7.79
N GLU L 28 -23.67 13.75 8.68
CA GLU L 28 -24.59 13.36 9.77
C GLU L 28 -23.88 13.64 11.07
N ALA L 29 -24.58 14.26 12.02
CA ALA L 29 -23.99 14.58 13.31
C ALA L 29 -25.00 14.20 14.39
N THR L 30 -24.52 13.53 15.43
CA THR L 30 -25.39 13.19 16.56
C THR L 30 -25.84 14.51 17.25
N ALA L 31 -27.05 14.53 17.80
CA ALA L 31 -27.67 15.79 18.27
C ALA L 31 -26.91 16.41 19.44
N ASN L 32 -26.10 15.59 20.11
CA ASN L 32 -25.27 16.07 21.24
C ASN L 32 -23.90 16.61 20.82
N LEU L 33 -23.59 16.58 19.53
CA LEU L 33 -22.32 17.05 19.05
C LEU L 33 -22.27 18.57 19.12
N ARG L 34 -21.14 19.09 19.62
CA ARG L 34 -20.91 20.55 19.63
C ARG L 34 -19.85 20.88 18.57
N LEU L 35 -20.17 21.87 17.75
CA LEU L 35 -19.32 22.32 16.65
C LEU L 35 -18.77 23.74 16.94
N GLU L 36 -17.67 24.07 16.29
CA GLU L 36 -17.03 25.39 16.41
C GLU L 36 -17.84 26.46 15.70
N THR L 37 -18.68 26.03 14.75
CA THR L 37 -19.51 26.92 13.95
C THR L 37 -20.92 26.30 13.79
N SER L 38 -21.80 26.98 13.07
CA SER L 38 -23.14 26.46 12.86
C SER L 38 -23.00 25.33 11.84
N PRO L 39 -23.97 24.41 11.80
CA PRO L 39 -23.97 23.41 10.72
C PRO L 39 -23.92 24.02 9.28
N GLY L 40 -24.61 25.16 9.07
CA GLY L 40 -24.61 25.81 7.76
C GLY L 40 -23.20 26.26 7.38
N GLU L 41 -22.45 26.84 8.34
CA GLU L 41 -21.09 27.27 8.08
CA GLU L 41 -21.09 27.29 8.07
C GLU L 41 -20.16 26.09 7.82
N LEU L 42 -20.39 24.99 8.53
CA LEU L 42 -19.60 23.79 8.28
C LEU L 42 -19.83 23.31 6.85
N LEU L 43 -21.08 23.33 6.38
CA LEU L 43 -21.36 22.95 4.95
C LEU L 43 -20.63 23.90 4.02
N GLU L 44 -20.63 25.17 4.34
CA GLU L 44 -19.93 26.12 3.48
C GLU L 44 -18.41 25.83 3.42
N GLN L 45 -17.83 25.46 4.56
CA GLN L 45 -16.41 25.09 4.62
C GLN L 45 -16.13 23.83 3.83
N ALA L 46 -17.00 22.83 3.99
CA ALA L 46 -16.87 21.58 3.26
C ALA L 46 -16.91 21.82 1.75
N ASN L 47 -17.89 22.62 1.32
CA ASN L 47 -18.01 22.98 -0.09
C ASN L 47 -16.79 23.74 -0.61
N ALA L 48 -16.30 24.67 0.20
CA ALA L 48 -15.11 25.45 -0.14
C ALA L 48 -13.88 24.55 -0.29
N ALA L 49 -13.75 23.58 0.60
CA ALA L 49 -12.66 22.63 0.52
C ALA L 49 -12.75 21.76 -0.74
N LEU L 50 -13.96 21.28 -1.06
CA LEU L 50 -14.17 20.49 -2.26
C LEU L 50 -13.84 21.36 -3.49
N PHE L 51 -14.35 22.59 -3.49
CA PHE L 51 -14.11 23.49 -4.64
C PHE L 51 -12.62 23.81 -4.83
N ALA L 52 -11.92 23.99 -3.72
CA ALA L 52 -10.46 24.23 -3.67
C ALA L 52 -9.62 23.14 -4.36
N SER L 53 -10.16 21.92 -4.46
CA SER L 53 -9.53 20.85 -5.14
C SER L 53 -9.31 21.05 -6.65
N GLY L 54 -10.06 21.99 -7.25
CA GLY L 54 -10.09 22.18 -8.69
C GLY L 54 -10.70 21.05 -9.48
N GLN L 55 -11.47 20.14 -8.82
CA GLN L 55 -12.01 19.00 -9.55
C GLN L 55 -13.44 19.20 -10.05
N PHE L 56 -14.12 20.23 -9.53
CA PHE L 56 -15.54 20.39 -9.75
C PHE L 56 -15.97 21.82 -10.10
N GLY L 57 -17.03 21.97 -10.88
CA GLY L 57 -17.69 23.28 -11.02
C GLY L 57 -18.42 23.56 -9.72
N GLU L 58 -18.42 24.79 -9.23
CA GLU L 58 -18.95 24.99 -7.87
C GLU L 58 -20.44 24.70 -7.75
N ALA L 59 -21.23 25.01 -8.79
CA ALA L 59 -22.69 24.80 -8.71
C ALA L 59 -23.04 23.28 -8.61
N ASP L 60 -22.09 22.41 -8.96
CA ASP L 60 -22.26 20.96 -8.97
C ASP L 60 -22.10 20.34 -7.55
N ILE L 61 -21.56 21.12 -6.60
CA ILE L 61 -21.21 20.59 -5.28
C ILE L 61 -22.43 20.74 -4.40
N LYS L 62 -23.10 19.63 -4.09
CA LYS L 62 -24.40 19.68 -3.45
C LYS L 62 -24.32 18.96 -2.10
N SER L 63 -24.40 19.73 -1.02
CA SER L 63 -24.18 19.20 0.31
CA SER L 63 -24.17 19.21 0.30
C SER L 63 -25.38 19.39 1.22
N ARG L 64 -25.50 18.49 2.18
CA ARG L 64 -26.58 18.57 3.18
C ARG L 64 -26.10 18.02 4.50
N PHE L 65 -26.73 18.52 5.58
CA PHE L 65 -26.37 18.19 6.96
C PHE L 65 -27.63 17.70 7.67
N VAL L 66 -27.49 16.56 8.35
CA VAL L 66 -28.57 15.88 9.05
C VAL L 66 -28.15 15.72 10.50
N THR L 67 -29.00 16.19 11.40
CA THR L 67 -28.84 15.95 12.81
C THR L 67 -29.59 14.68 13.20
N LEU L 68 -28.89 13.79 13.84
CA LEU L 68 -29.42 12.52 14.27
C LEU L 68 -29.96 12.64 15.68
N GLU L 69 -31.26 12.46 15.83
CA GLU L 69 -31.84 12.51 17.17
C GLU L 69 -31.92 11.16 17.88
N ALA L 70 -31.90 10.08 17.10
CA ALA L 70 -31.97 8.71 17.60
C ALA L 70 -30.73 7.93 17.14
N TYR L 71 -29.82 7.74 18.09
CA TYR L 71 -28.52 7.20 17.77
C TYR L 71 -27.98 6.39 18.93
N ARG L 72 -27.14 5.42 18.62
CA ARG L 72 -26.45 4.65 19.61
C ARG L 72 -25.06 4.30 19.09
N GLN L 73 -24.10 4.27 20.00
CA GLN L 73 -22.73 3.93 19.63
C GLN L 73 -22.22 2.87 20.59
N GLY L 74 -21.89 1.71 20.03
CA GLY L 74 -21.51 0.54 20.78
C GLY L 74 -22.62 0.05 21.69
N THR L 75 -22.19 -0.53 22.81
CA THR L 75 -23.09 -1.09 23.80
C THR L 75 -22.87 -0.51 25.21
N ALA L 76 -21.78 0.22 25.42
CA ALA L 76 -21.48 0.83 26.72
C ALA L 76 -22.43 1.95 27.14
N ALA L 77 -22.59 2.14 28.46
CA ALA L 77 -23.50 3.20 28.95
C ALA L 77 -22.61 4.39 29.23
C ALA L 77 -23.12 4.71 28.75
N VAL L 78 -22.09 5.04 28.22
N VAL L 78 -21.86 4.92 28.50
CA VAL L 78 -21.28 6.24 28.37
C VAL L 78 -21.84 7.09 27.23
N GLU L 79 -21.96 8.38 27.46
CA GLU L 79 -22.48 9.29 26.41
CA GLU L 79 -22.47 9.30 26.44
C GLU L 79 -21.38 9.54 25.39
N ARG L 80 -21.73 9.39 24.13
CA ARG L 80 -20.79 9.60 23.05
C ARG L 80 -21.45 10.38 21.93
N ALA L 81 -20.64 11.11 21.18
CA ALA L 81 -21.10 11.81 19.98
C ALA L 81 -20.24 11.33 18.79
N TYR L 82 -20.81 11.46 17.61
CA TYR L 82 -20.04 11.18 16.39
C TYR L 82 -20.50 12.00 15.20
N LEU L 83 -19.61 12.07 14.19
CA LEU L 83 -19.77 12.89 13.03
C LEU L 83 -19.31 12.07 11.83
N HIS L 84 -20.14 11.95 10.80
CA HIS L 84 -19.79 11.12 9.64
C HIS L 84 -20.16 11.86 8.37
N ALA L 85 -19.37 11.69 7.31
CA ALA L 85 -19.76 12.22 6.01
C ALA L 85 -19.57 11.17 4.93
N CYS L 86 -20.45 11.23 3.93
CA CYS L 86 -20.37 10.38 2.77
C CYS L 86 -20.34 11.26 1.55
N LEU L 87 -19.20 11.26 0.87
CA LEU L 87 -18.99 11.96 -0.39
C LEU L 87 -19.24 10.99 -1.54
N SER L 88 -20.18 11.31 -2.42
CA SER L 88 -20.48 10.47 -3.58
C SER L 88 -19.99 11.19 -4.85
N ILE L 89 -19.06 10.55 -5.56
CA ILE L 89 -18.62 11.02 -6.81
C ILE L 89 -18.86 9.98 -7.91
N LEU L 90 -18.69 10.39 -9.16
CA LEU L 90 -18.84 9.44 -10.28
C LEU L 90 -17.63 8.55 -10.38
N ASP L 91 -17.84 7.31 -10.82
CA ASP L 91 -16.74 6.39 -11.08
C ASP L 91 -15.81 6.98 -12.14
N GLY L 92 -14.57 6.53 -12.14
CA GLY L 92 -13.58 6.95 -13.15
C GLY L 92 -12.36 7.60 -12.56
N ARG L 93 -12.40 8.06 -11.31
CA ARG L 93 -11.20 8.67 -10.68
C ARG L 93 -10.32 7.56 -10.12
N ASP L 94 -9.05 7.86 -9.86
CA ASP L 94 -8.13 6.86 -9.29
C ASP L 94 -8.20 6.86 -7.75
N ALA L 95 -7.59 5.83 -7.18
CA ALA L 95 -7.58 5.61 -5.74
C ALA L 95 -7.02 6.82 -5.00
N ALA L 96 -5.92 7.38 -5.53
CA ALA L 96 -5.25 8.53 -4.88
C ALA L 96 -6.22 9.71 -4.80
N THR L 97 -6.95 9.95 -5.89
CA THR L 97 -7.94 11.04 -5.94
C THR L 97 -9.01 10.87 -4.85
N ARG L 98 -9.56 9.67 -4.76
CA ARG L 98 -10.61 9.39 -3.78
C ARG L 98 -10.06 9.57 -2.37
N GLN L 99 -8.86 9.02 -2.11
CA GLN L 99 -8.30 9.14 -0.77
CA GLN L 99 -8.25 9.14 -0.78
C GLN L 99 -8.05 10.59 -0.40
N ALA L 100 -7.55 11.40 -1.32
CA ALA L 100 -7.29 12.81 -1.02
C ALA L 100 -8.56 13.63 -0.73
N LEU L 101 -9.62 13.34 -1.48
CA LEU L 101 -10.92 14.00 -1.22
C LEU L 101 -11.38 13.69 0.21
N GLY L 102 -11.25 12.43 0.60
CA GLY L 102 -11.72 11.93 1.89
C GLY L 102 -10.96 12.59 3.02
N GLU L 103 -9.64 12.66 2.84
CA GLU L 103 -8.78 13.23 3.87
CA GLU L 103 -8.76 13.26 3.84
C GLU L 103 -9.04 14.74 4.00
N SER L 104 -9.25 15.43 2.89
CA SER L 104 -9.56 16.86 2.89
CA SER L 104 -9.53 16.87 2.94
C SER L 104 -10.80 17.12 3.74
N LEU L 105 -11.85 16.37 3.45
CA LEU L 105 -13.08 16.52 4.19
C LEU L 105 -12.93 16.12 5.65
N CYS L 106 -12.17 15.07 5.92
CA CYS L 106 -11.98 14.64 7.29
C CYS L 106 -11.31 15.76 8.14
N GLU L 107 -10.39 16.50 7.51
CA GLU L 107 -9.70 17.60 8.19
CA GLU L 107 -9.69 17.62 8.16
C GLU L 107 -10.67 18.73 8.52
N VAL L 108 -11.55 19.08 7.58
CA VAL L 108 -12.62 20.07 7.83
C VAL L 108 -13.51 19.64 8.97
N LEU L 109 -13.99 18.41 8.90
CA LEU L 109 -14.96 17.95 9.88
CA LEU L 109 -14.96 17.94 9.88
C LEU L 109 -14.33 17.83 11.24
N ALA L 110 -13.17 17.20 11.30
CA ALA L 110 -12.45 17.08 12.59
C ALA L 110 -12.16 18.44 13.21
N GLY L 111 -11.74 19.41 12.37
CA GLY L 111 -11.47 20.77 12.81
C GLY L 111 -12.66 21.49 13.38
N ALA L 112 -13.84 21.11 12.97
CA ALA L 112 -15.07 21.74 13.40
C ALA L 112 -15.58 21.22 14.73
N VAL L 113 -15.09 20.08 15.21
CA VAL L 113 -15.59 19.47 16.45
C VAL L 113 -15.12 20.24 17.66
N ALA L 114 -16.09 20.70 18.46
CA ALA L 114 -15.81 21.35 19.77
C ALA L 114 -15.89 20.34 20.91
N GLY L 115 -16.76 19.34 20.80
CA GLY L 115 -16.85 18.30 21.82
C GLY L 115 -18.21 17.64 21.72
N GLY L 116 -18.52 16.80 22.68
CA GLY L 116 -19.79 16.08 22.67
C GLY L 116 -19.59 14.77 23.38
N GLY L 117 -20.54 14.40 24.22
CA GLY L 117 -20.41 13.21 25.05
C GLY L 117 -19.34 13.31 26.11
N GLU L 118 -18.99 12.13 26.66
CA GLU L 118 -18.10 11.95 27.81
CA GLU L 118 -18.04 12.14 27.77
C GLU L 118 -16.71 11.52 27.40
N GLU L 119 -16.51 11.27 26.10
CA GLU L 119 -15.18 10.88 25.67
CA GLU L 119 -15.32 10.65 25.56
C GLU L 119 -14.88 11.46 24.31
N GLY L 120 -13.87 10.95 23.61
CA GLY L 120 -13.49 11.55 22.35
C GLY L 120 -14.63 11.37 21.32
N VAL L 121 -14.58 12.16 20.27
CA VAL L 121 -15.57 12.12 19.18
C VAL L 121 -14.97 11.47 17.94
N GLN L 122 -15.61 10.40 17.48
CA GLN L 122 -15.22 9.75 16.22
C GLN L 122 -15.73 10.52 15.01
N VAL L 123 -14.81 10.84 14.12
CA VAL L 123 -15.11 11.53 12.86
C VAL L 123 -14.71 10.56 11.75
N SER L 124 -15.58 10.38 10.76
CA SER L 124 -15.25 9.53 9.61
C SER L 124 -15.75 10.12 8.31
N VAL L 125 -15.10 9.78 7.20
CA VAL L 125 -15.53 10.18 5.86
C VAL L 125 -15.40 8.99 4.91
N GLU L 126 -16.53 8.59 4.31
CA GLU L 126 -16.53 7.60 3.22
C GLU L 126 -16.47 8.40 1.92
N VAL L 127 -15.71 7.88 0.95
CA VAL L 127 -15.84 8.33 -0.41
C VAL L 127 -16.33 7.18 -1.26
N ARG L 128 -17.49 7.34 -1.90
CA ARG L 128 -18.10 6.27 -2.67
C ARG L 128 -18.34 6.70 -4.11
N GLU L 129 -18.46 5.71 -4.98
CA GLU L 129 -18.60 5.93 -6.42
C GLU L 129 -20.00 5.60 -6.91
N MSE L 130 -20.52 6.47 -7.75
CA MSE L 130 -21.77 6.29 -8.46
C MSE L 130 -21.48 5.90 -9.89
O MSE L 130 -20.50 6.37 -10.48
CB MSE L 130 -22.56 7.60 -8.47
CG MSE L 130 -22.74 8.17 -7.05
SE MSE L 130 -23.94 9.70 -7.00
CE MSE L 130 -22.83 10.96 -7.96
N GLU L 131 -22.33 5.06 -10.46
CA GLU L 131 -22.12 4.57 -11.81
C GLU L 131 -22.42 5.68 -12.82
N ARG L 132 -21.40 6.05 -13.59
CA ARG L 132 -21.54 7.13 -14.54
C ARG L 132 -22.56 6.77 -15.62
N ALA L 133 -22.50 5.53 -16.09
CA ALA L 133 -23.34 5.10 -17.21
C ALA L 133 -24.87 5.19 -16.96
N SER L 134 -25.27 5.07 -15.70
CA SER L 134 -26.67 5.14 -15.36
C SER L 134 -27.06 6.44 -14.61
N TYR L 135 -26.11 7.33 -14.35
CA TYR L 135 -26.41 8.57 -13.62
C TYR L 135 -27.17 9.54 -14.53
N ALA L 136 -28.34 9.98 -14.13
CA ALA L 136 -29.17 10.83 -14.98
C ALA L 136 -29.09 12.23 -14.34
N LYS L 137 -29.08 13.26 -15.17
CA LYS L 137 -29.00 14.62 -14.63
C LYS L 137 -29.70 15.56 -15.60
N ARG L 138 -30.27 16.62 -15.04
CA ARG L 138 -30.95 17.63 -15.84
C ARG L 138 -30.93 18.93 -15.09
N VAL L 139 -30.94 20.04 -15.82
CA VAL L 139 -31.20 21.32 -15.19
C VAL L 139 -32.60 21.76 -15.70
N VAL L 140 -33.49 22.00 -14.75
CA VAL L 140 -34.82 22.45 -15.07
C VAL L 140 -34.73 23.97 -14.95
N ALA L 141 -34.78 24.61 -16.13
CA ALA L 141 -34.41 26.02 -16.28
C ALA L 141 -35.33 26.94 -15.53
N ARG L 142 -34.86 28.15 -15.27
CA ARG L 142 -35.65 29.21 -14.68
C ARG L 142 -36.62 29.75 -15.73
C1 EDO M . -2.15 31.85 -41.06
O1 EDO M . -1.52 30.85 -41.87
C2 EDO M . -1.17 33.00 -40.73
O2 EDO M . -1.86 34.27 -40.72
C FMT N . 17.06 38.80 -40.07
O1 FMT N . 17.68 39.14 -38.98
O2 FMT N . 15.90 39.24 -40.45
C FMT O . -4.02 13.27 -6.26
O1 FMT O . -3.52 13.62 -7.35
O2 FMT O . -4.37 14.08 -5.38
C FMT P . 2.83 27.87 -24.54
O1 FMT P . 1.70 27.87 -24.10
O2 FMT P . 3.52 28.90 -24.43
C ACT Q . 1.16 44.93 -27.71
O ACT Q . 1.50 46.06 -28.17
OXT ACT Q . -0.08 44.83 -27.51
CH3 ACT Q . 2.16 43.83 -27.39
NA NA R . 1.68 32.24 -22.73
C1 GOL S . 5.25 26.05 -17.90
O1 GOL S . 6.60 26.16 -18.31
C2 GOL S . 4.27 26.18 -19.06
O2 GOL S . 3.52 27.34 -18.81
C3 GOL S . 4.90 26.31 -20.44
O3 GOL S . 6.14 25.67 -20.36
C1 EDO T . 13.87 41.09 -25.64
O1 EDO T . 14.93 40.14 -25.61
C2 EDO T . 13.59 41.65 -24.24
O2 EDO T . 13.12 40.58 -23.39
C FMT U . -7.32 13.63 -29.67
O1 FMT U . -7.16 14.76 -30.18
O2 FMT U . -6.82 13.29 -28.58
NA NA V . 10.80 33.60 -17.86
C FMT W . 5.23 28.57 -25.32
O1 FMT W . 4.99 27.44 -24.87
O2 FMT W . 5.51 29.52 -24.58
C1 GOL X . 4.00 20.27 -17.94
C1 GOL X . 4.45 20.57 -17.59
O1 GOL X . 4.56 18.97 -18.18
O1 GOL X . 5.52 19.65 -17.66
C2 GOL X . 3.68 21.03 -19.23
C2 GOL X . 3.76 20.72 -18.94
O2 GOL X . 2.30 21.36 -19.29
O2 GOL X . 4.58 20.67 -20.07
C3 GOL X . 3.92 20.10 -20.43
C3 GOL X . 2.81 19.52 -18.96
O3 GOL X . 2.76 19.31 -20.65
O3 GOL X . 1.89 19.74 -17.89
C1 EDO Y . 3.03 28.08 -14.65
O1 EDO Y . 3.30 27.66 -13.32
C2 EDO Y . 1.76 28.90 -14.60
O2 EDO Y . 1.97 30.12 -15.31
C1 EDO Z . 23.32 -5.51 -4.93
O1 EDO Z . 23.87 -4.36 -5.53
C2 EDO Z . 21.84 -5.34 -4.79
O2 EDO Z . 21.41 -5.92 -3.55
C1 GOL AA . 16.08 -10.54 -8.92
C1 GOL AA . 15.93 -10.89 -8.51
O1 GOL AA . 15.09 -10.69 -9.92
O1 GOL AA . 14.94 -11.86 -8.30
C2 GOL AA . 17.33 -10.46 -9.72
C2 GOL AA . 16.14 -10.79 -10.01
O2 GOL AA . 17.40 -11.69 -10.42
O2 GOL AA . 16.71 -11.96 -10.55
C3 GOL AA . 17.11 -9.29 -10.67
C3 GOL AA . 17.07 -9.64 -10.26
O3 GOL AA . 16.39 -9.66 -11.84
O3 GOL AA . 16.39 -8.40 -10.15
C1 GOL BA . 42.58 -15.52 -15.38
O1 GOL BA . 41.88 -15.84 -14.23
C2 GOL BA . 43.99 -15.24 -14.89
O2 GOL BA . 44.72 -14.64 -15.94
C3 GOL BA . 44.66 -16.51 -14.44
O3 GOL BA . 45.26 -17.22 -15.51
C1 EDO CA . 25.59 -10.73 -13.61
O1 EDO CA . 26.62 -11.25 -12.77
C2 EDO CA . 24.80 -9.76 -12.76
O2 EDO CA . 24.65 -8.55 -13.46
C ACT DA . 22.07 -10.42 -8.06
O ACT DA . 21.73 -9.22 -8.00
OXT ACT DA . 22.55 -10.79 -9.14
CH3 ACT DA . 21.94 -11.34 -6.87
C1 EDO EA . 22.93 -15.21 -5.57
O1 EDO EA . 22.62 -16.30 -6.41
C2 EDO EA . 22.77 -15.55 -4.11
O2 EDO EA . 23.65 -14.70 -3.37
C FMT FA . 39.01 -23.15 -1.91
O1 FMT FA . 38.24 -22.19 -1.89
O2 FMT FA . 39.17 -23.79 -2.96
C FMT GA . 29.60 -14.30 -29.68
O1 FMT GA . 30.13 -13.15 -29.67
O2 FMT GA . 29.76 -15.13 -30.60
NA NA HA . 27.23 -16.27 -6.95
C1 EDO IA . -9.97 -23.81 21.84
O1 EDO IA . -11.25 -24.18 21.37
C2 EDO IA . -10.13 -22.83 22.99
O2 EDO IA . -9.06 -23.04 23.91
NA NA JA . -7.17 -26.73 29.22
C1 GOL KA . -6.69 -26.26 19.60
O1 GOL KA . -6.50 -27.66 19.78
C2 GOL KA . -5.41 -25.68 19.00
O2 GOL KA . -4.45 -26.70 18.94
C3 GOL KA . -4.82 -24.64 19.91
O3 GOL KA . -5.81 -24.20 20.80
C1 GOL LA . -4.21 -23.29 13.44
C1 GOL LA . -4.37 -23.27 13.03
O1 GOL LA . -3.88 -24.65 13.68
O1 GOL LA . -3.17 -23.68 13.67
C2 GOL LA . -5.49 -23.01 14.18
C2 GOL LA . -5.56 -23.34 13.99
O2 GOL LA . -5.26 -22.13 15.21
O2 GOL LA . -5.39 -24.34 14.93
C3 GOL LA . -5.96 -24.25 14.85
C3 GOL LA . -5.58 -22.07 14.81
O3 GOL LA . -7.13 -24.67 14.24
O3 GOL LA . -6.79 -21.38 14.69
C1 EDO MA . 0.61 -24.37 21.65
O1 EDO MA . 0.27 -25.46 22.47
C2 EDO MA . -0.68 -23.62 21.39
O2 EDO MA . -0.43 -22.28 21.50
C1 EDO NA . 12.50 -35.09 31.77
O1 EDO NA . 12.38 -35.11 30.34
C2 EDO NA . 11.37 -34.36 32.47
O2 EDO NA . 10.06 -34.57 31.92
C FMT OA . 12.86 -14.09 42.52
O1 FMT OA . 11.81 -14.30 43.14
O2 FMT OA . 13.48 -14.98 41.90
C FMT PA . 17.20 -32.11 33.77
O1 FMT PA . 16.18 -32.32 33.07
O2 FMT PA . 18.21 -32.84 33.73
C FMT QA . 3.52 -22.60 38.60
O1 FMT QA . 3.34 -23.50 37.74
O2 FMT QA . 3.65 -22.87 39.82
C1 EDO RA . 1.48 -35.32 33.88
O1 EDO RA . 1.51 -36.32 32.88
C2 EDO RA . 0.06 -35.20 34.43
O2 EDO RA . -0.81 -34.62 33.43
C1 EDO SA . 15.25 -38.63 30.72
O1 EDO SA . 14.58 -39.17 31.88
C2 EDO SA . 16.63 -38.03 31.06
O2 EDO SA . 16.43 -36.78 31.74
C1 EDO TA . -5.31 -31.25 18.78
O1 EDO TA . -4.30 -31.84 18.01
C2 EDO TA . -6.41 -32.25 19.06
O2 EDO TA . -6.82 -32.12 20.41
C FMT UA . -5.70 -32.24 27.47
O1 FMT UA . -6.49 -32.03 26.54
O2 FMT UA . -5.42 -31.38 28.33
C FMT VA . -11.36 -43.04 31.98
O1 FMT VA . -12.13 -42.12 31.78
O2 FMT VA . -11.73 -44.23 31.99
C1 GOL WA . -22.02 0.54 -2.39
C1 GOL WA . -22.81 1.20 -2.22
O1 GOL WA . -22.97 0.02 -1.52
O1 GOL WA . -21.97 0.46 -1.33
C2 GOL WA . -22.54 1.84 -2.94
C2 GOL WA . -22.02 1.60 -3.42
O2 GOL WA . -23.47 1.57 -3.98
O2 GOL WA . -21.38 0.50 -4.01
C3 GOL WA . -21.31 2.51 -3.57
C3 GOL WA . -21.03 2.65 -2.99
O3 GOL WA . -21.18 2.05 -4.92
O3 GOL WA . -20.57 3.31 -4.16
C1 EDO XA . -29.98 1.53 1.07
O1 EDO XA . -29.89 0.29 1.72
C2 EDO XA . -31.32 1.58 0.36
O2 EDO XA . -31.92 2.81 0.71
N1 IMD YA . -26.26 3.94 0.81
C2 IMD YA . -26.35 4.55 -0.39
N3 IMD YA . -25.31 5.42 -0.50
C4 IMD YA . -24.58 5.35 0.64
C5 IMD YA . -25.18 4.42 1.49
C1 EDO ZA . -30.50 26.75 3.80
O1 EDO ZA . -29.96 25.51 4.35
C2 EDO ZA . -31.13 27.53 4.98
O2 EDO ZA . -30.48 28.81 5.24
C1 EDO AB . -27.41 10.31 -3.05
O1 EDO AB . -27.26 9.03 -3.80
C2 EDO AB . -27.30 10.15 -1.52
O2 EDO AB . -26.20 10.94 -0.97
C1 EDO BB . -25.69 9.04 -4.09
O1 EDO BB . -27.10 8.90 -4.51
C2 EDO BB . -25.36 9.49 -2.66
O2 EDO BB . -25.76 10.88 -2.43
C1 EDO CB . -22.33 22.91 -13.69
O1 EDO CB . -23.03 24.10 -13.36
C2 EDO CB . -20.99 22.94 -12.94
O2 EDO CB . -20.25 24.08 -13.33
C FMT DB . -19.71 25.19 -21.74
O1 FMT DB . -20.16 26.35 -21.82
O2 FMT DB . -20.12 24.25 -22.44
C FMT EB . -6.02 10.38 -13.57
O1 FMT EB . -6.54 9.52 -12.85
O2 FMT EB . -6.64 11.41 -13.96
N1 IMD FB . -25.08 18.67 15.83
N1 IMD FB . -26.22 18.69 14.78
C2 IMD FB . -24.32 19.67 15.31
C2 IMD FB . -25.75 19.86 15.23
N3 IMD FB . -24.23 20.69 16.20
N3 IMD FB . -25.34 19.72 16.50
C4 IMD FB . -24.93 20.31 17.30
C4 IMD FB . -25.55 18.43 16.87
C5 IMD FB . -25.47 19.04 17.07
C5 IMD FB . -26.10 17.79 15.77
C FMT GB . -8.05 11.04 -11.77
O1 FMT GB . -8.18 10.21 -10.86
O2 FMT GB . -7.24 12.01 -11.72
#